data_9DFS
#
_entry.id   9DFS
#
_cell.length_a   1.00
_cell.length_b   1.00
_cell.length_c   1.00
_cell.angle_alpha   90.00
_cell.angle_beta   90.00
_cell.angle_gamma   90.00
#
_symmetry.space_group_name_H-M   'P 1'
#
loop_
_entity.id
_entity.type
_entity.pdbx_description
1 polymer 'Actin, alpha skeletal muscle'
2 polymer 'Unconventional myosin-VIIa'
3 non-polymer "ADENOSINE-5'-DIPHOSPHATE"
4 non-polymer 'MAGNESIUM ION'
#
loop_
_entity_poly.entity_id
_entity_poly.type
_entity_poly.pdbx_seq_one_letter_code
_entity_poly.pdbx_strand_id
1 'polypeptide(L)'
;MCDEDETTALVCDNGSGLVKAGFAGDDAPRAVFPSIVGRPRHQGVMVGMGQKDSYVGDEAQSKRGILTLKYPIE(HIC)G
IITNWDDMEKIWHHTFYNELRVAPEEHPTLLTEAPLNPKANREKMTQIMFETFNVPAMYVAIQAVLSLYASGRTTGIVLD
SGDGVTHNVPIYEGYALPHAIMRLDLAGRDLTDYLMKILTERGYSFVTTAEREIVRDIKEKLCYVALDFENEMATAASSS
SLEKSYELPDGQVITIGNERFRCPETLFQPSFIGMESAGIHETTYNSIMKCDIDIRKDLYANNVMSGGTTMYPGIADRMQ
KEITALAPSTMKIKIIAPPERKYSVWIGGSILASLSTFQQMWITKQEYDEAGPSIVHRKCF
;
A,B,C
2 'polypeptide(L)'
;GNKAGMESPGSPADPGEAPAPPPGKWALVRNLNQTLKTFAVLPGDYVWMDLKSGQEFDVPIGAVVKLCDSGQIQVVDDED
NEHWISPQNATHIKPMHPTSVHGVEDMIRLGDLNEAGILRNLLIRYRDHLIYTYTGSILVAVNPYQLLSIYSPEHIRQYT
NKKIGEMPPHIFAIADNCYFNMKRNNRDQCCIISGESGAGKTESTKLILQFLAAISGQHSWIEQQVLEATPILEAFGNAK
TIRNDNSSRFGKYIDIHFNKRGAIEGAKIEQYLLEKSRVCRQAPDERNYHVFYCMLEGMNEEEKKKLGLGQAADYNYLAM
GNCITCEGRVDSQEYANIRSAMKVLMFTDTENWEISKLLAAILHMGNLQYEARTFENLDACEVLFSPSLATAASLLEVNP
PDLMSCLTSRTLITRGETVSTPLSREQALDVRDAFVKGIYGRLFVWIVEKINAAIYKPPPLEVKNSRRSIGLLDIFGFEN
FTVNSFEQLCINFANEHLQQFFVRHVFKLEQEEYDLESIDWLHIEFTDNQEALDMIANRPMNVISLIDEESKFPKGTDAT
MLHKLNSQHKLNANYVPPKNSHETQFGINHFAGVVYYESQGFLEKNRDTLHGDIIQLVHSSRNKFIKQIFQADVAMGAET
RKRSPTLSSQFKRSLELLMRTLGACQPFFVRCIKPNEFKKPMLFDRHLCVRQLRYSGMMETIRIRHAGYPIRYSFVEFVE
RYRVLLPGVKPAYKQGDLRGTCQRMAEAVLGTHDDWQIGKTKIFLKDHHDMLLEVERDKAITDRVILLQKVIRGFKDRSN
FLRLKSAATLIQRHWRGHHCRKNYEGSMVSKGEELFTGVVPILVELDGDVNGHKFSVSGEGEGDATYGKLTLKFICTTGK
LPVPWPTLVTTLTYGVQCFSRYPDHMKQHDFFKSAMPEGYVQERTIFFKDDGNYKTRAEVKFEGDTLVNRIELKGIDFKE
DGNILGHKLEYNYNSHNVYIMADKQKNGIKVNFKIRHNIEDGSVQLADHYQQNTPIGDGPVLLPDNHYLSTQSALSKDPN
EKRDHMVLLEFVTAAGITLGMDELYKAAADYKDDDDK
;
D
#
loop_
_chem_comp.id
_chem_comp.type
_chem_comp.name
_chem_comp.formula
ADP non-polymer ADENOSINE-5'-DIPHOSPHATE 'C10 H15 N5 O10 P2'
MG non-polymer 'MAGNESIUM ION' 'Mg 2'
#
# COMPACT_ATOMS: atom_id res chain seq x y z
N THR A 8 -24.58 -0.42 26.87
CA THR A 8 -24.90 0.14 28.18
C THR A 8 -23.89 1.24 28.51
N ALA A 9 -22.85 0.88 29.24
CA ALA A 9 -21.75 1.78 29.54
C ALA A 9 -20.43 1.19 29.03
N LEU A 10 -19.44 2.05 28.88
CA LEU A 10 -18.14 1.65 28.38
C LEU A 10 -17.14 1.56 29.53
N VAL A 11 -16.41 0.46 29.58
CA VAL A 11 -15.35 0.25 30.56
C VAL A 11 -14.04 0.14 29.79
N CYS A 12 -13.15 1.10 30.01
CA CYS A 12 -11.88 1.16 29.29
C CYS A 12 -10.75 1.12 30.32
N ASP A 13 -10.33 -0.10 30.67
CA ASP A 13 -9.13 -0.28 31.46
C ASP A 13 -7.93 0.03 30.57
N ASN A 14 -7.32 1.19 30.77
CA ASN A 14 -6.33 1.73 29.86
C ASN A 14 -4.98 1.69 30.57
N GLY A 15 -4.29 0.55 30.45
CA GLY A 15 -3.00 0.36 31.06
C GLY A 15 -1.87 0.88 30.20
N SER A 16 -0.65 0.69 30.70
CA SER A 16 0.53 1.18 29.99
C SER A 16 0.86 0.32 28.77
N GLY A 17 0.58 -0.97 28.82
CA GLY A 17 0.95 -1.85 27.73
C GLY A 17 -0.19 -2.32 26.85
N LEU A 18 -1.35 -2.59 27.45
CA LEU A 18 -2.49 -3.11 26.72
C LEU A 18 -3.72 -2.25 27.01
N VAL A 19 -4.67 -2.30 26.08
CA VAL A 19 -5.95 -1.62 26.22
C VAL A 19 -7.03 -2.70 26.36
N LYS A 20 -7.76 -2.66 27.47
CA LYS A 20 -8.85 -3.60 27.73
C LYS A 20 -10.15 -2.79 27.73
N ALA A 21 -10.96 -2.98 26.69
CA ALA A 21 -12.18 -2.21 26.51
C ALA A 21 -13.35 -3.16 26.26
N GLY A 22 -14.55 -2.69 26.58
CA GLY A 22 -15.73 -3.49 26.42
C GLY A 22 -16.96 -2.77 26.94
N PHE A 23 -18.00 -3.54 27.23
CA PHE A 23 -19.27 -3.02 27.69
C PHE A 23 -19.52 -3.45 29.14
N ALA A 24 -20.11 -2.56 29.93
CA ALA A 24 -20.48 -2.91 31.29
C ALA A 24 -21.55 -3.98 31.28
N GLY A 25 -21.38 -4.99 32.14
CA GLY A 25 -22.27 -6.13 32.21
C GLY A 25 -21.73 -7.38 31.56
N ASP A 26 -20.72 -7.25 30.70
CA ASP A 26 -20.08 -8.41 30.09
C ASP A 26 -19.14 -9.07 31.10
N ASP A 27 -18.68 -10.28 30.76
CA ASP A 27 -17.79 -11.03 31.63
C ASP A 27 -16.32 -10.93 31.22
N ALA A 28 -16.04 -10.65 29.95
CA ALA A 28 -14.68 -10.55 29.46
C ALA A 28 -14.57 -9.36 28.52
N PRO A 29 -13.40 -8.74 28.44
CA PRO A 29 -13.23 -7.59 27.53
C PRO A 29 -13.43 -7.99 26.08
N ARG A 30 -13.92 -7.04 25.29
CA ARG A 30 -14.13 -7.28 23.87
C ARG A 30 -12.85 -7.04 23.07
N ALA A 31 -12.20 -5.89 23.30
CA ALA A 31 -11.00 -5.51 22.58
C ALA A 31 -9.82 -5.50 23.54
N VAL A 32 -8.78 -6.26 23.20
CA VAL A 32 -7.54 -6.30 23.96
C VAL A 32 -6.40 -6.21 22.94
N PHE A 33 -5.84 -5.02 22.77
CA PHE A 33 -4.80 -4.76 21.79
C PHE A 33 -3.69 -3.93 22.41
N PRO A 34 -2.47 -4.00 21.86
CA PRO A 34 -1.37 -3.21 22.43
C PRO A 34 -1.62 -1.71 22.33
N SER A 35 -1.12 -0.99 23.34
CA SER A 35 -1.26 0.46 23.39
C SER A 35 -0.04 1.14 22.76
N ILE A 36 0.10 0.94 21.45
CA ILE A 36 1.22 1.47 20.69
C ILE A 36 0.70 2.22 19.47
N VAL A 37 1.49 3.20 19.02
CA VAL A 37 1.23 3.92 17.78
C VAL A 37 2.52 3.88 16.97
N GLY A 38 2.49 3.21 15.83
CA GLY A 38 3.66 3.12 14.98
C GLY A 38 3.60 4.06 13.78
N ARG A 39 4.77 4.55 13.38
CA ARG A 39 4.88 5.46 12.25
C ARG A 39 6.01 5.00 11.34
N PRO A 40 5.86 5.16 10.02
CA PRO A 40 6.88 4.69 9.09
C PRO A 40 8.21 5.40 9.29
N ARG A 41 9.29 4.66 9.05
CA ARG A 41 10.64 5.21 9.15
C ARG A 41 11.47 4.98 7.90
N HIS A 42 10.95 4.32 6.89
CA HIS A 42 11.65 4.07 5.64
C HIS A 42 11.06 4.93 4.52
N GLN A 43 11.55 4.74 3.30
CA GLN A 43 11.16 5.53 2.15
C GLN A 43 10.18 4.74 1.29
N GLY A 44 9.04 5.36 0.97
CA GLY A 44 8.07 4.74 0.10
C GLY A 44 8.38 4.98 -1.36
N VAL A 45 8.61 3.91 -2.11
CA VAL A 45 9.05 4.02 -3.49
C VAL A 45 7.94 3.63 -4.47
N MET A 46 7.09 2.69 -4.10
CA MET A 46 6.04 2.22 -5.01
C MET A 46 4.90 3.22 -5.02
N VAL A 47 4.71 3.89 -6.14
CA VAL A 47 3.64 4.88 -6.28
C VAL A 47 2.32 4.15 -6.45
N GLY A 48 1.31 4.57 -5.68
CA GLY A 48 -0.02 3.99 -5.74
C GLY A 48 -0.40 3.20 -4.49
N MET A 49 0.60 2.74 -3.74
CA MET A 49 0.32 2.03 -2.50
C MET A 49 -0.36 2.96 -1.50
N GLY A 50 -1.43 2.47 -0.88
CA GLY A 50 -2.10 3.23 0.15
C GLY A 50 -1.19 3.45 1.34
N GLN A 51 -0.93 4.71 1.67
CA GLN A 51 0.02 5.08 2.70
C GLN A 51 -0.71 5.72 3.88
N LYS A 52 -0.49 5.17 5.07
CA LYS A 52 -0.98 5.76 6.31
C LYS A 52 0.20 6.31 7.09
N ASP A 53 -0.04 7.42 7.79
CA ASP A 53 1.01 8.06 8.56
C ASP A 53 1.12 7.53 9.98
N SER A 54 0.20 6.66 10.40
CA SER A 54 0.25 6.09 11.74
C SER A 54 -0.58 4.81 11.76
N TYR A 55 -0.16 3.85 12.58
CA TYR A 55 -0.87 2.60 12.79
C TYR A 55 -1.03 2.39 14.29
N VAL A 56 -2.18 1.85 14.70
CA VAL A 56 -2.52 1.70 16.11
C VAL A 56 -2.82 0.23 16.38
N GLY A 57 -2.16 -0.34 17.39
CA GLY A 57 -2.57 -1.62 17.93
C GLY A 57 -2.02 -2.79 17.15
N ASP A 58 -2.88 -3.79 16.90
CA ASP A 58 -2.47 -5.01 16.22
C ASP A 58 -2.08 -4.76 14.77
N GLU A 59 -2.54 -3.67 14.16
CA GLU A 59 -2.08 -3.30 12.84
C GLU A 59 -0.70 -2.66 12.86
N ALA A 60 -0.35 -1.97 13.94
CA ALA A 60 1.00 -1.46 14.12
C ALA A 60 1.99 -2.55 14.52
N GLN A 61 1.53 -3.59 15.21
CA GLN A 61 2.40 -4.69 15.58
C GLN A 61 2.53 -5.73 14.48
N SER A 62 1.75 -5.62 13.40
CA SER A 62 1.86 -6.51 12.25
C SER A 62 2.87 -6.00 11.24
N LYS A 63 2.84 -4.71 10.92
CA LYS A 63 3.87 -4.08 10.10
C LYS A 63 5.01 -3.56 10.98
N ARG A 64 5.53 -4.45 11.83
CA ARG A 64 6.47 -4.03 12.86
C ARG A 64 7.81 -3.61 12.30
N GLY A 65 8.23 -4.22 11.18
CA GLY A 65 9.57 -3.95 10.67
C GLY A 65 9.76 -2.53 10.18
N ILE A 66 8.76 -1.99 9.49
CA ILE A 66 8.90 -0.71 8.80
C ILE A 66 8.39 0.46 9.65
N LEU A 67 8.12 0.23 10.94
CA LEU A 67 7.54 1.25 11.79
C LEU A 67 8.40 1.46 13.03
N THR A 68 8.22 2.62 13.65
CA THR A 68 8.80 2.95 14.95
C THR A 68 7.68 2.97 15.97
N LEU A 69 7.71 2.02 16.91
CA LEU A 69 6.66 1.90 17.90
C LEU A 69 6.92 2.82 19.09
N LYS A 70 5.85 3.48 19.56
CA LYS A 70 5.96 4.42 20.67
C LYS A 70 4.76 4.24 21.60
N TYR A 71 5.03 4.01 22.88
CA TYR A 71 3.96 3.88 23.86
C TYR A 71 3.55 5.26 24.36
N PRO A 72 2.28 5.65 24.24
CA PRO A 72 1.85 6.96 24.76
C PRO A 72 1.85 7.04 26.27
N ILE A 73 1.91 5.91 26.98
CA ILE A 73 1.82 5.89 28.43
C ILE A 73 3.13 5.31 28.98
N GLU A 74 3.79 6.07 29.85
CA GLU A 74 4.95 5.56 30.57
C GLU A 74 4.73 5.69 32.06
N HIC A 75 4.78 4.54 32.75
CA HIC A 75 4.66 4.48 34.20
C HIC A 75 3.32 5.03 34.67
O HIC A 75 3.16 5.62 35.74
CB HIC A 75 5.75 5.25 34.95
CG HIC A 75 7.10 4.69 34.74
ND1 HIC A 75 7.45 3.35 34.97
CD2 HIC A 75 8.23 5.40 34.28
CE1 HIC A 75 8.75 3.26 34.65
NE2 HIC A 75 9.27 4.48 34.22
CZ HIC A 75 10.61 4.75 33.82
N GLY A 76 2.31 4.82 33.84
CA GLY A 76 0.95 5.20 34.18
C GLY A 76 0.53 6.59 33.74
N ILE A 77 1.52 7.47 33.52
CA ILE A 77 1.25 8.84 33.12
C ILE A 77 1.25 8.93 31.60
N ILE A 78 0.21 9.57 31.05
CA ILE A 78 0.11 9.76 29.61
C ILE A 78 1.03 10.91 29.21
N THR A 79 1.99 10.63 28.33
CA THR A 79 2.99 11.61 27.94
C THR A 79 2.73 12.24 26.58
N ASN A 80 2.13 11.51 25.65
CA ASN A 80 1.83 12.03 24.31
C ASN A 80 0.32 12.00 24.11
N TRP A 81 -0.31 13.15 24.30
CA TRP A 81 -1.77 13.20 24.31
C TRP A 81 -2.34 13.06 22.90
N ASP A 82 -1.59 13.44 21.86
CA ASP A 82 -2.06 13.24 20.49
C ASP A 82 -2.18 11.76 20.17
N ASP A 83 -1.14 10.98 20.48
CA ASP A 83 -1.21 9.54 20.28
C ASP A 83 -2.23 8.89 21.21
N MET A 84 -2.39 9.42 22.42
CA MET A 84 -3.43 8.89 23.31
C MET A 84 -4.82 9.11 22.71
N GLU A 85 -5.05 10.28 22.11
CA GLU A 85 -6.31 10.54 21.43
C GLU A 85 -6.49 9.61 20.25
N LYS A 86 -5.41 9.34 19.49
CA LYS A 86 -5.50 8.37 18.41
C LYS A 86 -5.92 7.00 18.92
N ILE A 87 -5.32 6.54 20.02
CA ILE A 87 -5.66 5.24 20.57
C ILE A 87 -7.11 5.21 21.05
N TRP A 88 -7.57 6.28 21.70
CA TRP A 88 -8.95 6.33 22.16
C TRP A 88 -9.93 6.32 20.98
N HIS A 89 -9.60 7.05 19.91
CA HIS A 89 -10.44 7.04 18.72
C HIS A 89 -10.50 5.65 18.11
N HIS A 90 -9.36 4.97 18.00
CA HIS A 90 -9.33 3.60 17.50
C HIS A 90 -10.21 2.69 18.35
N THR A 91 -10.06 2.79 19.67
CA THR A 91 -10.84 1.96 20.58
C THR A 91 -12.33 2.19 20.41
N PHE A 92 -12.74 3.46 20.31
CA PHE A 92 -14.16 3.78 20.24
C PHE A 92 -14.76 3.37 18.90
N TYR A 93 -14.10 3.68 17.80
CA TYR A 93 -14.73 3.53 16.49
C TYR A 93 -14.42 2.20 15.81
N ASN A 94 -13.19 1.72 15.89
CA ASN A 94 -12.80 0.54 15.13
C ASN A 94 -12.94 -0.76 15.91
N GLU A 95 -12.70 -0.74 17.21
CA GLU A 95 -12.74 -1.97 18.02
C GLU A 95 -14.10 -2.22 18.65
N LEU A 96 -14.73 -1.19 19.23
CA LEU A 96 -16.05 -1.33 19.80
C LEU A 96 -17.17 -0.95 18.85
N ARG A 97 -16.88 -0.17 17.81
CA ARG A 97 -17.86 0.23 16.80
C ARG A 97 -19.03 0.98 17.41
N VAL A 98 -18.77 1.77 18.44
CA VAL A 98 -19.82 2.50 19.14
C VAL A 98 -19.71 3.98 18.82
N ALA A 99 -20.75 4.72 19.20
CA ALA A 99 -20.70 6.18 19.14
C ALA A 99 -20.31 6.70 20.51
N PRO A 100 -19.15 7.36 20.65
CA PRO A 100 -18.71 7.81 21.99
C PRO A 100 -19.69 8.74 22.67
N GLU A 101 -20.53 9.45 21.92
CA GLU A 101 -21.47 10.41 22.50
C GLU A 101 -22.77 9.76 22.95
N GLU A 102 -22.82 8.43 23.02
CA GLU A 102 -24.03 7.74 23.44
C GLU A 102 -23.77 6.72 24.54
N HIS A 103 -22.55 6.64 25.07
CA HIS A 103 -22.23 5.69 26.12
C HIS A 103 -21.35 6.33 27.18
N PRO A 104 -21.77 6.34 28.44
CA PRO A 104 -20.86 6.77 29.52
C PRO A 104 -19.64 5.86 29.58
N THR A 105 -18.50 6.46 29.88
CA THR A 105 -17.22 5.75 29.84
C THR A 105 -16.60 5.70 31.23
N LEU A 106 -16.10 4.54 31.61
CA LEU A 106 -15.43 4.34 32.90
C LEU A 106 -13.95 4.12 32.64
N LEU A 107 -13.11 4.98 33.22
CA LEU A 107 -11.67 4.91 33.06
C LEU A 107 -11.01 4.51 34.37
N THR A 108 -9.82 3.93 34.24
CA THR A 108 -9.05 3.46 35.38
C THR A 108 -7.71 4.19 35.43
N GLU A 109 -7.20 4.38 36.64
CA GLU A 109 -5.94 5.09 36.83
C GLU A 109 -5.24 4.53 38.06
N ALA A 110 -3.91 4.67 38.07
CA ALA A 110 -3.12 4.24 39.21
C ALA A 110 -3.38 5.17 40.40
N PRO A 111 -3.14 4.68 41.63
CA PRO A 111 -3.45 5.49 42.82
C PRO A 111 -2.77 6.86 42.86
N LEU A 112 -1.45 6.88 42.78
CA LEU A 112 -0.68 8.12 42.94
C LEU A 112 -0.16 8.56 41.58
N ASN A 113 -0.89 9.48 40.95
CA ASN A 113 -0.50 10.08 39.69
C ASN A 113 -0.70 11.58 39.76
N PRO A 114 -0.01 12.35 38.91
CA PRO A 114 -0.25 13.79 38.87
C PRO A 114 -1.69 14.11 38.51
N LYS A 115 -2.20 15.20 39.09
CA LYS A 115 -3.59 15.60 38.93
C LYS A 115 -3.91 16.04 37.51
N ALA A 116 -2.93 16.56 36.76
CA ALA A 116 -3.17 16.95 35.38
C ALA A 116 -3.49 15.75 34.51
N ASN A 117 -2.92 14.58 34.81
CA ASN A 117 -3.22 13.38 34.05
C ASN A 117 -4.71 13.03 34.13
N ARG A 118 -5.30 13.16 35.31
CA ARG A 118 -6.73 12.92 35.49
C ARG A 118 -7.59 14.05 34.96
N GLU A 119 -7.13 15.31 35.06
CA GLU A 119 -7.93 16.42 34.54
C GLU A 119 -7.99 16.42 33.02
N LYS A 120 -6.88 16.13 32.35
CA LYS A 120 -6.88 16.18 30.89
C LYS A 120 -7.68 15.03 30.29
N MET A 121 -7.71 13.87 30.95
CA MET A 121 -8.62 12.82 30.50
C MET A 121 -10.06 13.27 30.54
N THR A 122 -10.49 13.94 31.61
CA THR A 122 -11.85 14.45 31.69
C THR A 122 -12.13 15.48 30.62
N GLN A 123 -11.22 16.44 30.45
CA GLN A 123 -11.45 17.49 29.46
C GLN A 123 -11.50 16.92 28.05
N ILE A 124 -10.62 15.97 27.72
CA ILE A 124 -10.65 15.38 26.39
C ILE A 124 -11.87 14.50 26.18
N MET A 125 -12.27 13.70 27.17
CA MET A 125 -13.46 12.88 27.02
C MET A 125 -14.73 13.71 26.91
N PHE A 126 -14.76 14.91 27.48
CA PHE A 126 -15.95 15.75 27.37
C PHE A 126 -15.92 16.72 26.19
N GLU A 127 -14.73 17.03 25.65
CA GLU A 127 -14.62 18.03 24.60
C GLU A 127 -14.25 17.48 23.24
N THR A 128 -13.80 16.23 23.15
CA THR A 128 -13.43 15.60 21.89
C THR A 128 -14.35 14.44 21.51
N PHE A 129 -14.74 13.62 22.47
CA PHE A 129 -15.62 12.50 22.22
C PHE A 129 -17.06 12.74 22.69
N ASN A 130 -17.30 13.79 23.46
CA ASN A 130 -18.64 14.20 23.87
C ASN A 130 -19.39 13.08 24.59
N VAL A 131 -18.71 12.39 25.48
CA VAL A 131 -19.37 11.31 26.23
C VAL A 131 -20.44 11.93 27.15
N PRO A 132 -21.59 11.28 27.34
CA PRO A 132 -22.58 11.82 28.28
C PRO A 132 -22.04 11.97 29.69
N ALA A 133 -21.20 11.04 30.14
CA ALA A 133 -20.62 11.09 31.47
C ALA A 133 -19.34 10.26 31.47
N MET A 134 -18.51 10.48 32.47
CA MET A 134 -17.28 9.72 32.59
C MET A 134 -16.90 9.61 34.07
N TYR A 135 -16.04 8.63 34.36
CA TYR A 135 -15.60 8.38 35.72
C TYR A 135 -14.16 7.87 35.66
N VAL A 136 -13.44 8.06 36.76
CA VAL A 136 -12.08 7.57 36.90
C VAL A 136 -12.00 6.76 38.18
N ALA A 137 -11.61 5.50 38.06
CA ALA A 137 -11.54 4.58 39.19
C ALA A 137 -10.10 4.14 39.42
N ILE A 138 -9.87 3.53 40.59
CA ILE A 138 -8.57 3.02 40.96
C ILE A 138 -8.49 1.55 40.58
N GLN A 139 -7.42 1.17 39.89
CA GLN A 139 -7.30 -0.18 39.35
C GLN A 139 -7.25 -1.23 40.45
N ALA A 140 -6.69 -0.89 41.61
CA ALA A 140 -6.56 -1.87 42.69
C ALA A 140 -7.85 -2.08 43.47
N VAL A 141 -8.84 -1.23 43.29
CA VAL A 141 -10.14 -1.44 43.93
C VAL A 141 -11.02 -2.35 43.08
N LEU A 142 -10.96 -2.21 41.74
CA LEU A 142 -11.74 -3.07 40.86
C LEU A 142 -11.32 -4.53 40.96
N SER A 143 -10.07 -4.78 41.34
CA SER A 143 -9.61 -6.15 41.47
C SER A 143 -10.32 -6.88 42.60
N LEU A 144 -10.63 -6.19 43.70
CA LEU A 144 -11.42 -6.80 44.76
C LEU A 144 -12.84 -7.10 44.29
N TYR A 145 -13.43 -6.19 43.51
CA TYR A 145 -14.73 -6.46 42.92
C TYR A 145 -14.70 -7.71 42.07
N ALA A 146 -13.66 -7.86 41.25
CA ALA A 146 -13.53 -9.07 40.43
C ALA A 146 -13.34 -10.31 41.30
N SER A 147 -12.54 -10.21 42.36
CA SER A 147 -12.31 -11.33 43.26
C SER A 147 -13.51 -11.64 44.15
N GLY A 148 -14.51 -10.77 44.16
CA GLY A 148 -15.67 -10.99 45.00
C GLY A 148 -15.34 -10.93 46.47
N ARG A 149 -14.54 -9.95 46.86
CA ARG A 149 -14.10 -9.76 48.24
C ARG A 149 -14.32 -8.32 48.65
N THR A 150 -14.45 -8.12 49.95
CA THR A 150 -14.54 -6.79 50.53
C THR A 150 -13.30 -6.39 51.32
N THR A 151 -12.59 -7.35 51.90
CA THR A 151 -11.38 -7.11 52.66
C THR A 151 -10.21 -7.81 51.99
N GLY A 152 -9.10 -7.10 51.82
CA GLY A 152 -7.92 -7.69 51.24
C GLY A 152 -6.98 -6.66 50.64
N ILE A 153 -5.69 -6.93 50.66
CA ILE A 153 -4.68 -6.05 50.08
C ILE A 153 -4.40 -6.51 48.67
N VAL A 154 -4.47 -5.57 47.72
CA VAL A 154 -4.35 -5.88 46.30
C VAL A 154 -2.97 -5.49 45.82
N LEU A 155 -2.27 -6.43 45.21
CA LEU A 155 -0.96 -6.20 44.59
C LEU A 155 -1.18 -6.20 43.08
N ASP A 156 -1.47 -5.02 42.53
CA ASP A 156 -1.65 -4.86 41.09
C ASP A 156 -0.30 -4.54 40.45
N SER A 157 0.05 -5.29 39.41
CA SER A 157 1.33 -5.13 38.72
C SER A 157 1.11 -5.32 37.23
N GLY A 158 1.06 -4.21 36.50
CA GLY A 158 0.93 -4.27 35.06
C GLY A 158 2.28 -4.24 34.38
N ASP A 159 2.54 -3.22 33.56
CA ASP A 159 3.88 -3.00 33.03
C ASP A 159 4.34 -1.56 33.19
N GLY A 160 3.59 -0.73 33.90
CA GLY A 160 4.04 0.62 34.18
C GLY A 160 4.23 0.91 35.66
N VAL A 161 3.40 0.31 36.51
CA VAL A 161 3.42 0.58 37.95
C VAL A 161 3.14 -0.71 38.70
N THR A 162 3.47 -0.71 39.99
CA THR A 162 3.12 -1.78 40.91
C THR A 162 2.70 -1.15 42.23
N HIS A 163 1.44 -1.30 42.60
CA HIS A 163 0.91 -0.59 43.76
C HIS A 163 0.12 -1.53 44.66
N ASN A 164 0.06 -1.19 45.95
CA ASN A 164 -0.66 -1.94 46.96
C ASN A 164 -1.68 -1.03 47.63
N VAL A 165 -2.92 -1.50 47.73
CA VAL A 165 -3.98 -0.75 48.38
C VAL A 165 -4.68 -1.62 49.41
N PRO A 166 -4.41 -1.45 50.70
CA PRO A 166 -5.16 -2.20 51.72
C PRO A 166 -6.58 -1.67 51.83
N ILE A 167 -7.55 -2.60 51.84
CA ILE A 167 -8.97 -2.26 51.95
C ILE A 167 -9.60 -3.18 52.98
N TYR A 168 -10.32 -2.60 53.93
CA TYR A 168 -11.01 -3.35 54.97
C TYR A 168 -12.48 -2.96 55.00
N GLU A 169 -13.35 -3.93 54.76
CA GLU A 169 -14.80 -3.75 54.87
C GLU A 169 -15.29 -2.56 54.04
N GLY A 170 -14.71 -2.41 52.84
CA GLY A 170 -15.07 -1.32 51.96
C GLY A 170 -14.39 -0.02 52.24
N TYR A 171 -13.53 0.05 53.26
CA TYR A 171 -12.81 1.26 53.60
C TYR A 171 -11.33 1.10 53.27
N ALA A 172 -10.75 2.13 52.66
CA ALA A 172 -9.36 2.13 52.26
C ALA A 172 -8.56 3.08 53.15
N LEU A 173 -7.30 2.72 53.38
CA LEU A 173 -6.40 3.54 54.18
C LEU A 173 -5.39 4.23 53.26
N PRO A 174 -5.60 5.50 52.92
CA PRO A 174 -4.71 6.16 51.96
C PRO A 174 -3.26 6.26 52.42
N HIS A 175 -3.01 6.29 53.72
CA HIS A 175 -1.65 6.40 54.21
C HIS A 175 -0.84 5.12 54.05
N ALA A 176 -1.50 3.99 53.78
CA ALA A 176 -0.83 2.72 53.57
C ALA A 176 -0.66 2.38 52.10
N ILE A 177 -0.99 3.30 51.20
CA ILE A 177 -0.85 3.06 49.76
C ILE A 177 0.60 3.26 49.36
N MET A 178 1.17 2.26 48.69
CA MET A 178 2.56 2.29 48.26
C MET A 178 2.62 2.01 46.76
N ARG A 179 3.24 2.90 46.01
CA ARG A 179 3.36 2.79 44.57
C ARG A 179 4.81 2.55 44.18
N LEU A 180 5.04 1.53 43.35
CA LEU A 180 6.35 1.21 42.82
C LEU A 180 6.35 1.37 41.31
N ASP A 181 7.48 1.82 40.77
CA ASP A 181 7.64 2.07 39.35
C ASP A 181 8.49 1.00 38.68
N LEU A 182 8.37 -0.24 39.14
CA LEU A 182 9.07 -1.38 38.56
C LEU A 182 8.04 -2.40 38.13
N ALA A 183 7.97 -2.68 36.83
CA ALA A 183 6.92 -3.54 36.31
C ALA A 183 7.42 -4.21 35.04
N GLY A 184 6.49 -4.71 34.23
CA GLY A 184 6.77 -5.53 33.07
C GLY A 184 7.63 -4.88 32.01
N ARG A 185 7.49 -3.58 31.77
CA ARG A 185 8.33 -2.92 30.79
C ARG A 185 9.74 -2.67 31.30
N ASP A 186 9.95 -2.67 32.61
CA ASP A 186 11.30 -2.73 33.17
C ASP A 186 11.88 -4.12 33.11
N LEU A 187 11.05 -5.15 33.31
CA LEU A 187 11.51 -6.52 33.13
C LEU A 187 11.92 -6.78 31.68
N THR A 188 11.16 -6.26 30.72
CA THR A 188 11.50 -6.44 29.31
C THR A 188 12.83 -5.79 28.95
N ASP A 189 13.13 -4.63 29.51
CA ASP A 189 14.40 -3.96 29.25
C ASP A 189 15.57 -4.59 30.00
N TYR A 190 15.34 -5.11 31.21
CA TYR A 190 16.38 -5.85 31.88
C TYR A 190 16.72 -7.14 31.13
N LEU A 191 15.70 -7.82 30.59
CA LEU A 191 15.94 -9.00 29.77
C LEU A 191 16.71 -8.63 28.50
N MET A 192 16.36 -7.50 27.90
CA MET A 192 17.11 -7.04 26.73
C MET A 192 18.56 -6.76 27.07
N LYS A 193 18.82 -6.14 28.22
CA LYS A 193 20.19 -5.85 28.62
C LYS A 193 20.98 -7.12 28.91
N ILE A 194 20.38 -8.09 29.60
CA ILE A 194 21.11 -9.29 29.99
C ILE A 194 21.11 -10.36 28.90
N LEU A 195 20.36 -10.17 27.83
CA LEU A 195 20.47 -11.05 26.68
C LEU A 195 21.69 -10.75 25.83
N THR A 196 22.34 -9.59 26.04
CA THR A 196 23.61 -9.29 25.40
C THR A 196 24.77 -9.81 26.25
N GLU A 197 24.63 -11.08 26.63
CA GLU A 197 25.65 -11.80 27.39
C GLU A 197 25.85 -13.16 26.76
N ARG A 198 25.07 -13.43 25.71
CA ARG A 198 25.17 -14.66 24.94
C ARG A 198 25.33 -14.39 23.45
N GLY A 199 25.46 -13.13 23.04
CA GLY A 199 25.60 -12.77 21.65
C GLY A 199 24.33 -12.33 20.95
N TYR A 200 23.25 -12.12 21.69
CA TYR A 200 21.96 -11.73 21.11
C TYR A 200 21.77 -10.22 21.30
N SER A 201 21.69 -9.49 20.20
CA SER A 201 21.52 -8.04 20.23
C SER A 201 20.09 -7.70 19.80
N PHE A 202 19.34 -7.07 20.69
CA PHE A 202 17.99 -6.60 20.42
C PHE A 202 17.93 -5.12 20.78
N VAL A 203 17.88 -4.26 19.77
CA VAL A 203 18.04 -2.82 19.99
C VAL A 203 16.80 -2.05 19.58
N THR A 204 16.24 -2.38 18.42
CA THR A 204 15.15 -1.59 17.87
C THR A 204 13.87 -1.78 18.70
N THR A 205 12.91 -0.87 18.48
CA THR A 205 11.62 -0.97 19.15
C THR A 205 10.84 -2.20 18.71
N ALA A 206 11.07 -2.69 17.49
CA ALA A 206 10.42 -3.89 17.00
C ALA A 206 11.08 -5.17 17.49
N GLU A 207 12.33 -5.09 17.96
CA GLU A 207 13.01 -6.23 18.56
C GLU A 207 12.80 -6.29 20.07
N ARG A 208 12.06 -5.32 20.63
CA ARG A 208 11.67 -5.35 22.03
C ARG A 208 10.35 -6.08 22.23
N GLU A 209 9.43 -6.04 21.26
CA GLU A 209 8.24 -6.87 21.29
C GLU A 209 8.56 -8.35 21.10
N ILE A 210 9.73 -8.67 20.58
CA ILE A 210 10.17 -10.07 20.52
C ILE A 210 10.71 -10.50 21.89
N VAL A 211 11.49 -9.65 22.54
CA VAL A 211 12.00 -9.95 23.87
C VAL A 211 10.85 -10.06 24.86
N ARG A 212 9.82 -9.24 24.70
CA ARG A 212 8.64 -9.37 25.54
C ARG A 212 7.99 -10.74 25.41
N ASP A 213 7.87 -11.23 24.18
CA ASP A 213 7.28 -12.55 23.96
C ASP A 213 8.17 -13.64 24.53
N ILE A 214 9.49 -13.50 24.39
CA ILE A 214 10.41 -14.45 24.99
C ILE A 214 10.21 -14.50 26.50
N LYS A 215 10.11 -13.33 27.13
CA LYS A 215 9.87 -13.27 28.56
C LYS A 215 8.58 -13.97 28.93
N GLU A 216 7.48 -13.62 28.25
CA GLU A 216 6.17 -14.19 28.58
C GLU A 216 6.14 -15.69 28.39
N LYS A 217 6.86 -16.23 27.42
CA LYS A 217 6.82 -17.65 27.14
C LYS A 217 7.84 -18.48 27.91
N LEU A 218 8.92 -17.87 28.40
CA LEU A 218 10.01 -18.66 28.97
C LEU A 218 10.47 -18.25 30.36
N CYS A 219 9.91 -17.20 30.95
CA CYS A 219 10.38 -16.76 32.26
C CYS A 219 9.48 -17.23 33.39
N TYR A 220 10.10 -17.63 34.50
CA TYR A 220 9.42 -18.06 35.71
C TYR A 220 10.12 -17.47 36.92
N VAL A 221 9.50 -17.62 38.08
CA VAL A 221 10.04 -17.10 39.34
C VAL A 221 10.60 -18.28 40.15
N ALA A 222 11.88 -18.20 40.48
CA ALA A 222 12.54 -19.25 41.23
C ALA A 222 12.14 -19.18 42.70
N LEU A 223 11.76 -20.32 43.27
CA LEU A 223 11.40 -20.36 44.69
C LEU A 223 12.59 -19.98 45.57
N ASP A 224 13.78 -20.48 45.24
CA ASP A 224 15.01 -20.10 45.92
C ASP A 224 16.00 -19.66 44.86
N PHE A 225 16.32 -18.36 44.84
CA PHE A 225 17.18 -17.82 43.80
C PHE A 225 18.57 -18.45 43.85
N GLU A 226 19.15 -18.57 45.05
CA GLU A 226 20.49 -19.09 45.18
C GLU A 226 20.56 -20.61 45.03
N ASN A 227 19.46 -21.33 45.28
CA ASN A 227 19.40 -22.75 45.00
C ASN A 227 19.03 -23.04 43.56
N GLU A 228 18.58 -22.04 42.82
CA GLU A 228 18.26 -22.18 41.41
C GLU A 228 19.42 -21.78 40.51
N MET A 229 20.16 -20.74 40.89
CA MET A 229 21.39 -20.38 40.19
C MET A 229 22.40 -21.51 40.24
N ALA A 230 22.43 -22.29 41.33
CA ALA A 230 23.30 -23.45 41.43
C ALA A 230 22.81 -24.61 40.57
N THR A 231 21.51 -24.83 40.52
CA THR A 231 20.96 -25.88 39.66
C THR A 231 21.24 -25.58 38.19
N ALA A 232 21.13 -24.31 37.80
CA ALA A 232 21.39 -23.94 36.41
C ALA A 232 22.82 -24.25 36.02
N ALA A 233 23.77 -23.96 36.90
CA ALA A 233 25.16 -24.30 36.62
C ALA A 233 25.39 -25.81 36.66
N SER A 234 24.70 -26.50 37.57
CA SER A 234 24.89 -27.94 37.71
C SER A 234 24.44 -28.70 36.47
N SER A 235 23.28 -28.36 35.93
CA SER A 235 22.74 -29.12 34.82
C SER A 235 22.07 -28.19 33.82
N SER A 236 21.95 -28.69 32.59
CA SER A 236 21.25 -27.99 31.52
C SER A 236 19.75 -28.28 31.50
N SER A 237 19.23 -28.92 32.54
CA SER A 237 17.80 -29.24 32.60
C SER A 237 16.94 -27.98 32.63
N LEU A 238 17.51 -26.83 32.98
CA LEU A 238 16.80 -25.56 33.01
C LEU A 238 17.36 -24.70 31.89
N GLU A 239 16.87 -24.95 30.67
CA GLU A 239 17.37 -24.24 29.50
C GLU A 239 16.41 -24.47 28.33
N LYS A 240 15.92 -23.40 27.71
CA LYS A 240 14.88 -23.49 26.71
C LYS A 240 15.29 -22.76 25.44
N SER A 241 14.77 -23.22 24.32
CA SER A 241 15.01 -22.63 23.01
C SER A 241 13.83 -21.79 22.56
N TYR A 242 14.08 -20.94 21.58
CA TYR A 242 13.05 -20.04 21.05
C TYR A 242 13.48 -19.62 19.66
N GLU A 243 12.59 -19.81 18.67
CA GLU A 243 12.92 -19.49 17.28
C GLU A 243 12.51 -18.05 16.97
N LEU A 244 13.46 -17.29 16.44
CA LEU A 244 13.22 -15.90 16.09
C LEU A 244 12.36 -15.82 14.85
N PRO A 245 11.77 -14.64 14.56
CA PRO A 245 10.87 -14.52 13.40
C PRO A 245 11.52 -14.82 12.06
N ASP A 246 12.85 -14.86 12.02
CA ASP A 246 13.57 -15.19 10.79
C ASP A 246 14.12 -16.60 10.78
N GLY A 247 13.74 -17.43 11.75
CA GLY A 247 14.18 -18.81 11.78
C GLY A 247 15.41 -19.08 12.62
N GLN A 248 15.92 -18.11 13.36
CA GLN A 248 17.10 -18.28 14.19
C GLN A 248 16.67 -18.78 15.57
N VAL A 249 17.31 -19.85 16.03
CA VAL A 249 16.99 -20.44 17.33
C VAL A 249 17.95 -19.88 18.37
N ILE A 250 17.41 -19.34 19.46
CA ILE A 250 18.19 -18.80 20.55
C ILE A 250 17.84 -19.59 21.81
N THR A 251 18.85 -19.86 22.64
CA THR A 251 18.70 -20.67 23.83
C THR A 251 19.11 -19.86 25.06
N ILE A 252 18.29 -19.89 26.10
CA ILE A 252 18.53 -19.12 27.31
C ILE A 252 18.51 -20.04 28.52
N GLY A 253 19.24 -19.65 29.55
CA GLY A 253 19.38 -20.45 30.76
C GLY A 253 18.83 -19.81 32.01
N ASN A 254 19.72 -19.36 32.90
CA ASN A 254 19.32 -18.76 34.16
C ASN A 254 18.61 -17.42 33.99
N GLU A 255 18.66 -16.83 32.79
CA GLU A 255 17.97 -15.58 32.54
C GLU A 255 16.45 -15.75 32.56
N ARG A 256 15.95 -16.99 32.55
CA ARG A 256 14.51 -17.21 32.69
C ARG A 256 14.02 -16.80 34.08
N PHE A 257 14.84 -16.98 35.11
CA PHE A 257 14.44 -16.61 36.46
C PHE A 257 15.28 -15.47 37.04
N ARG A 258 16.29 -14.98 36.32
CA ARG A 258 16.97 -13.76 36.77
C ARG A 258 16.21 -12.50 36.38
N CYS A 259 15.37 -12.56 35.35
CA CYS A 259 14.57 -11.40 34.96
C CYS A 259 13.39 -11.22 35.92
N PRO A 260 12.59 -12.30 36.24
CA PRO A 260 11.56 -12.18 37.29
C PRO A 260 12.16 -12.26 38.69
N GLU A 261 13.27 -11.57 38.89
CA GLU A 261 13.90 -11.44 40.20
C GLU A 261 14.05 -9.99 40.64
N THR A 262 14.08 -9.03 39.71
CA THR A 262 14.11 -7.63 40.08
C THR A 262 12.81 -7.21 40.77
N LEU A 263 11.75 -8.00 40.65
CA LEU A 263 10.56 -7.77 41.47
C LEU A 263 10.88 -7.95 42.94
N PHE A 264 11.64 -8.99 43.29
CA PHE A 264 12.06 -9.23 44.66
C PHE A 264 13.40 -8.61 45.01
N GLN A 265 14.26 -8.37 44.01
CA GLN A 265 15.57 -7.75 44.21
C GLN A 265 15.71 -6.61 43.21
N PRO A 266 15.10 -5.46 43.48
CA PRO A 266 15.16 -4.34 42.53
C PRO A 266 16.53 -3.71 42.36
N SER A 267 17.53 -4.14 43.15
CA SER A 267 18.88 -3.62 43.00
C SER A 267 19.53 -4.05 41.69
N PHE A 268 18.97 -5.02 40.98
CA PHE A 268 19.54 -5.44 39.71
C PHE A 268 19.48 -4.31 38.69
N ILE A 269 18.35 -3.60 38.64
CA ILE A 269 18.18 -2.49 37.70
C ILE A 269 18.81 -1.21 38.22
N GLY A 270 19.19 -1.16 39.50
CA GLY A 270 19.80 0.03 40.05
C GLY A 270 18.88 0.91 40.85
N MET A 271 17.77 0.37 41.36
CA MET A 271 16.82 1.14 42.15
C MET A 271 16.98 0.79 43.62
N GLU A 272 16.99 1.83 44.47
CA GLU A 272 17.10 1.67 45.91
C GLU A 272 15.69 1.57 46.47
N SER A 273 15.12 0.37 46.39
CA SER A 273 13.76 0.14 46.86
C SER A 273 13.62 -1.31 47.31
N ALA A 274 12.61 -1.56 48.12
CA ALA A 274 12.34 -2.89 48.62
C ALA A 274 11.57 -3.70 47.59
N GLY A 275 11.61 -5.02 47.75
CA GLY A 275 10.88 -5.91 46.87
C GLY A 275 9.38 -5.82 47.09
N ILE A 276 8.65 -6.54 46.24
CA ILE A 276 7.18 -6.53 46.34
C ILE A 276 6.75 -7.12 47.67
N HIS A 277 7.43 -8.16 48.14
CA HIS A 277 7.08 -8.78 49.40
C HIS A 277 7.25 -7.81 50.56
N GLU A 278 8.38 -7.10 50.61
CA GLU A 278 8.62 -6.15 51.68
C GLU A 278 7.66 -4.97 51.59
N THR A 279 7.35 -4.52 50.37
CA THR A 279 6.39 -3.43 50.21
C THR A 279 5.01 -3.85 50.71
N THR A 280 4.58 -5.06 50.38
CA THR A 280 3.29 -5.56 50.87
C THR A 280 3.29 -5.68 52.39
N TYR A 281 4.39 -6.18 52.96
CA TYR A 281 4.47 -6.30 54.41
C TYR A 281 4.38 -4.94 55.08
N ASN A 282 5.09 -3.95 54.56
CA ASN A 282 5.03 -2.60 55.12
C ASN A 282 3.64 -1.99 54.97
N SER A 283 2.99 -2.21 53.82
CA SER A 283 1.66 -1.69 53.61
C SER A 283 0.66 -2.30 54.60
N ILE A 284 0.77 -3.60 54.86
CA ILE A 284 -0.08 -4.23 55.87
C ILE A 284 0.24 -3.74 57.27
N MET A 285 1.52 -3.55 57.60
CA MET A 285 1.92 -3.14 58.94
C MET A 285 1.67 -1.66 59.20
N LYS A 286 1.37 -0.87 58.17
CA LYS A 286 0.98 0.53 58.36
C LYS A 286 -0.52 0.70 58.58
N CYS A 287 -1.24 -0.39 58.85
CA CYS A 287 -2.66 -0.34 59.14
C CYS A 287 -2.89 -0.60 60.62
N ASP A 288 -4.16 -0.64 61.01
CA ASP A 288 -4.51 -0.90 62.40
C ASP A 288 -4.13 -2.33 62.78
N ILE A 289 -3.81 -2.52 64.07
CA ILE A 289 -3.34 -3.81 64.54
C ILE A 289 -4.38 -4.91 64.41
N ASP A 290 -5.66 -4.57 64.49
CA ASP A 290 -6.73 -5.56 64.38
C ASP A 290 -7.02 -5.94 62.93
N ILE A 291 -6.77 -5.03 61.99
CA ILE A 291 -7.11 -5.28 60.59
C ILE A 291 -6.12 -6.26 59.97
N ARG A 292 -4.86 -6.25 60.45
CA ARG A 292 -3.78 -6.97 59.79
C ARG A 292 -4.08 -8.45 59.60
N LYS A 293 -4.82 -9.05 60.53
CA LYS A 293 -5.10 -10.48 60.44
C LYS A 293 -5.92 -10.82 59.21
N ASP A 294 -6.85 -9.94 58.83
CA ASP A 294 -7.68 -10.18 57.65
C ASP A 294 -6.96 -9.88 56.34
N LEU A 295 -6.02 -8.94 56.33
CA LEU A 295 -5.23 -8.67 55.13
C LEU A 295 -4.12 -9.69 54.92
N TYR A 296 -3.66 -10.36 55.98
CA TYR A 296 -2.66 -11.41 55.81
C TYR A 296 -3.18 -12.55 54.95
N ALA A 297 -4.46 -12.88 55.09
CA ALA A 297 -5.05 -14.04 54.43
C ALA A 297 -5.79 -13.70 53.14
N ASN A 298 -5.73 -12.45 52.70
CA ASN A 298 -6.49 -12.02 51.52
C ASN A 298 -5.63 -11.13 50.62
N ASN A 299 -4.41 -11.55 50.36
CA ASN A 299 -3.52 -10.78 49.49
C ASN A 299 -3.84 -11.01 48.02
N VAL A 300 -4.65 -10.15 47.43
CA VAL A 300 -5.05 -10.32 46.05
C VAL A 300 -3.93 -9.92 45.12
N MET A 301 -3.85 -10.57 43.97
CA MET A 301 -2.84 -10.22 43.00
C MET A 301 -3.49 -10.00 41.66
N SER A 302 -3.16 -8.92 41.00
CA SER A 302 -3.73 -8.64 39.73
C SER A 302 -2.64 -8.17 38.80
N GLY A 303 -2.85 -8.29 37.51
CA GLY A 303 -1.86 -7.88 36.54
C GLY A 303 -1.26 -9.01 35.77
N GLY A 304 -0.52 -8.70 34.72
CA GLY A 304 0.16 -9.72 33.95
C GLY A 304 1.57 -9.95 34.42
N THR A 305 2.09 -9.12 35.33
CA THR A 305 3.41 -9.33 35.88
C THR A 305 3.25 -10.22 37.09
N THR A 306 2.01 -10.62 37.37
CA THR A 306 1.76 -11.55 38.45
C THR A 306 1.50 -12.88 37.81
N MET A 307 1.76 -12.98 36.52
CA MET A 307 1.48 -14.20 35.79
C MET A 307 2.70 -15.07 35.58
N TYR A 308 3.82 -14.70 36.17
CA TYR A 308 5.02 -15.50 36.08
C TYR A 308 4.83 -16.79 36.85
N PRO A 309 5.12 -17.92 36.21
CA PRO A 309 5.01 -19.21 36.89
C PRO A 309 5.83 -19.22 38.17
N GLY A 310 5.20 -19.47 39.31
CA GLY A 310 5.89 -19.50 40.59
C GLY A 310 5.87 -18.24 41.41
N ILE A 311 5.28 -17.15 40.90
CA ILE A 311 5.31 -15.87 41.60
C ILE A 311 4.57 -15.88 42.92
N ALA A 312 3.45 -16.59 42.99
CA ALA A 312 2.68 -16.66 44.20
C ALA A 312 3.39 -17.46 45.27
N ASP A 313 3.97 -18.58 44.90
CA ASP A 313 4.62 -19.44 45.87
C ASP A 313 5.74 -18.70 46.58
N ARG A 314 6.53 -17.97 45.83
CA ARG A 314 7.59 -17.17 46.43
C ARG A 314 7.05 -16.01 47.25
N MET A 315 5.95 -15.39 46.82
CA MET A 315 5.34 -14.34 47.63
C MET A 315 4.90 -14.89 48.99
N GLN A 316 4.26 -16.07 48.98
CA GLN A 316 3.86 -16.68 50.25
C GLN A 316 5.08 -17.00 51.11
N LYS A 317 6.15 -17.54 50.49
CA LYS A 317 7.34 -17.88 51.25
C LYS A 317 7.99 -16.64 51.86
N GLU A 318 8.03 -15.54 51.11
CA GLU A 318 8.69 -14.32 51.61
C GLU A 318 7.85 -13.59 52.65
N ILE A 319 6.52 -13.58 52.51
CA ILE A 319 5.69 -12.92 53.52
C ILE A 319 5.47 -13.80 54.74
N THR A 320 5.69 -15.10 54.65
CA THR A 320 5.65 -15.95 55.84
C THR A 320 6.88 -15.77 56.74
N ALA A 321 8.01 -15.35 56.17
CA ALA A 321 9.23 -15.15 56.93
C ALA A 321 9.33 -13.78 57.57
N LEU A 322 8.43 -12.85 57.23
CA LEU A 322 8.43 -11.52 57.84
C LEU A 322 7.28 -11.31 58.81
N ALA A 323 6.16 -11.99 58.62
CA ALA A 323 5.00 -11.90 59.48
C ALA A 323 5.17 -12.77 60.72
N PRO A 324 4.40 -12.52 61.78
CA PRO A 324 4.46 -13.40 62.95
C PRO A 324 4.07 -14.83 62.59
N SER A 325 4.65 -15.78 63.32
CA SER A 325 4.47 -17.20 63.04
C SER A 325 3.08 -17.72 63.40
N THR A 326 2.28 -16.92 64.10
CA THR A 326 0.93 -17.32 64.47
C THR A 326 -0.12 -16.89 63.45
N MET A 327 0.26 -16.12 62.44
CA MET A 327 -0.66 -15.68 61.41
C MET A 327 -0.61 -16.62 60.21
N LYS A 328 -1.71 -16.62 59.45
CA LYS A 328 -1.86 -17.46 58.27
C LYS A 328 -1.82 -16.56 57.03
N ILE A 329 -0.82 -16.77 56.18
CA ILE A 329 -0.63 -15.97 54.98
C ILE A 329 -1.16 -16.78 53.79
N LYS A 330 -2.12 -16.20 53.07
CA LYS A 330 -2.69 -16.84 51.88
C LYS A 330 -2.64 -15.84 50.74
N ILE A 331 -2.02 -16.24 49.63
CA ILE A 331 -1.93 -15.42 48.43
C ILE A 331 -3.02 -15.86 47.48
N ILE A 332 -3.94 -14.95 47.15
CA ILE A 332 -5.03 -15.25 46.24
C ILE A 332 -4.61 -14.82 44.83
N ALA A 333 -4.44 -15.80 43.95
CA ALA A 333 -4.05 -15.55 42.57
C ALA A 333 -5.08 -16.14 41.63
N PRO A 334 -6.09 -15.37 41.22
CA PRO A 334 -7.12 -15.92 40.35
C PRO A 334 -6.52 -16.31 39.02
N PRO A 335 -7.08 -17.33 38.36
CA PRO A 335 -6.57 -17.74 37.04
C PRO A 335 -6.73 -16.69 35.96
N GLU A 336 -7.50 -15.63 36.21
CA GLU A 336 -7.77 -14.60 35.21
C GLU A 336 -7.35 -13.22 35.70
N ARG A 337 -6.30 -13.15 36.52
CA ARG A 337 -5.89 -11.87 37.10
C ARG A 337 -5.43 -10.87 36.06
N LYS A 338 -5.17 -11.29 34.82
CA LYS A 338 -4.81 -10.33 33.78
C LYS A 338 -6.00 -9.46 33.38
N TYR A 339 -7.22 -9.87 33.69
CA TYR A 339 -8.43 -9.12 33.35
C TYR A 339 -9.24 -8.74 34.59
N SER A 340 -8.67 -8.89 35.79
CA SER A 340 -9.42 -8.62 37.01
C SER A 340 -9.88 -7.18 37.08
N VAL A 341 -9.03 -6.24 36.65
CA VAL A 341 -9.39 -4.83 36.71
C VAL A 341 -10.60 -4.55 35.84
N TRP A 342 -10.61 -5.07 34.61
CA TRP A 342 -11.74 -4.84 33.73
C TRP A 342 -13.00 -5.52 34.24
N ILE A 343 -12.89 -6.75 34.75
CA ILE A 343 -14.06 -7.44 35.27
C ILE A 343 -14.66 -6.67 36.44
N GLY A 344 -13.82 -6.21 37.36
CA GLY A 344 -14.32 -5.42 38.47
C GLY A 344 -14.90 -4.10 38.03
N GLY A 345 -14.31 -3.47 37.02
CA GLY A 345 -14.87 -2.24 36.49
C GLY A 345 -16.24 -2.44 35.88
N SER A 346 -16.43 -3.54 35.14
CA SER A 346 -17.76 -3.84 34.60
C SER A 346 -18.76 -4.11 35.70
N ILE A 347 -18.35 -4.85 36.74
CA ILE A 347 -19.24 -5.11 37.86
C ILE A 347 -19.64 -3.80 38.54
N LEU A 348 -18.68 -2.90 38.76
CA LEU A 348 -18.97 -1.63 39.39
C LEU A 348 -19.88 -0.75 38.53
N ALA A 349 -19.61 -0.70 37.22
CA ALA A 349 -20.42 0.12 36.32
C ALA A 349 -21.80 -0.48 36.07
N SER A 350 -22.01 -1.75 36.40
CA SER A 350 -23.33 -2.36 36.26
C SER A 350 -24.18 -2.23 37.52
N LEU A 351 -23.70 -1.54 38.55
CA LEU A 351 -24.44 -1.40 39.79
C LEU A 351 -25.44 -0.25 39.70
N SER A 352 -26.59 -0.44 40.35
CA SER A 352 -27.61 0.62 40.37
C SER A 352 -27.19 1.79 41.24
N THR A 353 -26.50 1.50 42.35
CA THR A 353 -26.06 2.56 43.24
C THR A 353 -25.01 3.46 42.59
N PHE A 354 -24.18 2.90 41.71
CA PHE A 354 -23.12 3.66 41.07
C PHE A 354 -23.64 4.68 40.06
N GLN A 355 -24.89 4.54 39.61
CA GLN A 355 -25.41 5.43 38.57
C GLN A 355 -25.56 6.87 39.03
N GLN A 356 -25.48 7.13 40.34
CA GLN A 356 -25.54 8.49 40.86
C GLN A 356 -24.16 9.11 41.03
N MET A 357 -23.09 8.38 40.68
CA MET A 357 -21.72 8.86 40.85
C MET A 357 -21.06 9.25 39.54
N TRP A 358 -21.76 9.16 38.42
CA TRP A 358 -21.20 9.60 37.15
C TRP A 358 -20.98 11.10 37.15
N ILE A 359 -19.91 11.55 36.50
CA ILE A 359 -19.66 12.97 36.30
C ILE A 359 -20.34 13.36 35.00
N THR A 360 -21.42 14.12 35.10
CA THR A 360 -22.23 14.47 33.94
C THR A 360 -21.63 15.65 33.19
N LYS A 361 -22.13 15.87 31.97
CA LYS A 361 -21.66 16.98 31.15
C LYS A 361 -22.04 18.32 31.76
N GLN A 362 -23.22 18.39 32.41
CA GLN A 362 -23.67 19.64 33.01
C GLN A 362 -22.72 20.09 34.11
N GLU A 363 -22.32 19.16 34.98
CA GLU A 363 -21.38 19.51 36.04
C GLU A 363 -20.04 19.93 35.48
N TYR A 364 -19.59 19.29 34.40
CA TYR A 364 -18.35 19.70 33.76
C TYR A 364 -18.46 21.12 33.22
N ASP A 365 -19.57 21.45 32.59
CA ASP A 365 -19.77 22.82 32.09
C ASP A 365 -19.80 23.82 33.24
N GLU A 366 -20.42 23.44 34.35
CA GLU A 366 -20.54 24.35 35.49
C GLU A 366 -19.19 24.60 36.14
N ALA A 367 -18.43 23.54 36.43
CA ALA A 367 -17.29 23.65 37.33
C ALA A 367 -15.93 23.54 36.65
N GLY A 368 -15.86 23.17 35.39
CA GLY A 368 -14.59 22.97 34.73
C GLY A 368 -14.07 21.56 34.94
N PRO A 369 -12.86 21.28 34.42
CA PRO A 369 -12.28 19.94 34.59
C PRO A 369 -11.88 19.61 36.01
N SER A 370 -12.06 20.51 36.97
CA SER A 370 -11.68 20.27 38.36
C SER A 370 -12.74 19.50 39.13
N ILE A 371 -13.90 19.23 38.53
CA ILE A 371 -14.95 18.47 39.20
C ILE A 371 -14.52 17.04 39.48
N VAL A 372 -13.56 16.51 38.72
CA VAL A 372 -13.14 15.13 38.89
C VAL A 372 -12.43 14.95 40.24
N HIS A 373 -11.68 15.95 40.70
CA HIS A 373 -10.95 15.81 41.95
C HIS A 373 -11.86 15.80 43.16
N ARG A 374 -13.10 16.27 43.03
CA ARG A 374 -14.07 16.23 44.11
C ARG A 374 -15.14 15.17 43.93
N LYS A 375 -15.28 14.61 42.74
CA LYS A 375 -16.23 13.52 42.52
C LYS A 375 -15.60 12.13 42.53
N CYS A 376 -14.33 12.00 42.13
CA CYS A 376 -13.66 10.71 42.05
C CYS A 376 -12.65 10.60 43.20
N PHE A 377 -12.79 9.54 44.00
CA PHE A 377 -11.86 9.24 45.09
C PHE A 377 -11.79 10.36 46.14
N THR B 7 -1.59 13.05 -23.99
CA THR B 7 -1.54 11.88 -24.87
C THR B 7 -0.98 10.66 -24.14
N THR B 8 -0.53 9.69 -24.90
CA THR B 8 0.03 8.46 -24.33
C THR B 8 1.51 8.66 -24.02
N ALA B 9 1.93 8.18 -22.86
CA ALA B 9 3.32 8.33 -22.42
C ALA B 9 4.19 7.24 -23.01
N LEU B 10 5.45 7.58 -23.23
CA LEU B 10 6.44 6.63 -23.72
C LEU B 10 7.23 6.05 -22.55
N VAL B 11 7.67 4.81 -22.73
CA VAL B 11 8.53 4.13 -21.75
C VAL B 11 9.78 3.68 -22.49
N CYS B 12 10.94 4.16 -22.05
CA CYS B 12 12.22 3.83 -22.67
C CYS B 12 13.13 3.22 -21.61
N ASP B 13 13.29 1.90 -21.66
CA ASP B 13 14.21 1.19 -20.77
C ASP B 13 15.54 1.02 -21.50
N ASN B 14 16.27 2.12 -21.59
CA ASN B 14 17.55 2.12 -22.30
C ASN B 14 18.60 1.47 -21.42
N GLY B 15 18.85 0.17 -21.65
CA GLY B 15 19.87 -0.55 -20.92
C GLY B 15 21.22 -0.48 -21.61
N SER B 16 22.19 -1.16 -20.99
CA SER B 16 23.53 -1.19 -21.55
C SER B 16 23.57 -1.94 -22.88
N GLY B 17 22.83 -3.04 -22.98
CA GLY B 17 22.88 -3.89 -24.15
C GLY B 17 21.78 -3.65 -25.16
N LEU B 18 20.54 -3.53 -24.68
CA LEU B 18 19.38 -3.43 -25.55
C LEU B 18 18.50 -2.26 -25.13
N VAL B 19 17.81 -1.68 -26.11
CA VAL B 19 16.90 -0.57 -25.89
C VAL B 19 15.49 -1.11 -26.03
N LYS B 20 14.76 -1.19 -24.92
CA LYS B 20 13.36 -1.62 -24.91
C LYS B 20 12.48 -0.38 -24.83
N ALA B 21 11.74 -0.11 -25.90
CA ALA B 21 10.91 1.07 -25.99
C ALA B 21 9.49 0.69 -26.40
N GLY B 22 8.56 1.60 -26.11
CA GLY B 22 7.17 1.35 -26.44
C GLY B 22 6.29 2.42 -25.84
N PHE B 23 5.00 2.11 -25.76
CA PHE B 23 4.00 3.03 -25.23
C PHE B 23 3.44 2.49 -23.92
N ALA B 24 3.10 3.42 -23.02
CA ALA B 24 2.55 3.06 -21.73
C ALA B 24 1.14 2.51 -21.91
N GLY B 25 0.84 1.44 -21.18
CA GLY B 25 -0.43 0.75 -21.29
C GLY B 25 -0.41 -0.44 -22.20
N ASP B 26 0.72 -0.75 -22.84
CA ASP B 26 0.83 -1.90 -23.70
C ASP B 26 1.34 -3.12 -22.92
N ASP B 27 1.39 -4.26 -23.60
CA ASP B 27 1.83 -5.50 -22.97
C ASP B 27 3.32 -5.76 -23.15
N ALA B 28 3.87 -5.42 -24.31
CA ALA B 28 5.27 -5.69 -24.62
C ALA B 28 5.89 -4.49 -25.31
N PRO B 29 7.21 -4.34 -25.22
CA PRO B 29 7.88 -3.25 -25.94
C PRO B 29 7.76 -3.43 -27.44
N ARG B 30 7.44 -2.33 -28.13
CA ARG B 30 7.34 -2.38 -29.59
C ARG B 30 8.71 -2.53 -30.23
N ALA B 31 9.70 -1.77 -29.77
CA ALA B 31 11.04 -1.77 -30.34
C ALA B 31 12.01 -2.35 -29.32
N VAL B 32 12.76 -3.37 -29.72
CA VAL B 32 13.82 -3.96 -28.92
C VAL B 32 15.01 -4.13 -29.85
N PHE B 33 15.96 -3.20 -29.79
CA PHE B 33 17.11 -3.21 -30.67
C PHE B 33 18.38 -2.94 -29.88
N PRO B 34 19.53 -3.40 -30.38
CA PRO B 34 20.79 -3.18 -29.65
C PRO B 34 21.15 -1.70 -29.55
N SER B 35 21.81 -1.36 -28.44
CA SER B 35 22.24 0.02 -28.17
C SER B 35 23.69 0.20 -28.63
N ILE B 36 23.87 0.18 -29.95
CA ILE B 36 25.18 0.30 -30.56
C ILE B 36 25.15 1.38 -31.63
N VAL B 37 26.28 2.06 -31.80
CA VAL B 37 26.48 3.02 -32.88
C VAL B 37 27.69 2.56 -33.67
N GLY B 38 27.50 2.32 -34.97
CA GLY B 38 28.54 1.79 -35.83
C GLY B 38 29.02 2.81 -36.84
N ARG B 39 30.31 2.74 -37.18
CA ARG B 39 30.92 3.62 -38.15
C ARG B 39 31.84 2.80 -39.05
N PRO B 40 31.89 3.11 -40.35
CA PRO B 40 32.78 2.37 -41.24
C PRO B 40 34.24 2.55 -40.85
N ARG B 41 35.02 1.49 -41.07
CA ARG B 41 36.45 1.53 -40.76
C ARG B 41 37.30 1.24 -41.99
N HIS B 42 36.69 1.18 -43.17
CA HIS B 42 37.40 0.81 -44.38
C HIS B 42 37.32 1.91 -45.42
N GLN B 43 37.82 1.65 -46.63
CA GLN B 43 37.82 2.61 -47.72
C GLN B 43 36.67 2.33 -48.67
N GLY B 44 35.83 3.33 -48.88
CA GLY B 44 34.75 3.22 -49.85
C GLY B 44 35.22 3.53 -51.25
N VAL B 45 35.22 2.53 -52.13
CA VAL B 45 35.81 2.67 -53.45
C VAL B 45 34.80 3.00 -54.54
N MET B 46 33.51 2.70 -54.33
CA MET B 46 32.50 2.86 -55.36
C MET B 46 31.80 4.20 -55.20
N VAL B 47 32.04 5.12 -56.13
N VAL B 47 32.05 5.12 -56.14
CA VAL B 47 31.38 6.41 -56.12
CA VAL B 47 31.38 6.41 -56.12
C VAL B 47 29.92 6.25 -56.49
C VAL B 47 29.91 6.24 -56.49
N GLY B 48 29.04 6.93 -55.76
N GLY B 48 29.03 6.93 -55.75
CA GLY B 48 27.61 6.83 -55.97
CA GLY B 48 27.61 6.83 -55.97
C GLY B 48 26.87 6.00 -54.95
C GLY B 48 26.87 6.00 -54.95
N MET B 49 27.59 5.23 -54.13
CA MET B 49 26.94 4.47 -53.08
C MET B 49 26.44 5.41 -51.99
N GLY B 50 25.35 5.01 -51.33
CA GLY B 50 24.80 5.80 -50.25
C GLY B 50 25.77 5.87 -49.09
N GLN B 51 26.17 7.07 -48.69
CA GLN B 51 27.15 7.27 -47.63
C GLN B 51 26.44 7.62 -46.33
N LYS B 52 26.83 6.94 -45.26
CA LYS B 52 26.29 7.20 -43.92
C LYS B 52 27.44 7.14 -42.93
N ASP B 53 27.66 8.23 -42.20
CA ASP B 53 28.75 8.29 -41.25
C ASP B 53 28.49 7.43 -40.02
N SER B 54 27.25 7.01 -39.78
CA SER B 54 26.90 6.29 -38.57
C SER B 54 25.74 5.35 -38.85
N TYR B 55 25.72 4.24 -38.11
CA TYR B 55 24.65 3.26 -38.17
C TYR B 55 24.24 2.90 -36.75
N VAL B 56 22.95 2.99 -36.45
CA VAL B 56 22.43 2.80 -35.10
C VAL B 56 21.40 1.67 -35.12
N GLY B 57 21.53 0.75 -34.18
CA GLY B 57 20.51 -0.26 -33.98
C GLY B 57 20.77 -1.51 -34.80
N ASP B 58 19.71 -2.04 -35.41
CA ASP B 58 19.80 -3.26 -36.21
C ASP B 58 20.55 -3.06 -37.51
N GLU B 59 20.58 -1.84 -38.05
CA GLU B 59 21.31 -1.58 -39.28
C GLU B 59 22.82 -1.67 -39.09
N ALA B 60 23.31 -1.49 -37.87
CA ALA B 60 24.71 -1.71 -37.54
C ALA B 60 25.04 -3.18 -37.33
N GLN B 61 24.08 -3.98 -36.87
CA GLN B 61 24.26 -5.41 -36.76
C GLN B 61 24.13 -6.12 -38.11
N SER B 62 23.38 -5.54 -39.05
CA SER B 62 23.27 -6.12 -40.38
C SER B 62 24.55 -5.91 -41.18
N LYS B 63 24.93 -4.64 -41.40
CA LYS B 63 26.19 -4.32 -42.07
C LYS B 63 27.28 -4.27 -41.01
N ARG B 64 27.57 -5.43 -40.42
CA ARG B 64 28.43 -5.50 -39.25
C ARG B 64 29.88 -5.83 -39.55
N GLY B 65 30.16 -6.42 -40.72
CA GLY B 65 31.53 -6.76 -41.07
C GLY B 65 32.36 -5.65 -41.63
N ILE B 66 31.82 -4.44 -41.76
CA ILE B 66 32.55 -3.31 -42.31
C ILE B 66 32.48 -2.12 -41.36
N LEU B 67 31.93 -2.33 -40.18
CA LEU B 67 31.73 -1.29 -39.19
C LEU B 67 32.50 -1.60 -37.92
N THR B 68 32.68 -0.56 -37.09
CA THR B 68 33.11 -0.73 -35.70
C THR B 68 31.93 -0.46 -34.80
N LEU B 69 31.64 -1.40 -33.90
CA LEU B 69 30.48 -1.30 -33.03
C LEU B 69 30.90 -0.81 -31.65
N LYS B 70 30.21 0.21 -31.15
CA LYS B 70 30.52 0.82 -29.87
C LYS B 70 29.24 0.98 -29.06
N TYR B 71 29.35 0.75 -27.75
CA TYR B 71 28.22 0.90 -26.84
C TYR B 71 28.31 2.22 -26.12
N PRO B 72 27.32 3.12 -26.23
CA PRO B 72 27.37 4.38 -25.49
C PRO B 72 27.16 4.23 -23.99
N ILE B 73 26.71 3.07 -23.52
CA ILE B 73 26.44 2.84 -22.11
C ILE B 73 27.33 1.72 -21.62
N GLU B 74 28.03 1.96 -20.51
CA GLU B 74 28.91 0.95 -19.94
C GLU B 74 28.72 0.88 -18.42
N HIC B 75 28.28 -0.27 -17.93
CA HIC B 75 28.06 -0.52 -16.52
C HIC B 75 26.99 0.42 -15.97
O HIC B 75 26.97 0.83 -14.81
CB HIC B 75 29.31 -0.35 -15.64
CG HIC B 75 30.30 -1.42 -15.84
ND1 HIC B 75 30.00 -2.79 -15.85
CD2 HIC B 75 31.67 -1.24 -16.03
CE1 HIC B 75 31.16 -3.43 -16.07
NE2 HIC B 75 32.22 -2.51 -16.19
CZ HIC B 75 33.60 -2.82 -16.40
N GLY B 76 26.05 0.76 -16.85
CA GLY B 76 24.91 1.59 -16.46
C GLY B 76 25.09 3.07 -16.68
N ILE B 77 26.34 3.52 -16.76
CA ILE B 77 26.67 4.94 -16.91
C ILE B 77 26.87 5.23 -18.39
N ILE B 78 26.22 6.29 -18.87
CA ILE B 78 26.38 6.71 -20.26
C ILE B 78 27.71 7.43 -20.40
N THR B 79 28.62 6.86 -21.20
CA THR B 79 29.95 7.41 -21.35
C THR B 79 30.12 8.27 -22.59
N ASN B 80 29.32 8.03 -23.65
CA ASN B 80 29.41 8.80 -24.89
C ASN B 80 28.06 9.44 -25.13
N TRP B 81 27.93 10.72 -24.77
CA TRP B 81 26.65 11.40 -24.85
C TRP B 81 26.25 11.78 -26.27
N ASP B 82 27.20 12.12 -27.13
CA ASP B 82 26.87 12.42 -28.52
C ASP B 82 26.29 11.20 -29.23
N ASP B 83 26.85 10.02 -28.98
CA ASP B 83 26.34 8.79 -29.56
C ASP B 83 25.07 8.29 -28.87
N MET B 84 24.93 8.53 -27.57
CA MET B 84 23.67 8.20 -26.90
C MET B 84 22.53 9.07 -27.38
N GLU B 85 22.81 10.32 -27.74
CA GLU B 85 21.82 11.22 -28.32
C GLU B 85 21.34 10.75 -29.69
N LYS B 86 22.12 9.94 -30.40
CA LYS B 86 21.67 9.35 -31.65
C LYS B 86 20.69 8.20 -31.44
N ILE B 87 20.92 7.38 -30.41
CA ILE B 87 20.00 6.27 -30.13
C ILE B 87 18.64 6.75 -29.67
N TRP B 88 18.57 7.80 -28.86
CA TRP B 88 17.30 8.39 -28.47
C TRP B 88 16.54 8.95 -29.68
N HIS B 89 17.26 9.63 -30.57
CA HIS B 89 16.64 10.11 -31.81
C HIS B 89 16.11 8.96 -32.65
N HIS B 90 16.91 7.89 -32.78
CA HIS B 90 16.48 6.72 -33.53
C HIS B 90 15.22 6.11 -32.92
N THR B 91 15.20 5.97 -31.60
CA THR B 91 14.04 5.41 -30.93
C THR B 91 12.80 6.27 -31.15
N PHE B 92 12.94 7.58 -30.99
CA PHE B 92 11.78 8.46 -31.08
C PHE B 92 11.23 8.53 -32.50
N TYR B 93 12.11 8.70 -33.49
CA TYR B 93 11.63 8.99 -34.84
C TYR B 93 11.54 7.76 -35.73
N ASN B 94 12.51 6.86 -35.68
CA ASN B 94 12.56 5.73 -36.61
C ASN B 94 11.86 4.48 -36.07
N GLU B 95 12.04 4.15 -34.80
CA GLU B 95 11.45 2.94 -34.27
C GLU B 95 10.02 3.14 -33.79
N LEU B 96 9.78 4.14 -32.95
CA LEU B 96 8.44 4.44 -32.47
C LEU B 96 7.64 5.30 -33.45
N ARG B 97 8.32 6.09 -34.28
CA ARG B 97 7.67 6.98 -35.24
C ARG B 97 6.67 7.89 -34.53
N VAL B 98 7.22 8.77 -33.67
CA VAL B 98 6.40 9.66 -32.85
C VAL B 98 7.20 10.92 -32.58
N ALA B 99 6.49 12.03 -32.43
CA ALA B 99 7.14 13.28 -32.07
C ALA B 99 7.39 13.32 -30.56
N PRO B 100 8.63 13.53 -30.12
CA PRO B 100 8.92 13.47 -28.68
C PRO B 100 8.38 14.65 -27.89
N GLU B 101 7.96 15.74 -28.53
CA GLU B 101 7.49 16.92 -27.83
C GLU B 101 6.01 16.86 -27.48
N GLU B 102 5.36 15.72 -27.70
CA GLU B 102 3.94 15.58 -27.40
C GLU B 102 3.66 14.40 -26.47
N HIS B 103 4.69 13.73 -25.94
CA HIS B 103 4.52 12.55 -25.13
C HIS B 103 5.42 12.61 -23.90
N PRO B 104 4.88 12.41 -22.70
CA PRO B 104 5.74 12.22 -21.53
C PRO B 104 6.58 10.95 -21.69
N THR B 105 7.81 11.01 -21.19
CA THR B 105 8.76 9.91 -21.34
C THR B 105 9.21 9.42 -19.97
N LEU B 106 9.20 8.11 -19.79
CA LEU B 106 9.67 7.48 -18.55
C LEU B 106 11.00 6.79 -18.83
N LEU B 107 12.01 7.14 -18.05
CA LEU B 107 13.35 6.57 -18.17
C LEU B 107 13.67 5.73 -16.94
N THR B 108 14.69 4.88 -17.08
CA THR B 108 15.10 3.97 -16.01
C THR B 108 16.58 4.14 -15.74
N GLU B 109 16.99 3.77 -14.52
CA GLU B 109 18.36 3.95 -14.09
C GLU B 109 18.67 2.99 -12.95
N ALA B 110 19.96 2.65 -12.81
CA ALA B 110 20.40 1.78 -11.73
C ALA B 110 20.53 2.56 -10.42
N PRO B 111 20.39 1.88 -9.26
CA PRO B 111 20.33 2.60 -7.97
C PRO B 111 21.56 3.43 -7.63
N LEU B 112 22.74 2.81 -7.56
CA LEU B 112 23.95 3.50 -7.09
C LEU B 112 24.74 3.95 -8.32
N ASN B 113 24.25 5.01 -8.95
CA ASN B 113 24.73 5.52 -10.21
C ASN B 113 25.13 6.99 -10.00
N PRO B 114 26.22 7.46 -10.61
CA PRO B 114 26.65 8.84 -10.40
C PRO B 114 25.55 9.85 -10.71
N LYS B 115 25.51 10.91 -9.91
CA LYS B 115 24.41 11.87 -9.90
C LYS B 115 24.30 12.69 -11.17
N ALA B 116 25.40 12.94 -11.88
CA ALA B 116 25.35 13.78 -13.07
C ALA B 116 24.75 13.08 -14.27
N ASN B 117 24.74 11.75 -14.29
CA ASN B 117 24.14 11.03 -15.40
C ASN B 117 22.65 11.34 -15.50
N ARG B 118 21.96 11.34 -14.37
CA ARG B 118 20.52 11.60 -14.36
C ARG B 118 20.23 13.06 -14.70
N GLU B 119 21.05 13.99 -14.22
CA GLU B 119 20.88 15.39 -14.56
C GLU B 119 21.08 15.62 -16.06
N LYS B 120 22.07 14.98 -16.65
CA LYS B 120 22.29 15.15 -18.08
C LYS B 120 21.18 14.49 -18.90
N MET B 121 20.64 13.36 -18.43
CA MET B 121 19.48 12.80 -19.10
C MET B 121 18.31 13.77 -19.07
N THR B 122 18.07 14.40 -17.91
CA THR B 122 16.99 15.37 -17.79
C THR B 122 17.21 16.55 -18.73
N GLN B 123 18.43 17.09 -18.75
CA GLN B 123 18.71 18.25 -19.57
C GLN B 123 18.59 17.92 -21.06
N ILE B 124 19.09 16.75 -21.48
CA ILE B 124 18.96 16.35 -22.88
C ILE B 124 17.49 16.21 -23.25
N MET B 125 16.70 15.56 -22.39
CA MET B 125 15.28 15.37 -22.67
C MET B 125 14.56 16.71 -22.80
N PHE B 126 14.88 17.67 -21.93
CA PHE B 126 14.13 18.92 -21.92
C PHE B 126 14.66 19.98 -22.88
N GLU B 127 15.88 19.84 -23.39
CA GLU B 127 16.44 20.86 -24.27
C GLU B 127 16.66 20.40 -25.70
N THR B 128 16.95 19.12 -25.92
CA THR B 128 17.15 18.63 -27.28
C THR B 128 15.87 18.07 -27.88
N PHE B 129 15.13 17.27 -27.10
CA PHE B 129 13.90 16.66 -27.58
C PHE B 129 12.65 17.43 -27.17
N ASN B 130 12.77 18.35 -26.20
CA ASN B 130 11.66 19.22 -25.80
C ASN B 130 10.43 18.42 -25.38
N VAL B 131 10.66 17.41 -24.54
CA VAL B 131 9.56 16.62 -24.01
C VAL B 131 8.74 17.50 -23.07
N PRO B 132 7.43 17.27 -22.92
CA PRO B 132 6.64 18.09 -22.00
C PRO B 132 6.86 17.71 -20.55
N ALA B 133 7.15 16.43 -20.30
CA ALA B 133 7.40 15.94 -18.96
C ALA B 133 8.22 14.66 -19.05
N MET B 134 8.85 14.30 -17.95
CA MET B 134 9.69 13.10 -17.92
C MET B 134 9.82 12.64 -16.47
N TYR B 135 10.49 11.50 -16.31
CA TYR B 135 10.68 10.87 -15.01
C TYR B 135 11.77 9.82 -15.14
N VAL B 136 12.46 9.54 -14.03
CA VAL B 136 13.49 8.52 -13.96
C VAL B 136 13.17 7.60 -12.80
N ALA B 137 13.10 6.29 -13.07
CA ALA B 137 12.69 5.31 -12.09
C ALA B 137 13.74 4.22 -11.96
N ILE B 138 13.75 3.57 -10.79
CA ILE B 138 14.66 2.46 -10.52
C ILE B 138 14.09 1.18 -11.14
N GLN B 139 14.96 0.42 -11.80
CA GLN B 139 14.51 -0.75 -12.55
C GLN B 139 13.96 -1.84 -11.63
N ALA B 140 14.61 -2.06 -10.49
CA ALA B 140 14.17 -3.13 -9.59
C ALA B 140 12.81 -2.82 -8.98
N VAL B 141 12.47 -1.54 -8.82
CA VAL B 141 11.14 -1.20 -8.35
C VAL B 141 10.09 -1.56 -9.39
N LEU B 142 10.39 -1.33 -10.68
CA LEU B 142 9.48 -1.68 -11.76
C LEU B 142 9.37 -3.19 -11.95
N SER B 143 10.43 -3.94 -11.62
CA SER B 143 10.35 -5.40 -11.68
C SER B 143 9.34 -5.98 -10.71
N LEU B 144 9.03 -5.29 -9.61
CA LEU B 144 7.96 -5.70 -8.71
C LEU B 144 6.59 -5.34 -9.25
N TYR B 145 6.45 -4.16 -9.87
CA TYR B 145 5.21 -3.81 -10.54
C TYR B 145 4.85 -4.83 -11.61
N ALA B 146 5.85 -5.28 -12.38
CA ALA B 146 5.61 -6.31 -13.38
C ALA B 146 5.30 -7.66 -12.79
N SER B 147 5.83 -7.97 -11.61
CA SER B 147 5.58 -9.25 -10.94
C SER B 147 4.29 -9.24 -10.13
N GLY B 148 3.65 -8.10 -9.96
CA GLY B 148 2.40 -8.06 -9.23
C GLY B 148 2.58 -8.23 -7.74
N ARG B 149 3.64 -7.67 -7.20
CA ARG B 149 3.93 -7.80 -5.79
C ARG B 149 4.23 -6.45 -5.20
N THR B 150 4.07 -6.31 -3.89
CA THR B 150 4.42 -5.06 -3.23
C THR B 150 5.52 -5.35 -2.24
N THR B 151 5.97 -6.60 -2.19
CA THR B 151 7.03 -6.98 -1.27
C THR B 151 7.91 -8.04 -1.91
N GLY B 152 9.22 -7.85 -1.84
CA GLY B 152 10.13 -8.84 -2.37
C GLY B 152 11.52 -8.31 -2.59
N ILE B 153 12.51 -9.18 -2.69
CA ILE B 153 13.87 -8.75 -3.00
C ILE B 153 14.13 -9.11 -4.46
N VAL B 154 14.49 -8.12 -5.26
CA VAL B 154 14.65 -8.34 -6.69
C VAL B 154 16.09 -8.42 -7.16
N LEU B 155 16.44 -9.47 -7.89
CA LEU B 155 17.76 -9.58 -8.46
C LEU B 155 17.67 -9.23 -9.92
N ASP B 156 18.15 -8.06 -10.29
CA ASP B 156 18.07 -7.60 -11.68
C ASP B 156 19.48 -7.60 -12.27
N SER B 157 19.76 -8.55 -13.14
CA SER B 157 21.05 -8.67 -13.81
C SER B 157 20.83 -8.46 -15.31
N GLY B 158 21.31 -7.34 -15.83
CA GLY B 158 21.14 -7.05 -17.24
C GLY B 158 22.40 -7.26 -18.06
N ASP B 159 22.95 -6.18 -18.59
CA ASP B 159 24.17 -6.23 -19.37
C ASP B 159 25.30 -5.40 -18.79
N GLY B 160 25.01 -4.49 -17.85
CA GLY B 160 26.06 -3.72 -17.23
C GLY B 160 26.21 -3.90 -15.73
N VAL B 161 25.11 -4.13 -15.01
CA VAL B 161 25.13 -4.16 -13.55
C VAL B 161 24.25 -5.29 -13.05
N THR B 162 24.39 -5.59 -11.76
CA THR B 162 23.58 -6.60 -11.07
C THR B 162 23.26 -6.05 -9.68
N HIS B 163 22.03 -5.60 -9.49
CA HIS B 163 21.65 -4.95 -8.24
C HIS B 163 20.51 -5.69 -7.55
N ASN B 164 20.53 -5.65 -6.22
CA ASN B 164 19.49 -6.20 -5.36
C ASN B 164 18.81 -5.08 -4.60
N VAL B 165 17.49 -5.07 -4.61
CA VAL B 165 16.71 -4.05 -3.91
C VAL B 165 15.63 -4.72 -3.07
N PRO B 166 15.72 -4.69 -1.74
CA PRO B 166 14.65 -5.27 -0.90
C PRO B 166 13.54 -4.25 -0.68
N ILE B 167 12.30 -4.71 -0.87
CA ILE B 167 11.12 -3.87 -0.70
C ILE B 167 10.10 -4.63 0.13
N TYR B 168 9.49 -3.94 1.10
CA TYR B 168 8.48 -4.52 1.96
C TYR B 168 7.29 -3.57 2.04
N GLU B 169 6.14 -4.02 1.54
CA GLU B 169 4.89 -3.24 1.57
C GLU B 169 5.07 -1.88 0.93
N GLY B 170 5.80 -1.84 -0.20
CA GLY B 170 6.03 -0.62 -0.92
C GLY B 170 7.10 0.28 -0.34
N TYR B 171 7.78 -0.16 0.72
CA TYR B 171 8.85 0.60 1.34
C TYR B 171 10.17 -0.05 1.00
N ALA B 172 11.12 0.74 0.47
CA ALA B 172 12.44 0.26 0.14
C ALA B 172 13.41 0.61 1.27
N LEU B 173 14.27 -0.33 1.63
CA LEU B 173 15.31 -0.08 2.60
C LEU B 173 16.58 0.30 1.87
N PRO B 174 16.87 1.61 1.73
CA PRO B 174 17.98 2.03 0.87
C PRO B 174 19.36 1.61 1.36
N HIS B 175 19.50 1.25 2.64
CA HIS B 175 20.79 0.84 3.17
C HIS B 175 21.14 -0.60 2.82
N ALA B 176 20.18 -1.40 2.37
CA ALA B 176 20.40 -2.78 2.01
C ALA B 176 20.48 -2.99 0.50
N ILE B 177 20.49 -1.91 -0.28
CA ILE B 177 20.62 -2.02 -1.72
C ILE B 177 22.07 -2.25 -2.08
N MET B 178 22.34 -3.28 -2.88
CA MET B 178 23.69 -3.63 -3.30
C MET B 178 23.78 -3.56 -4.82
N ARG B 179 24.97 -3.24 -5.32
CA ARG B 179 25.20 -3.02 -6.74
C ARG B 179 26.54 -3.63 -7.14
N LEU B 180 26.49 -4.73 -7.86
CA LEU B 180 27.68 -5.35 -8.43
C LEU B 180 27.82 -4.97 -9.89
N ASP B 181 29.07 -4.78 -10.33
CA ASP B 181 29.37 -4.47 -11.72
C ASP B 181 29.88 -5.75 -12.38
N LEU B 182 28.94 -6.61 -12.74
CA LEU B 182 29.25 -7.89 -13.39
C LEU B 182 27.99 -8.42 -14.07
N ALA B 183 28.01 -8.52 -15.39
CA ALA B 183 26.81 -8.87 -16.13
C ALA B 183 27.20 -9.59 -17.42
N GLY B 184 26.26 -9.65 -18.36
CA GLY B 184 26.41 -10.43 -19.56
C GLY B 184 27.44 -9.92 -20.55
N ARG B 185 28.03 -8.76 -20.29
CA ARG B 185 29.16 -8.30 -21.09
C ARG B 185 30.48 -8.77 -20.54
N ASP B 186 30.64 -8.78 -19.21
CA ASP B 186 31.76 -9.47 -18.60
C ASP B 186 31.71 -10.96 -18.88
N LEU B 187 30.51 -11.54 -18.89
CA LEU B 187 30.36 -12.94 -19.28
C LEU B 187 30.79 -13.16 -20.73
N THR B 188 30.41 -12.25 -21.62
CA THR B 188 30.81 -12.38 -23.03
C THR B 188 32.32 -12.26 -23.19
N ASP B 189 32.95 -11.33 -22.46
CA ASP B 189 34.39 -11.20 -22.52
C ASP B 189 35.10 -12.43 -21.97
N TYR B 190 34.60 -13.00 -20.87
CA TYR B 190 35.19 -14.21 -20.32
C TYR B 190 35.05 -15.37 -21.30
N LEU B 191 33.90 -15.48 -21.96
CA LEU B 191 33.73 -16.53 -22.97
C LEU B 191 34.67 -16.33 -24.14
N MET B 192 34.86 -15.08 -24.57
CA MET B 192 35.84 -14.81 -25.62
C MET B 192 37.24 -15.25 -25.19
N LYS B 193 37.62 -14.97 -23.95
CA LYS B 193 38.94 -15.35 -23.45
C LYS B 193 39.11 -16.85 -23.35
N ILE B 194 38.12 -17.59 -22.84
CA ILE B 194 38.27 -19.02 -22.64
C ILE B 194 37.95 -19.84 -23.88
N LEU B 195 37.41 -19.22 -24.93
CA LEU B 195 37.26 -19.90 -26.21
C LEU B 195 38.58 -20.04 -26.95
N THR B 196 39.63 -19.36 -26.51
CA THR B 196 40.95 -19.44 -27.13
C THR B 196 41.72 -20.67 -26.68
N GLU B 197 41.19 -21.43 -25.73
CA GLU B 197 41.81 -22.67 -25.29
C GLU B 197 41.60 -23.82 -26.26
N ARG B 198 40.52 -23.80 -27.03
CA ARG B 198 40.24 -24.80 -28.04
C ARG B 198 40.71 -24.40 -29.43
N GLY B 199 41.29 -23.22 -29.58
CA GLY B 199 41.84 -22.78 -30.85
C GLY B 199 41.01 -21.77 -31.61
N TYR B 200 39.96 -21.21 -31.03
CA TYR B 200 39.15 -20.20 -31.68
C TYR B 200 39.52 -18.82 -31.15
N SER B 201 39.87 -17.92 -32.05
CA SER B 201 40.31 -16.57 -31.70
C SER B 201 39.26 -15.58 -32.19
N PHE B 202 38.48 -15.04 -31.26
CA PHE B 202 37.48 -14.01 -31.57
C PHE B 202 37.98 -12.70 -30.97
N VAL B 203 38.18 -11.70 -31.82
CA VAL B 203 38.88 -10.49 -31.40
C VAL B 203 38.03 -9.24 -31.64
N THR B 204 37.55 -9.07 -32.88
CA THR B 204 36.98 -7.79 -33.27
C THR B 204 35.62 -7.55 -32.59
N THR B 205 35.19 -6.29 -32.65
CA THR B 205 33.89 -5.91 -32.11
C THR B 205 32.74 -6.55 -32.87
N ALA B 206 32.98 -7.02 -34.10
CA ALA B 206 31.98 -7.75 -34.87
C ALA B 206 31.92 -9.23 -34.51
N GLU B 207 33.03 -9.79 -34.01
CA GLU B 207 33.06 -11.16 -33.55
C GLU B 207 32.68 -11.29 -32.08
N ARG B 208 32.75 -10.20 -31.32
CA ARG B 208 32.22 -10.22 -29.96
C ARG B 208 30.70 -10.46 -29.97
N GLU B 209 30.01 -9.94 -30.97
CA GLU B 209 28.58 -10.20 -31.10
C GLU B 209 28.29 -11.63 -31.55
N ILE B 210 29.24 -12.28 -32.23
CA ILE B 210 29.11 -13.70 -32.52
C ILE B 210 29.28 -14.51 -31.24
N VAL B 211 30.26 -14.14 -30.41
CA VAL B 211 30.48 -14.84 -29.15
C VAL B 211 29.29 -14.66 -28.22
N ARG B 212 28.66 -13.48 -28.25
CA ARG B 212 27.48 -13.27 -27.42
C ARG B 212 26.35 -14.19 -27.83
N ASP B 213 26.14 -14.38 -29.13
CA ASP B 213 25.13 -15.32 -29.60
C ASP B 213 25.46 -16.76 -29.23
N ILE B 214 26.73 -17.15 -29.34
CA ILE B 214 27.14 -18.48 -28.89
C ILE B 214 26.80 -18.66 -27.42
N LYS B 215 27.07 -17.65 -26.60
CA LYS B 215 26.74 -17.71 -25.18
C LYS B 215 25.24 -17.90 -24.98
N GLU B 216 24.44 -17.04 -25.60
CA GLU B 216 22.99 -17.07 -25.41
C GLU B 216 22.36 -18.36 -25.92
N LYS B 217 23.00 -19.03 -26.88
CA LYS B 217 22.42 -20.27 -27.41
C LYS B 217 22.98 -21.54 -26.80
N LEU B 218 24.14 -21.49 -26.11
CA LEU B 218 24.73 -22.73 -25.64
C LEU B 218 25.24 -22.68 -24.21
N CYS B 219 24.95 -21.64 -23.43
CA CYS B 219 25.48 -21.54 -22.07
C CYS B 219 24.37 -21.81 -21.06
N TYR B 220 24.69 -22.62 -20.05
CA TYR B 220 23.78 -22.94 -18.95
C TYR B 220 24.54 -22.91 -17.64
N VAL B 221 23.80 -23.05 -16.54
CA VAL B 221 24.37 -23.02 -15.19
C VAL B 221 24.29 -24.42 -14.59
N ALA B 222 25.42 -24.92 -14.12
CA ALA B 222 25.49 -26.24 -13.52
C ALA B 222 25.02 -26.22 -12.08
N LEU B 223 24.24 -27.24 -11.70
CA LEU B 223 23.83 -27.38 -10.31
C LEU B 223 25.02 -27.65 -9.40
N ASP B 224 25.92 -28.54 -9.84
CA ASP B 224 27.15 -28.84 -9.10
C ASP B 224 28.31 -28.66 -10.06
N PHE B 225 29.06 -27.56 -9.88
CA PHE B 225 30.13 -27.23 -10.81
C PHE B 225 31.21 -28.30 -10.83
N GLU B 226 31.62 -28.78 -9.65
CA GLU B 226 32.73 -29.72 -9.57
C GLU B 226 32.36 -31.13 -10.04
N ASN B 227 31.08 -31.47 -10.05
CA ASN B 227 30.65 -32.73 -10.65
C ASN B 227 30.42 -32.59 -12.15
N GLU B 228 29.97 -31.43 -12.61
CA GLU B 228 29.82 -31.22 -14.04
C GLU B 228 31.18 -31.18 -14.73
N MET B 229 32.19 -30.61 -14.07
CA MET B 229 33.54 -30.64 -14.63
C MET B 229 34.04 -32.06 -14.78
N ALA B 230 33.81 -32.90 -13.77
CA ALA B 230 34.21 -34.30 -13.86
C ALA B 230 33.46 -35.04 -14.95
N THR B 231 32.16 -34.77 -15.08
CA THR B 231 31.38 -35.38 -16.16
C THR B 231 31.91 -34.98 -17.53
N ALA B 232 32.23 -33.69 -17.71
CA ALA B 232 32.77 -33.23 -18.97
C ALA B 232 34.13 -33.87 -19.26
N ALA B 233 34.96 -34.02 -18.23
CA ALA B 233 36.24 -34.69 -18.41
C ALA B 233 36.05 -36.15 -18.81
N SER B 234 35.07 -36.83 -18.20
CA SER B 234 34.88 -38.26 -18.45
C SER B 234 34.31 -38.52 -19.84
N SER B 235 33.24 -37.81 -20.20
CA SER B 235 32.50 -38.12 -21.41
C SER B 235 32.37 -36.88 -22.29
N SER B 236 31.78 -37.07 -23.47
CA SER B 236 31.56 -35.99 -24.43
C SER B 236 30.07 -35.67 -24.58
N SER B 237 29.24 -36.06 -23.61
CA SER B 237 27.81 -35.83 -23.72
C SER B 237 27.44 -34.35 -23.56
N LEU B 238 28.36 -33.53 -23.05
CA LEU B 238 28.09 -32.11 -22.85
C LEU B 238 28.50 -31.25 -24.04
N GLU B 239 29.20 -31.81 -25.02
CA GLU B 239 29.69 -31.03 -26.14
C GLU B 239 28.58 -30.70 -27.12
N LYS B 240 28.61 -29.49 -27.65
CA LYS B 240 27.66 -29.04 -28.66
C LYS B 240 28.40 -28.26 -29.72
N SER B 241 27.81 -28.20 -30.91
CA SER B 241 28.42 -27.55 -32.05
C SER B 241 27.67 -26.27 -32.42
N TYR B 242 28.40 -25.34 -33.02
CA TYR B 242 27.84 -24.06 -33.44
C TYR B 242 28.52 -23.66 -34.73
N GLU B 243 27.73 -23.24 -35.71
CA GLU B 243 28.24 -22.92 -37.05
C GLU B 243 28.46 -21.42 -37.17
N LEU B 244 29.69 -21.03 -37.51
CA LEU B 244 30.04 -19.64 -37.65
C LEU B 244 29.41 -19.05 -38.92
N PRO B 245 29.29 -17.72 -39.00
CA PRO B 245 28.62 -17.10 -40.15
C PRO B 245 29.31 -17.31 -41.49
N ASP B 246 30.43 -18.04 -41.54
CA ASP B 246 31.10 -18.34 -42.80
C ASP B 246 31.03 -19.80 -43.20
N GLY B 247 30.55 -20.67 -42.32
CA GLY B 247 30.48 -22.11 -42.60
C GLY B 247 31.36 -22.96 -41.71
N GLN B 248 32.16 -22.37 -40.82
CA GLN B 248 32.98 -23.13 -39.91
C GLN B 248 32.18 -23.50 -38.67
N VAL B 249 32.43 -24.69 -38.14
CA VAL B 249 31.74 -25.20 -36.97
C VAL B 249 32.72 -25.27 -35.81
N ILE B 250 32.27 -24.86 -34.63
CA ILE B 250 33.08 -24.91 -33.43
C ILE B 250 32.37 -25.80 -32.40
N THR B 251 33.17 -26.48 -31.59
CA THR B 251 32.67 -27.36 -30.54
C THR B 251 33.12 -26.82 -29.20
N ILE B 252 32.21 -26.81 -28.23
CA ILE B 252 32.51 -26.36 -26.88
C ILE B 252 31.99 -27.39 -25.89
N GLY B 253 32.80 -27.67 -24.87
CA GLY B 253 32.46 -28.67 -23.86
C GLY B 253 32.09 -28.07 -22.52
N ASN B 254 33.04 -28.06 -21.59
CA ASN B 254 32.80 -27.48 -20.27
C ASN B 254 32.71 -25.95 -20.30
N GLU B 255 33.05 -25.32 -21.42
CA GLU B 255 32.89 -23.88 -21.54
C GLU B 255 31.43 -23.45 -21.52
N ARG B 256 30.50 -24.38 -21.71
CA ARG B 256 29.08 -24.07 -21.66
C ARG B 256 28.63 -23.68 -20.27
N PHE B 257 29.18 -24.32 -19.23
CA PHE B 257 28.82 -23.99 -17.86
C PHE B 257 29.95 -23.31 -17.10
N ARG B 258 31.14 -23.20 -17.68
CA ARG B 258 32.21 -22.45 -17.03
C ARG B 258 32.04 -20.94 -17.15
N CYS B 259 31.30 -20.47 -18.15
CA CYS B 259 31.12 -19.03 -18.34
C CYS B 259 30.07 -18.46 -17.39
N PRO B 260 28.88 -19.06 -17.27
CA PRO B 260 27.91 -18.56 -16.27
C PRO B 260 28.38 -18.74 -14.83
N GLU B 261 29.36 -19.60 -14.59
CA GLU B 261 29.81 -19.86 -13.22
C GLU B 261 30.41 -18.62 -12.58
N THR B 262 30.95 -17.70 -13.38
CA THR B 262 31.59 -16.51 -12.83
C THR B 262 30.59 -15.59 -12.14
N LEU B 263 29.29 -15.80 -12.35
CA LEU B 263 28.30 -15.06 -11.58
C LEU B 263 28.26 -15.54 -10.13
N PHE B 264 28.58 -16.81 -9.88
CA PHE B 264 28.65 -17.36 -8.54
C PHE B 264 30.06 -17.36 -7.98
N GLN B 265 31.08 -17.35 -8.84
CA GLN B 265 32.48 -17.27 -8.44
C GLN B 265 33.13 -16.12 -9.20
N PRO B 266 32.93 -14.88 -8.75
CA PRO B 266 33.49 -13.73 -9.47
C PRO B 266 35.00 -13.70 -9.55
N SER B 267 35.70 -14.58 -8.83
CA SER B 267 37.16 -14.62 -8.85
C SER B 267 37.71 -15.20 -10.14
N PHE B 268 36.86 -15.78 -11.00
CA PHE B 268 37.31 -16.30 -12.27
C PHE B 268 37.74 -15.21 -13.24
N ILE B 269 37.14 -14.01 -13.13
CA ILE B 269 37.57 -12.86 -13.92
C ILE B 269 38.43 -11.91 -13.10
N GLY B 270 38.86 -12.32 -11.91
CA GLY B 270 39.77 -11.53 -11.11
C GLY B 270 39.13 -10.59 -10.11
N MET B 271 37.84 -10.78 -9.80
CA MET B 271 37.14 -9.91 -8.87
C MET B 271 37.17 -10.51 -7.47
N GLU B 272 37.06 -9.62 -6.48
CA GLU B 272 37.09 -10.01 -5.07
C GLU B 272 35.69 -10.10 -4.45
N SER B 273 34.67 -9.64 -5.16
CA SER B 273 33.33 -9.61 -4.61
C SER B 273 32.77 -11.02 -4.47
N ALA B 274 31.58 -11.11 -3.89
CA ALA B 274 30.89 -12.37 -3.68
C ALA B 274 29.91 -12.64 -4.82
N GLY B 275 29.47 -13.88 -4.90
CA GLY B 275 28.53 -14.28 -5.94
C GLY B 275 27.16 -13.69 -5.73
N ILE B 276 26.32 -13.85 -6.76
CA ILE B 276 24.97 -13.31 -6.71
C ILE B 276 24.12 -14.03 -5.65
N HIS B 277 24.48 -15.26 -5.30
CA HIS B 277 23.75 -15.97 -4.26
C HIS B 277 24.07 -15.43 -2.87
N GLU B 278 25.34 -15.10 -2.62
CA GLU B 278 25.76 -14.55 -1.34
C GLU B 278 25.40 -13.09 -1.19
N THR B 279 25.41 -12.33 -2.29
CA THR B 279 24.98 -10.93 -2.22
C THR B 279 23.50 -10.82 -1.85
N THR B 280 22.66 -11.70 -2.39
CA THR B 280 21.24 -11.68 -2.03
C THR B 280 21.04 -11.97 -0.55
N TYR B 281 21.76 -12.96 -0.03
CA TYR B 281 21.65 -13.29 1.39
C TYR B 281 22.16 -12.15 2.26
N ASN B 282 23.27 -11.53 1.87
CA ASN B 282 23.80 -10.39 2.61
C ASN B 282 22.87 -9.19 2.58
N SER B 283 22.12 -9.01 1.50
CA SER B 283 21.11 -7.96 1.44
C SER B 283 19.88 -8.29 2.27
N ILE B 284 19.49 -9.56 2.33
CA ILE B 284 18.36 -9.96 3.18
C ILE B 284 18.71 -9.80 4.66
N MET B 285 19.90 -10.23 5.05
CA MET B 285 20.34 -10.16 6.44
C MET B 285 20.70 -8.76 6.90
N LYS B 286 20.67 -7.78 5.99
CA LYS B 286 20.89 -6.40 6.37
C LYS B 286 19.58 -5.66 6.64
N CYS B 287 18.45 -6.29 6.37
CA CYS B 287 17.14 -5.71 6.64
C CYS B 287 16.68 -6.09 8.04
N ASP B 288 15.49 -5.60 8.40
CA ASP B 288 14.93 -5.87 9.71
C ASP B 288 14.53 -7.34 9.84
N ILE B 289 14.56 -7.84 11.09
CA ILE B 289 14.35 -9.27 11.33
C ILE B 289 12.93 -9.69 10.96
N ASP B 290 11.96 -8.78 11.09
CA ASP B 290 10.58 -9.12 10.79
C ASP B 290 10.29 -9.11 9.29
N ILE B 291 11.25 -8.69 8.47
CA ILE B 291 11.06 -8.64 7.02
C ILE B 291 11.63 -9.88 6.33
N ARG B 292 12.55 -10.60 6.99
CA ARG B 292 13.35 -11.61 6.31
C ARG B 292 12.51 -12.81 5.89
N LYS B 293 11.53 -13.21 6.70
CA LYS B 293 10.71 -14.36 6.33
C LYS B 293 9.92 -14.10 5.06
N ASP B 294 9.39 -12.89 4.90
CA ASP B 294 8.65 -12.53 3.69
C ASP B 294 9.58 -12.19 2.53
N LEU B 295 10.85 -11.88 2.79
CA LEU B 295 11.80 -11.68 1.69
C LEU B 295 12.40 -12.97 1.17
N TYR B 296 12.51 -14.00 2.00
CA TYR B 296 13.08 -15.27 1.54
C TYR B 296 12.20 -15.92 0.48
N ALA B 297 10.89 -15.90 0.67
CA ALA B 297 9.95 -16.57 -0.23
C ALA B 297 9.54 -15.69 -1.40
N ASN B 298 10.24 -14.58 -1.62
CA ASN B 298 9.85 -13.62 -2.64
C ASN B 298 11.07 -13.13 -3.41
N ASN B 299 11.96 -14.04 -3.78
CA ASN B 299 13.13 -13.69 -4.60
C ASN B 299 12.68 -13.61 -6.06
N VAL B 300 12.56 -12.39 -6.57
CA VAL B 300 12.12 -12.15 -7.94
C VAL B 300 13.35 -11.90 -8.78
N MET B 301 13.58 -12.74 -9.79
CA MET B 301 14.72 -12.61 -10.67
C MET B 301 14.29 -11.88 -11.95
N SER B 302 15.04 -10.85 -12.32
CA SER B 302 14.76 -10.05 -13.50
C SER B 302 16.04 -9.83 -14.29
N GLY B 303 15.89 -9.44 -15.54
CA GLY B 303 17.03 -9.17 -16.40
C GLY B 303 17.31 -10.32 -17.35
N GLY B 304 18.00 -9.98 -18.45
CA GLY B 304 18.30 -10.98 -19.46
C GLY B 304 19.38 -11.96 -19.05
N THR B 305 20.28 -11.54 -18.16
CA THR B 305 21.34 -12.42 -17.70
C THR B 305 20.81 -13.55 -16.82
N THR B 306 19.61 -13.42 -16.25
CA THR B 306 19.01 -14.46 -15.45
C THR B 306 18.27 -15.50 -16.28
N MET B 307 18.58 -15.60 -17.58
CA MET B 307 17.88 -16.49 -18.49
C MET B 307 18.65 -17.78 -18.76
N TYR B 308 19.75 -18.02 -18.06
CA TYR B 308 20.46 -19.27 -18.23
C TYR B 308 19.64 -20.43 -17.67
N PRO B 309 19.69 -21.61 -18.30
CA PRO B 309 18.99 -22.77 -17.74
C PRO B 309 19.68 -23.25 -16.47
N GLY B 310 18.90 -23.36 -15.39
CA GLY B 310 19.40 -23.83 -14.11
C GLY B 310 19.81 -22.76 -13.13
N ILE B 311 19.79 -21.48 -13.54
CA ILE B 311 20.20 -20.41 -12.65
C ILE B 311 19.25 -20.31 -11.46
N ALA B 312 17.94 -20.47 -11.69
CA ALA B 312 16.98 -20.40 -10.60
C ALA B 312 17.18 -21.55 -9.61
N ASP B 313 17.41 -22.76 -10.13
CA ASP B 313 17.64 -23.91 -9.26
C ASP B 313 18.91 -23.72 -8.42
N ARG B 314 19.98 -23.23 -9.04
CA ARG B 314 21.21 -23.01 -8.28
C ARG B 314 21.05 -21.89 -7.26
N MET B 315 20.33 -20.82 -7.61
CA MET B 315 20.08 -19.77 -6.66
C MET B 315 19.30 -20.29 -5.46
N GLN B 316 18.26 -21.09 -5.71
CA GLN B 316 17.50 -21.65 -4.60
C GLN B 316 18.36 -22.56 -3.74
N LYS B 317 19.20 -23.39 -4.37
CA LYS B 317 20.08 -24.28 -3.62
C LYS B 317 21.04 -23.48 -2.73
N GLU B 318 21.69 -22.47 -3.28
CA GLU B 318 22.68 -21.70 -2.52
C GLU B 318 22.03 -20.89 -1.41
N ILE B 319 20.90 -20.23 -1.68
CA ILE B 319 20.24 -19.48 -0.63
C ILE B 319 19.66 -20.41 0.44
N THR B 320 19.18 -21.59 0.06
CA THR B 320 18.75 -22.57 1.05
C THR B 320 19.90 -23.04 1.92
N ALA B 321 21.09 -23.21 1.35
CA ALA B 321 22.27 -23.55 2.15
C ALA B 321 22.70 -22.41 3.06
N LEU B 322 22.54 -21.15 2.64
CA LEU B 322 22.92 -20.01 3.46
C LEU B 322 21.90 -19.63 4.51
N ALA B 323 20.64 -20.03 4.35
CA ALA B 323 19.56 -19.62 5.24
C ALA B 323 19.25 -20.71 6.27
N PRO B 324 18.63 -20.35 7.38
CA PRO B 324 18.23 -21.35 8.37
C PRO B 324 17.27 -22.37 7.77
N SER B 325 17.38 -23.61 8.25
CA SER B 325 16.59 -24.71 7.69
C SER B 325 15.17 -24.71 8.22
N THR B 326 14.55 -23.54 8.28
CA THR B 326 13.15 -23.40 8.62
C THR B 326 12.41 -22.47 7.67
N MET B 327 13.10 -21.60 6.97
CA MET B 327 12.50 -20.67 6.02
C MET B 327 12.16 -21.38 4.72
N LYS B 328 11.23 -20.79 3.99
CA LYS B 328 10.79 -21.32 2.69
C LYS B 328 11.42 -20.44 1.62
N ILE B 329 12.53 -20.90 1.07
CA ILE B 329 13.24 -20.16 0.03
C ILE B 329 12.55 -20.42 -1.31
N LYS B 330 12.06 -19.36 -1.93
CA LYS B 330 11.37 -19.46 -3.22
C LYS B 330 11.98 -18.47 -4.20
N ILE B 331 12.34 -18.95 -5.38
CA ILE B 331 12.90 -18.13 -6.44
C ILE B 331 11.82 -17.97 -7.50
N ILE B 332 11.38 -16.73 -7.72
CA ILE B 332 10.34 -16.42 -8.69
C ILE B 332 11.05 -15.92 -9.94
N ALA B 333 10.98 -16.71 -11.02
CA ALA B 333 11.61 -16.39 -12.30
C ALA B 333 10.56 -16.48 -13.39
N PRO B 334 9.80 -15.41 -13.64
CA PRO B 334 8.78 -15.47 -14.67
C PRO B 334 9.40 -15.68 -16.04
N PRO B 335 8.69 -16.34 -16.95
CA PRO B 335 9.26 -16.58 -18.29
C PRO B 335 9.53 -15.31 -19.08
N GLU B 336 8.88 -14.19 -18.74
CA GLU B 336 9.06 -12.93 -19.45
C GLU B 336 9.91 -11.94 -18.65
N ARG B 337 10.81 -12.45 -17.81
CA ARG B 337 11.60 -11.60 -16.94
C ARG B 337 12.61 -10.74 -17.70
N LYS B 338 12.80 -11.00 -18.99
CA LYS B 338 13.69 -10.16 -19.80
C LYS B 338 13.06 -8.81 -20.11
N TYR B 339 11.75 -8.67 -19.95
CA TYR B 339 11.04 -7.42 -20.20
C TYR B 339 10.30 -6.89 -18.99
N SER B 340 10.60 -7.42 -17.79
CA SER B 340 9.84 -7.06 -16.60
C SER B 340 10.02 -5.60 -16.23
N VAL B 341 11.22 -5.05 -16.44
CA VAL B 341 11.45 -3.64 -16.14
C VAL B 341 10.54 -2.76 -17.00
N TRP B 342 10.46 -3.06 -18.30
CA TRP B 342 9.60 -2.29 -19.18
C TRP B 342 8.13 -2.47 -18.81
N ILE B 343 7.72 -3.70 -18.49
CA ILE B 343 6.32 -3.93 -18.13
C ILE B 343 5.95 -3.13 -16.90
N GLY B 344 6.82 -3.15 -15.88
CA GLY B 344 6.55 -2.38 -14.67
C GLY B 344 6.56 -0.88 -14.93
N GLY B 345 7.44 -0.43 -15.83
CA GLY B 345 7.44 0.98 -16.18
C GLY B 345 6.14 1.41 -16.85
N SER B 346 5.63 0.58 -17.76
CA SER B 346 4.34 0.88 -18.39
C SER B 346 3.21 0.88 -17.37
N ILE B 347 3.22 -0.08 -16.46
CA ILE B 347 2.19 -0.12 -15.41
C ILE B 347 2.25 1.15 -14.56
N LEU B 348 3.46 1.57 -14.19
CA LEU B 348 3.59 2.79 -13.38
C LEU B 348 3.13 4.02 -14.15
N ALA B 349 3.49 4.11 -15.43
CA ALA B 349 3.12 5.27 -16.24
C ALA B 349 1.65 5.30 -16.59
N SER B 350 0.94 4.19 -16.48
CA SER B 350 -0.51 4.18 -16.74
C SER B 350 -1.34 4.51 -15.51
N LEU B 351 -0.72 4.62 -14.33
CA LEU B 351 -1.46 4.91 -13.11
C LEU B 351 -1.92 6.36 -13.08
N SER B 352 -3.09 6.59 -12.47
CA SER B 352 -3.60 7.95 -12.30
C SER B 352 -2.90 8.70 -11.19
N THR B 353 -2.47 7.99 -10.14
CA THR B 353 -1.76 8.64 -9.05
C THR B 353 -0.40 9.14 -9.49
N PHE B 354 0.20 8.51 -10.49
CA PHE B 354 1.53 8.89 -10.96
C PHE B 354 1.52 10.18 -11.77
N GLN B 355 0.36 10.59 -12.30
CA GLN B 355 0.31 11.74 -13.18
C GLN B 355 0.65 13.05 -12.48
N GLN B 356 0.57 13.09 -11.15
CA GLN B 356 0.97 14.26 -10.39
C GLN B 356 2.45 14.25 -10.03
N MET B 357 3.19 13.23 -10.47
CA MET B 357 4.59 13.06 -10.10
C MET B 357 5.53 13.19 -11.29
N TRP B 358 5.05 13.72 -12.42
CA TRP B 358 5.92 14.03 -13.53
C TRP B 358 6.76 15.27 -13.22
N ILE B 359 7.79 15.47 -14.02
CA ILE B 359 8.61 16.68 -13.96
C ILE B 359 8.23 17.53 -15.17
N THR B 360 7.41 18.55 -14.95
CA THR B 360 6.98 19.41 -16.04
C THR B 360 8.12 20.34 -16.45
N LYS B 361 8.00 20.89 -17.66
CA LYS B 361 9.03 21.78 -18.17
C LYS B 361 9.00 23.14 -17.47
N GLN B 362 7.87 23.54 -16.89
CA GLN B 362 7.85 24.75 -16.08
C GLN B 362 8.75 24.59 -14.86
N GLU B 363 8.63 23.45 -14.17
CA GLU B 363 9.50 23.18 -13.03
C GLU B 363 10.96 23.09 -13.41
N TYR B 364 11.28 22.50 -14.57
CA TYR B 364 12.66 22.44 -15.02
C TYR B 364 13.20 23.81 -15.37
N ASP B 365 12.40 24.64 -16.04
CA ASP B 365 12.82 26.00 -16.36
C ASP B 365 12.98 26.86 -15.12
N GLU B 366 12.25 26.55 -14.04
CA GLU B 366 12.39 27.31 -12.81
C GLU B 366 13.60 26.85 -11.98
N ALA B 367 13.76 25.54 -11.78
CA ALA B 367 14.79 25.05 -10.87
C ALA B 367 16.11 24.79 -11.60
N GLY B 368 16.07 24.09 -12.73
CA GLY B 368 17.27 23.64 -13.39
C GLY B 368 17.29 22.13 -13.51
N PRO B 369 18.46 21.56 -13.80
CA PRO B 369 18.57 20.10 -13.87
C PRO B 369 18.67 19.42 -12.53
N SER B 370 18.63 20.18 -11.43
CA SER B 370 18.70 19.63 -10.09
C SER B 370 17.32 19.29 -9.51
N ILE B 371 16.24 19.59 -10.25
CA ILE B 371 14.90 19.25 -9.78
C ILE B 371 14.68 17.74 -9.75
N VAL B 372 15.47 17.01 -10.53
CA VAL B 372 15.29 15.56 -10.61
C VAL B 372 15.69 14.88 -9.31
N HIS B 373 16.67 15.42 -8.60
CA HIS B 373 17.05 14.84 -7.32
C HIS B 373 15.96 15.04 -6.27
N ARG B 374 15.25 16.16 -6.33
CA ARG B 374 14.18 16.44 -5.39
C ARG B 374 12.87 15.76 -5.74
N LYS B 375 12.66 15.42 -7.02
CA LYS B 375 11.39 14.84 -7.42
C LYS B 375 11.44 13.33 -7.69
N CYS B 376 12.60 12.77 -8.04
CA CYS B 376 12.72 11.36 -8.36
C CYS B 376 13.55 10.68 -7.27
N PHE B 377 12.92 9.77 -6.53
CA PHE B 377 13.57 8.99 -5.48
C PHE B 377 14.31 9.88 -4.48
N THR C 7 60.23 -7.69 36.01
CA THR C 7 59.03 -8.18 35.36
C THR C 7 58.07 -7.03 35.03
N THR C 8 58.35 -6.34 33.93
CA THR C 8 57.50 -5.23 33.51
C THR C 8 56.21 -5.75 32.89
N ALA C 9 55.10 -5.08 33.22
CA ALA C 9 53.80 -5.46 32.73
C ALA C 9 53.58 -4.93 31.31
N LEU C 10 52.73 -5.63 30.55
CA LEU C 10 52.40 -5.28 29.18
C LEU C 10 50.96 -4.81 29.10
N VAL C 11 50.73 -3.72 28.39
CA VAL C 11 49.40 -3.18 28.18
C VAL C 11 49.09 -3.25 26.69
N CYS C 12 48.11 -4.06 26.32
CA CYS C 12 47.73 -4.27 24.92
C CYS C 12 46.29 -3.80 24.75
N ASP C 13 46.12 -2.64 24.11
CA ASP C 13 44.79 -2.11 23.81
C ASP C 13 44.40 -2.54 22.39
N ASN C 14 44.15 -3.84 22.24
CA ASN C 14 43.81 -4.42 20.95
C ASN C 14 42.37 -4.06 20.60
N GLY C 15 42.21 -3.07 19.73
CA GLY C 15 40.90 -2.65 19.28
C GLY C 15 40.51 -3.31 17.97
N SER C 16 39.43 -2.80 17.39
CA SER C 16 38.93 -3.37 16.13
C SER C 16 39.87 -3.07 14.97
N GLY C 17 40.28 -1.81 14.83
CA GLY C 17 41.10 -1.41 13.71
C GLY C 17 42.59 -1.32 13.99
N LEU C 18 42.95 -0.67 15.09
CA LEU C 18 44.35 -0.44 15.46
C LEU C 18 44.68 -1.19 16.74
N VAL C 19 45.90 -1.70 16.80
CA VAL C 19 46.41 -2.37 18.00
C VAL C 19 47.44 -1.46 18.67
N LYS C 20 47.22 -1.16 19.94
CA LYS C 20 48.13 -0.34 20.72
C LYS C 20 48.77 -1.20 21.79
N ALA C 21 50.11 -1.21 21.82
CA ALA C 21 50.87 -2.01 22.77
C ALA C 21 51.99 -1.16 23.36
N GLY C 22 52.77 -1.77 24.23
CA GLY C 22 53.87 -1.09 24.89
C GLY C 22 54.16 -1.72 26.23
N PHE C 23 54.77 -0.93 27.12
CA PHE C 23 55.15 -1.39 28.44
C PHE C 23 54.48 -0.51 29.49
N ALA C 24 54.19 -1.12 30.64
CA ALA C 24 53.56 -0.41 31.75
C ALA C 24 54.58 0.55 32.36
N GLY C 25 54.32 1.85 32.24
CA GLY C 25 55.24 2.84 32.76
C GLY C 25 55.63 3.88 31.72
N ASP C 26 55.58 3.49 30.45
CA ASP C 26 55.92 4.40 29.37
C ASP C 26 54.83 5.45 29.20
N ASP C 27 55.17 6.52 28.50
CA ASP C 27 54.25 7.64 28.30
C ASP C 27 53.37 7.50 27.07
N ALA C 28 53.82 6.79 26.05
CA ALA C 28 53.06 6.62 24.82
C ALA C 28 53.24 5.20 24.30
N PRO C 29 52.26 4.68 23.57
CA PRO C 29 52.41 3.35 22.97
C PRO C 29 53.54 3.32 21.95
N ARG C 30 54.18 2.15 21.84
CA ARG C 30 55.31 1.96 20.95
C ARG C 30 55.03 1.04 19.78
N ALA C 31 53.86 0.40 19.74
CA ALA C 31 53.53 -0.61 18.74
C ALA C 31 52.15 -0.37 18.15
N VAL C 32 51.89 0.86 17.72
CA VAL C 32 50.62 1.22 17.10
C VAL C 32 50.65 0.78 15.64
N PHE C 33 49.94 -0.29 15.32
CA PHE C 33 49.86 -0.80 13.96
C PHE C 33 48.46 -1.36 13.71
N PRO C 34 48.01 -1.38 12.46
CA PRO C 34 46.65 -1.84 12.16
C PRO C 34 46.46 -3.32 12.50
N SER C 35 45.19 -3.72 12.54
CA SER C 35 44.80 -5.04 13.00
C SER C 35 44.20 -5.88 11.86
N ILE C 36 44.87 -5.89 10.71
CA ILE C 36 44.42 -6.63 9.55
C ILE C 36 45.32 -7.85 9.34
N VAL C 37 44.76 -8.88 8.74
CA VAL C 37 45.48 -10.11 8.39
C VAL C 37 45.17 -10.41 6.93
N GLY C 38 46.11 -10.08 6.03
CA GLY C 38 45.90 -10.33 4.62
C GLY C 38 46.41 -11.69 4.18
N ARG C 39 45.81 -12.17 3.09
CA ARG C 39 46.19 -13.44 2.48
C ARG C 39 46.28 -13.26 0.97
N PRO C 40 47.14 -14.02 0.30
CA PRO C 40 47.31 -13.87 -1.15
C PRO C 40 46.01 -14.17 -1.90
N ARG C 41 45.79 -13.42 -2.97
CA ARG C 41 44.61 -13.55 -3.80
C ARG C 41 44.94 -14.02 -5.22
N HIS C 42 45.93 -13.42 -5.86
CA HIS C 42 46.27 -13.73 -7.24
C HIS C 42 47.17 -14.97 -7.29
N GLN C 43 47.74 -15.24 -8.45
CA GLN C 43 48.55 -16.42 -8.69
C GLN C 43 50.04 -16.07 -8.64
N GLY C 44 50.84 -16.96 -8.05
CA GLY C 44 52.27 -16.79 -8.03
C GLY C 44 52.94 -17.47 -9.21
N VAL C 45 53.70 -16.70 -9.99
CA VAL C 45 54.29 -17.22 -11.23
C VAL C 45 55.80 -17.40 -11.07
N MET C 46 56.44 -16.52 -10.29
CA MET C 46 57.89 -16.52 -10.15
C MET C 46 58.30 -17.56 -9.12
N VAL C 47 58.89 -18.67 -9.59
CA VAL C 47 59.38 -19.70 -8.69
C VAL C 47 60.69 -19.24 -8.07
N GLY C 48 60.80 -19.39 -6.75
CA GLY C 48 61.96 -18.99 -5.99
C GLY C 48 61.73 -17.82 -5.07
N MET C 49 60.69 -17.03 -5.32
CA MET C 49 60.36 -15.91 -4.45
C MET C 49 59.90 -16.42 -3.09
N GLY C 50 60.33 -15.75 -2.03
CA GLY C 50 59.87 -16.08 -0.70
C GLY C 50 58.43 -15.67 -0.52
N GLN C 51 57.53 -16.65 -0.39
CA GLN C 51 56.10 -16.41 -0.34
C GLN C 51 55.57 -16.72 1.04
N LYS C 52 54.81 -15.78 1.61
CA LYS C 52 54.17 -15.95 2.90
C LYS C 52 52.67 -16.11 2.72
N ASP C 53 52.09 -17.01 3.52
CA ASP C 53 50.65 -17.27 3.45
C ASP C 53 49.81 -16.28 4.24
N SER C 54 50.43 -15.45 5.08
CA SER C 54 49.70 -14.47 5.87
C SER C 54 50.61 -13.30 6.19
N TYR C 55 50.11 -12.09 5.98
CA TYR C 55 50.82 -10.86 6.32
C TYR C 55 50.03 -10.13 7.39
N VAL C 56 50.68 -9.84 8.51
CA VAL C 56 50.02 -9.27 9.68
C VAL C 56 50.66 -7.93 10.00
N GLY C 57 49.82 -6.90 10.17
CA GLY C 57 50.27 -5.61 10.65
C GLY C 57 50.62 -4.67 9.50
N ASP C 58 51.75 -3.96 9.65
CA ASP C 58 52.16 -2.96 8.67
C ASP C 58 52.60 -3.56 7.35
N GLU C 59 53.01 -4.83 7.32
CA GLU C 59 53.43 -5.46 6.08
C GLU C 59 52.25 -5.88 5.21
N ALA C 60 51.03 -5.84 5.74
CA ALA C 60 49.84 -6.08 4.94
C ALA C 60 49.32 -4.82 4.27
N GLN C 61 49.84 -3.65 4.64
CA GLN C 61 49.49 -2.41 3.97
C GLN C 61 50.46 -2.04 2.86
N SER C 62 51.68 -2.58 2.87
CA SER C 62 52.62 -2.34 1.79
C SER C 62 52.27 -3.17 0.56
N LYS C 63 52.12 -4.48 0.74
CA LYS C 63 51.64 -5.37 -0.33
C LYS C 63 50.12 -5.44 -0.30
N ARG C 64 49.50 -4.28 -0.39
CA ARG C 64 48.06 -4.13 -0.25
C ARG C 64 47.30 -4.40 -1.55
N GLY C 65 48.00 -4.52 -2.68
CA GLY C 65 47.38 -4.75 -3.96
C GLY C 65 47.26 -6.19 -4.39
N ILE C 66 47.77 -7.14 -3.60
CA ILE C 66 47.74 -8.54 -3.98
C ILE C 66 47.18 -9.38 -2.82
N LEU C 67 46.58 -8.71 -1.84
CA LEU C 67 46.09 -9.38 -0.64
C LEU C 67 44.63 -9.04 -0.40
N THR C 68 43.95 -9.94 0.31
CA THR C 68 42.59 -9.73 0.78
C THR C 68 42.65 -9.46 2.27
N LEU C 69 42.32 -8.24 2.68
CA LEU C 69 42.42 -7.84 4.08
C LEU C 69 41.13 -8.19 4.83
N LYS C 70 41.30 -8.70 6.04
CA LYS C 70 40.17 -9.10 6.89
C LYS C 70 40.45 -8.68 8.32
N TYR C 71 39.49 -7.97 8.92
CA TYR C 71 39.60 -7.62 10.33
C TYR C 71 39.06 -8.76 11.19
N PRO C 72 39.86 -9.33 12.10
CA PRO C 72 39.35 -10.40 12.96
C PRO C 72 38.40 -9.92 14.04
N ILE C 73 38.31 -8.62 14.30
CA ILE C 73 37.48 -8.07 15.34
C ILE C 73 36.44 -7.16 14.70
N GLU C 74 35.17 -7.43 14.98
CA GLU C 74 34.11 -6.55 14.50
C GLU C 74 33.17 -6.17 15.64
N HIC C 75 32.91 -4.87 15.77
CA HIC C 75 32.03 -4.33 16.78
C HIC C 75 32.44 -4.76 18.20
O HIC C 75 31.63 -4.92 19.12
CB HIC C 75 30.56 -4.72 16.59
CG HIC C 75 30.01 -4.16 15.33
ND1 HIC C 75 30.13 -2.82 14.94
CD2 HIC C 75 29.30 -4.88 14.35
CE1 HIC C 75 29.50 -2.73 13.76
NE2 HIC C 75 28.98 -3.96 13.36
CZ HIC C 75 28.26 -4.23 12.16
N GLY C 76 33.74 -4.95 18.36
CA GLY C 76 34.29 -5.35 19.65
C GLY C 76 34.45 -6.85 19.82
N ILE C 77 33.53 -7.61 19.24
CA ILE C 77 33.55 -9.06 19.37
C ILE C 77 34.59 -9.64 18.42
N ILE C 78 35.30 -10.67 18.87
CA ILE C 78 36.33 -11.33 18.08
C ILE C 78 35.69 -12.49 17.32
N THR C 79 35.82 -12.48 16.00
CA THR C 79 35.21 -13.48 15.14
C THR C 79 36.17 -14.57 14.68
N ASN C 80 37.43 -14.22 14.42
CA ASN C 80 38.42 -15.17 13.91
C ASN C 80 39.50 -15.35 14.98
N TRP C 81 39.40 -16.44 15.72
CA TRP C 81 40.30 -16.70 16.83
C TRP C 81 41.65 -17.26 16.40
N ASP C 82 41.84 -17.54 15.11
CA ASP C 82 43.15 -17.85 14.57
C ASP C 82 43.89 -16.61 14.09
N ASP C 83 43.19 -15.72 13.40
CA ASP C 83 43.78 -14.43 13.05
C ASP C 83 44.07 -13.60 14.29
N MET C 84 43.23 -13.71 15.32
CA MET C 84 43.54 -13.03 16.59
C MET C 84 44.84 -13.57 17.20
N GLU C 85 45.03 -14.89 17.17
CA GLU C 85 46.28 -15.46 17.67
C GLU C 85 47.47 -14.99 16.83
N LYS C 86 47.29 -14.91 15.51
CA LYS C 86 48.37 -14.42 14.66
C LYS C 86 48.74 -12.98 15.00
N ILE C 87 47.72 -12.13 15.20
CA ILE C 87 47.98 -10.74 15.55
C ILE C 87 48.67 -10.63 16.90
N TRP C 88 48.23 -11.41 17.88
CA TRP C 88 48.87 -11.37 19.20
C TRP C 88 50.32 -11.86 19.13
N HIS C 89 50.57 -12.92 18.35
CA HIS C 89 51.94 -13.40 18.16
C HIS C 89 52.81 -12.33 17.53
N HIS C 90 52.29 -11.66 16.49
CA HIS C 90 53.05 -10.59 15.85
C HIS C 90 53.34 -9.47 16.83
N THR C 91 52.34 -9.07 17.62
CA THR C 91 52.53 -7.99 18.58
C THR C 91 53.59 -8.34 19.62
N PHE C 92 53.55 -9.57 20.13
CA PHE C 92 54.46 -9.95 21.20
C PHE C 92 55.88 -10.21 20.70
N TYR C 93 56.04 -10.73 19.49
CA TYR C 93 57.36 -11.13 19.01
C TYR C 93 57.99 -10.11 18.06
N ASN C 94 57.28 -9.71 17.00
CA ASN C 94 57.86 -8.86 15.99
C ASN C 94 57.81 -7.37 16.34
N GLU C 95 56.94 -6.97 17.26
CA GLU C 95 56.80 -5.57 17.62
C GLU C 95 57.42 -5.24 18.98
N LEU C 96 57.00 -5.94 20.03
CA LEU C 96 57.55 -5.70 21.36
C LEU C 96 58.88 -6.41 21.58
N ARG C 97 59.14 -7.51 20.85
CA ARG C 97 60.36 -8.30 21.02
C ARG C 97 60.49 -8.81 22.46
N VAL C 98 59.37 -9.23 23.04
CA VAL C 98 59.32 -9.71 24.41
C VAL C 98 58.68 -11.09 24.44
N ALA C 99 59.29 -12.01 25.17
CA ALA C 99 58.69 -13.31 25.39
C ALA C 99 57.51 -13.19 26.35
N PRO C 100 56.32 -13.68 25.98
CA PRO C 100 55.15 -13.50 26.85
C PRO C 100 55.19 -14.31 28.14
N GLU C 101 56.18 -15.19 28.31
CA GLU C 101 56.26 -16.03 29.50
C GLU C 101 56.60 -15.24 30.75
N GLU C 102 57.37 -14.16 30.63
CA GLU C 102 57.94 -13.47 31.79
C GLU C 102 57.37 -12.06 32.00
N HIS C 103 56.22 -11.75 31.42
CA HIS C 103 55.65 -10.41 31.53
C HIS C 103 54.15 -10.50 31.77
N PRO C 104 53.63 -9.92 32.85
CA PRO C 104 52.17 -9.81 33.00
C PRO C 104 51.59 -8.93 31.90
N THR C 105 50.36 -9.24 31.51
CA THR C 105 49.70 -8.57 30.39
C THR C 105 48.37 -7.99 30.83
N LEU C 106 48.02 -6.84 30.25
CA LEU C 106 46.75 -6.17 30.51
C LEU C 106 46.01 -5.97 29.19
N LEU C 107 44.70 -6.22 29.21
CA LEU C 107 43.88 -6.14 28.02
C LEU C 107 42.65 -5.27 28.28
N THR C 108 42.10 -4.72 27.20
CA THR C 108 40.92 -3.86 27.26
C THR C 108 39.78 -4.50 26.48
N GLU C 109 38.56 -4.24 26.92
CA GLU C 109 37.38 -4.83 26.31
C GLU C 109 36.21 -3.86 26.43
N ALA C 110 35.24 -4.00 25.51
CA ALA C 110 34.05 -3.17 25.55
C ALA C 110 33.21 -3.50 26.79
N PRO C 111 32.50 -2.52 27.34
CA PRO C 111 31.74 -2.76 28.58
C PRO C 111 30.67 -3.83 28.47
N LEU C 112 30.00 -3.95 27.32
CA LEU C 112 28.88 -4.87 27.22
C LEU C 112 29.09 -5.93 26.15
N ASN C 113 30.29 -6.51 26.12
CA ASN C 113 30.58 -7.58 25.18
C ASN C 113 30.06 -8.92 25.69
N PRO C 114 29.89 -9.91 24.81
CA PRO C 114 29.48 -11.24 25.28
C PRO C 114 30.49 -11.84 26.25
N LYS C 115 29.99 -12.64 27.19
CA LYS C 115 30.83 -13.20 28.23
C LYS C 115 31.81 -14.25 27.71
N ALA C 116 31.56 -14.82 26.54
CA ALA C 116 32.48 -15.81 25.99
C ALA C 116 33.77 -15.18 25.47
N ASN C 117 33.70 -13.92 25.04
CA ASN C 117 34.87 -13.25 24.49
C ASN C 117 36.00 -13.16 25.52
N ARG C 118 35.68 -12.65 26.71
CA ARG C 118 36.71 -12.49 27.73
C ARG C 118 37.23 -13.84 28.21
N GLU C 119 36.35 -14.84 28.29
CA GLU C 119 36.80 -16.18 28.67
C GLU C 119 37.76 -16.74 27.64
N LYS C 120 37.49 -16.53 26.35
CA LYS C 120 38.38 -17.03 25.32
C LYS C 120 39.72 -16.29 25.34
N MET C 121 39.70 -14.98 25.56
CA MET C 121 40.97 -14.26 25.72
C MET C 121 41.76 -14.79 26.91
N THR C 122 41.07 -15.05 28.03
CA THR C 122 41.74 -15.60 29.20
C THR C 122 42.39 -16.94 28.87
N GLN C 123 41.64 -17.83 28.21
CA GLN C 123 42.17 -19.15 27.87
C GLN C 123 43.38 -19.02 26.95
N ILE C 124 43.29 -18.16 25.92
CA ILE C 124 44.38 -18.02 24.98
C ILE C 124 45.63 -17.49 25.68
N MET C 125 45.46 -16.45 26.51
CA MET C 125 46.62 -15.83 27.14
C MET C 125 47.23 -16.73 28.21
N PHE C 126 46.42 -17.60 28.83
CA PHE C 126 46.95 -18.46 29.88
C PHE C 126 47.40 -19.82 29.38
N GLU C 127 47.11 -20.18 28.13
CA GLU C 127 47.57 -21.45 27.61
C GLU C 127 48.52 -21.33 26.43
N THR C 128 48.16 -20.54 25.40
CA THR C 128 49.01 -20.43 24.23
C THR C 128 50.27 -19.63 24.54
N PHE C 129 50.15 -18.56 25.32
CA PHE C 129 51.28 -17.69 25.63
C PHE C 129 51.80 -17.85 27.05
N ASN C 130 50.99 -18.37 27.97
CA ASN C 130 51.42 -18.70 29.33
C ASN C 130 51.96 -17.47 30.07
N VAL C 131 51.17 -16.40 30.05
CA VAL C 131 51.53 -15.18 30.76
C VAL C 131 51.46 -15.44 32.26
N PRO C 132 52.31 -14.81 33.08
CA PRO C 132 52.24 -15.05 34.52
C PRO C 132 51.03 -14.40 35.17
N ALA C 133 50.57 -13.27 34.67
CA ALA C 133 49.41 -12.58 35.23
C ALA C 133 48.66 -11.90 34.10
N MET C 134 47.38 -11.62 34.35
CA MET C 134 46.52 -11.03 33.33
C MET C 134 45.38 -10.28 34.01
N TYR C 135 44.88 -9.25 33.31
CA TYR C 135 43.73 -8.50 33.78
C TYR C 135 43.04 -7.86 32.57
N VAL C 136 41.72 -7.75 32.67
CA VAL C 136 40.90 -7.14 31.62
C VAL C 136 40.20 -5.94 32.23
N ALA C 137 40.36 -4.77 31.60
CA ALA C 137 39.82 -3.52 32.10
C ALA C 137 38.81 -2.95 31.10
N ILE C 138 38.10 -1.92 31.55
CA ILE C 138 37.12 -1.20 30.73
C ILE C 138 37.76 0.07 30.22
N GLN C 139 37.56 0.35 28.93
CA GLN C 139 38.28 1.44 28.27
C GLN C 139 37.91 2.81 28.85
N ALA C 140 36.68 2.98 29.32
CA ALA C 140 36.27 4.28 29.87
C ALA C 140 37.03 4.60 31.15
N VAL C 141 37.23 3.59 32.01
CA VAL C 141 37.98 3.81 33.24
C VAL C 141 39.42 4.22 32.94
N LEU C 142 40.04 3.56 31.96
CA LEU C 142 41.39 3.93 31.56
C LEU C 142 41.43 5.31 30.93
N SER C 143 40.40 5.69 30.18
CA SER C 143 40.32 7.05 29.64
C SER C 143 40.25 8.07 30.77
N LEU C 144 39.47 7.79 31.81
CA LEU C 144 39.42 8.67 32.98
C LEU C 144 40.78 8.75 33.67
N TYR C 145 41.46 7.61 33.80
CA TYR C 145 42.80 7.61 34.40
C TYR C 145 43.76 8.49 33.60
N ALA C 146 43.73 8.38 32.27
CA ALA C 146 44.57 9.22 31.43
C ALA C 146 44.21 10.69 31.58
N SER C 147 42.91 11.00 31.62
CA SER C 147 42.47 12.37 31.80
C SER C 147 42.72 12.90 33.20
N GLY C 148 43.09 12.04 34.14
CA GLY C 148 43.38 12.48 35.49
C GLY C 148 42.18 12.99 36.25
N ARG C 149 41.05 12.29 36.15
CA ARG C 149 39.82 12.66 36.84
C ARG C 149 39.22 11.44 37.49
N THR C 150 38.43 11.68 38.54
CA THR C 150 37.73 10.61 39.26
C THR C 150 36.23 10.63 39.03
N THR C 151 35.67 11.75 38.56
CA THR C 151 34.25 11.87 38.27
C THR C 151 34.07 12.38 36.85
N GLY C 152 33.23 11.70 36.09
CA GLY C 152 32.97 12.10 34.73
C GLY C 152 32.42 10.96 33.90
N ILE C 153 31.81 11.32 32.77
CA ILE C 153 31.26 10.37 31.82
C ILE C 153 32.13 10.39 30.58
N VAL C 154 32.52 9.22 30.13
CA VAL C 154 33.35 9.12 28.96
C VAL C 154 32.56 8.76 27.73
N LEU C 155 32.89 9.35 26.58
CA LEU C 155 32.24 8.98 25.33
C LEU C 155 33.28 8.35 24.46
N ASP C 156 33.56 7.09 24.67
CA ASP C 156 34.58 6.40 23.91
C ASP C 156 34.10 5.96 22.54
N SER C 157 34.77 6.36 21.48
CA SER C 157 34.39 5.93 20.15
C SER C 157 35.57 5.53 19.27
N GLY C 158 35.74 4.25 19.02
CA GLY C 158 36.79 3.80 18.14
C GLY C 158 36.39 3.48 16.73
N ASP C 159 36.55 2.25 16.29
CA ASP C 159 36.06 1.90 14.97
C ASP C 159 35.07 0.75 15.08
N GLY C 160 34.83 0.27 16.30
CA GLY C 160 33.86 -0.78 16.52
C GLY C 160 32.65 -0.32 17.30
N VAL C 161 32.82 0.10 18.55
CA VAL C 161 31.70 0.52 19.40
C VAL C 161 31.77 1.95 19.90
N THR C 162 30.69 2.49 20.41
CA THR C 162 30.58 3.85 20.95
C THR C 162 29.82 3.73 22.27
N HIS C 163 30.55 3.69 23.38
CA HIS C 163 29.96 3.43 24.68
C HIS C 163 30.16 4.61 25.62
N ASN C 164 29.19 4.79 26.53
CA ASN C 164 29.24 5.81 27.57
C ASN C 164 29.20 5.13 28.93
N VAL C 165 30.10 5.52 29.83
CA VAL C 165 30.17 4.97 31.17
C VAL C 165 30.24 6.12 32.17
N PRO C 166 29.26 6.29 33.04
CA PRO C 166 29.35 7.37 34.05
C PRO C 166 30.02 6.90 35.32
N ILE C 167 30.99 7.69 35.80
CA ILE C 167 31.74 7.36 37.02
C ILE C 167 31.73 8.59 37.93
N TYR C 168 31.46 8.38 39.21
CA TYR C 168 31.43 9.45 40.20
C TYR C 168 32.27 9.03 41.40
N GLU C 169 33.35 9.77 41.64
CA GLU C 169 34.24 9.53 42.78
C GLU C 169 34.73 8.08 42.80
N GLY C 170 35.08 7.58 41.63
CA GLY C 170 35.55 6.21 41.51
C GLY C 170 34.46 5.16 41.56
N TYR C 171 33.20 5.56 41.53
CA TYR C 171 32.07 4.63 41.56
C TYR C 171 31.32 4.73 40.24
N ALA C 172 31.12 3.59 39.60
CA ALA C 172 30.44 3.52 38.31
C ALA C 172 28.99 3.11 38.48
N LEU C 173 28.16 3.53 37.53
CA LEU C 173 26.74 3.18 37.53
C LEU C 173 26.47 2.22 36.37
N PRO C 174 26.39 0.91 36.62
CA PRO C 174 26.22 -0.04 35.51
C PRO C 174 24.92 0.14 34.75
N HIS C 175 23.86 0.61 35.41
CA HIS C 175 22.56 0.72 34.74
C HIS C 175 22.48 1.88 33.76
N ALA C 176 23.44 2.80 33.80
CA ALA C 176 23.46 3.94 32.88
C ALA C 176 24.49 3.78 31.77
N ILE C 177 25.06 2.60 31.62
CA ILE C 177 26.04 2.36 30.55
C ILE C 177 25.28 2.10 29.24
N MET C 178 25.66 2.83 28.20
CA MET C 178 25.03 2.74 26.89
C MET C 178 26.03 2.17 25.89
N ARG C 179 25.65 1.16 25.13
CA ARG C 179 26.53 0.63 24.09
C ARG C 179 25.87 0.73 22.74
N LEU C 180 26.48 1.47 21.82
CA LEU C 180 25.93 1.60 20.48
C LEU C 180 26.95 1.10 19.47
N ASP C 181 26.55 0.17 18.62
CA ASP C 181 27.49 -0.39 17.63
C ASP C 181 27.54 0.47 16.37
N LEU C 182 27.95 1.72 16.50
CA LEU C 182 28.11 2.58 15.34
C LEU C 182 29.40 3.34 15.52
N ALA C 183 30.37 3.12 14.65
CA ALA C 183 31.67 3.76 14.80
C ALA C 183 32.38 3.95 13.47
N GLY C 184 33.71 4.07 13.51
CA GLY C 184 34.46 4.33 12.28
C GLY C 184 34.18 3.44 11.10
N ARG C 185 34.00 2.15 11.34
CA ARG C 185 33.81 1.23 10.23
C ARG C 185 32.61 1.64 9.37
N ASP C 186 31.40 1.71 9.94
CA ASP C 186 30.28 2.16 9.15
C ASP C 186 30.47 3.60 8.67
N LEU C 187 31.20 4.42 9.41
CA LEU C 187 31.56 5.75 8.94
C LEU C 187 32.41 5.70 7.67
N THR C 188 33.26 4.69 7.53
CA THR C 188 34.03 4.51 6.30
C THR C 188 33.18 3.87 5.20
N ASP C 189 32.37 2.87 5.55
CA ASP C 189 31.53 2.19 4.58
C ASP C 189 30.39 3.05 4.05
N TYR C 190 30.06 4.14 4.74
CA TYR C 190 29.06 5.09 4.27
C TYR C 190 29.66 6.18 3.39
N LEU C 191 30.88 6.63 3.69
CA LEU C 191 31.59 7.50 2.75
C LEU C 191 31.91 6.75 1.46
N MET C 192 32.27 5.47 1.58
CA MET C 192 32.53 4.64 0.40
C MET C 192 31.28 4.44 -0.45
N LYS C 193 30.10 4.62 0.13
CA LYS C 193 28.85 4.51 -0.60
C LYS C 193 28.36 5.84 -1.16
N ILE C 194 28.52 6.94 -0.41
CA ILE C 194 28.12 8.25 -0.90
C ILE C 194 29.18 8.88 -1.80
N LEU C 195 30.34 8.25 -1.95
CA LEU C 195 31.33 8.71 -2.92
C LEU C 195 30.99 8.29 -4.34
N THR C 196 30.00 7.43 -4.53
CA THR C 196 29.57 6.99 -5.85
C THR C 196 28.69 8.01 -6.55
N GLU C 197 28.26 9.06 -5.86
CA GLU C 197 27.44 10.10 -6.49
C GLU C 197 28.25 10.99 -7.41
N ARG C 198 29.58 11.02 -7.27
CA ARG C 198 30.43 11.80 -8.15
C ARG C 198 31.20 10.95 -9.15
N GLY C 199 31.02 9.64 -9.14
CA GLY C 199 31.64 8.75 -10.10
C GLY C 199 32.71 7.85 -9.52
N TYR C 200 33.23 8.14 -8.34
CA TYR C 200 34.27 7.33 -7.74
C TYR C 200 33.67 6.04 -7.19
N SER C 201 34.28 4.90 -7.54
CA SER C 201 33.79 3.59 -7.15
C SER C 201 34.92 2.82 -6.48
N PHE C 202 34.87 2.72 -5.15
CA PHE C 202 35.82 1.92 -4.39
C PHE C 202 35.08 0.71 -3.83
N VAL C 203 35.47 -0.48 -4.28
CA VAL C 203 34.82 -1.72 -3.89
C VAL C 203 35.79 -2.66 -3.17
N THR C 204 37.04 -2.73 -3.62
CA THR C 204 38.02 -3.64 -3.06
C THR C 204 38.29 -3.30 -1.59
N THR C 205 38.55 -4.34 -0.80
CA THR C 205 38.93 -4.15 0.60
C THR C 205 40.20 -3.31 0.73
N ALA C 206 41.06 -3.32 -0.29
CA ALA C 206 42.23 -2.44 -0.30
C ALA C 206 41.88 -0.99 -0.62
N GLU C 207 40.82 -0.76 -1.39
CA GLU C 207 40.32 0.59 -1.64
C GLU C 207 39.52 1.13 -0.47
N ARG C 208 38.96 0.26 0.37
CA ARG C 208 38.37 0.70 1.62
C ARG C 208 39.41 1.36 2.52
N GLU C 209 40.65 0.89 2.48
CA GLU C 209 41.74 1.51 3.23
C GLU C 209 42.14 2.87 2.67
N ILE C 210 41.79 3.17 1.42
CA ILE C 210 42.03 4.47 0.82
C ILE C 210 40.88 5.40 1.21
N VAL C 211 39.67 4.86 1.21
CA VAL C 211 38.52 5.63 1.69
C VAL C 211 38.69 6.01 3.15
N ARG C 212 39.23 5.11 3.97
CA ARG C 212 39.48 5.43 5.37
C ARG C 212 40.49 6.56 5.51
N ASP C 213 41.55 6.54 4.70
CA ASP C 213 42.51 7.63 4.71
C ASP C 213 41.93 8.95 4.23
N ILE C 214 41.03 8.92 3.24
CA ILE C 214 40.34 10.14 2.81
C ILE C 214 39.49 10.69 3.95
N LYS C 215 38.78 9.81 4.66
CA LYS C 215 37.95 10.24 5.78
C LYS C 215 38.80 10.81 6.91
N GLU C 216 39.94 10.19 7.20
CA GLU C 216 40.82 10.66 8.26
C GLU C 216 41.50 11.98 7.93
N LYS C 217 41.44 12.43 6.68
CA LYS C 217 42.17 13.62 6.26
C LYS C 217 41.30 14.78 5.80
N LEU C 218 40.07 14.53 5.32
CA LEU C 218 39.27 15.62 4.77
C LEU C 218 37.88 15.73 5.38
N CYS C 219 37.59 15.01 6.46
CA CYS C 219 36.26 15.00 7.06
C CYS C 219 36.24 15.81 8.35
N TYR C 220 35.25 16.68 8.48
CA TYR C 220 35.04 17.48 9.67
C TYR C 220 33.57 17.42 10.08
N VAL C 221 33.28 17.95 11.26
CA VAL C 221 31.93 17.99 11.81
C VAL C 221 31.43 19.43 11.75
N ALA C 222 30.30 19.63 11.09
CA ALA C 222 29.73 20.96 10.94
C ALA C 222 28.96 21.38 12.19
N LEU C 223 29.03 22.66 12.51
CA LEU C 223 28.28 23.18 13.66
C LEU C 223 26.78 23.17 13.38
N ASP C 224 26.37 23.60 12.19
CA ASP C 224 24.97 23.60 11.77
C ASP C 224 24.89 22.94 10.40
N PHE C 225 24.24 21.76 10.34
CA PHE C 225 24.22 21.00 9.10
C PHE C 225 23.45 21.72 8.00
N GLU C 226 22.32 22.34 8.34
CA GLU C 226 21.52 23.01 7.31
C GLU C 226 22.25 24.23 6.76
N ASN C 227 22.82 25.06 7.62
CA ASN C 227 23.58 26.21 7.17
C ASN C 227 24.88 25.83 6.49
N GLU C 228 25.41 24.63 6.77
CA GLU C 228 26.60 24.13 6.08
C GLU C 228 26.26 23.63 4.68
N MET C 229 25.12 22.92 4.54
CA MET C 229 24.69 22.48 3.22
C MET C 229 24.28 23.67 2.35
N ALA C 230 23.65 24.68 2.94
CA ALA C 230 23.28 25.87 2.18
C ALA C 230 24.48 26.63 1.65
N THR C 231 25.65 26.50 2.28
CA THR C 231 26.87 27.11 1.78
C THR C 231 27.68 26.18 0.87
N ALA C 232 27.56 24.87 1.06
CA ALA C 232 28.19 23.90 0.17
C ALA C 232 27.44 23.77 -1.16
N ALA C 233 26.18 24.21 -1.20
CA ALA C 233 25.42 24.20 -2.44
C ALA C 233 25.36 25.58 -3.11
N SER C 234 26.04 26.58 -2.56
CA SER C 234 26.01 27.93 -3.11
C SER C 234 27.36 28.41 -3.62
N SER C 235 28.44 27.72 -3.30
CA SER C 235 29.78 28.11 -3.74
C SER C 235 30.67 26.86 -3.76
N SER C 236 31.95 27.06 -4.01
CA SER C 236 32.93 25.99 -4.08
C SER C 236 34.07 26.22 -3.12
N SER C 237 33.79 26.87 -1.99
CA SER C 237 34.80 27.16 -0.99
C SER C 237 35.03 26.00 -0.03
N LEU C 238 34.19 24.97 -0.07
CA LEU C 238 34.33 23.81 0.82
C LEU C 238 34.94 22.60 0.12
N GLU C 239 35.30 22.73 -1.16
CA GLU C 239 35.80 21.60 -1.91
C GLU C 239 37.27 21.36 -1.62
N LYS C 240 37.65 20.08 -1.55
CA LYS C 240 39.03 19.68 -1.31
C LYS C 240 39.40 18.54 -2.24
N SER C 241 40.68 18.42 -2.53
CA SER C 241 41.20 17.41 -3.45
C SER C 241 42.05 16.39 -2.70
N TYR C 242 42.24 15.24 -3.34
CA TYR C 242 43.03 14.16 -2.76
C TYR C 242 43.53 13.29 -3.90
N GLU C 243 44.74 12.76 -3.75
CA GLU C 243 45.39 11.99 -4.80
C GLU C 243 45.49 10.52 -4.40
N LEU C 244 45.07 9.65 -5.31
CA LEU C 244 45.04 8.20 -5.08
C LEU C 244 46.41 7.60 -5.33
N PRO C 245 46.65 6.36 -4.87
CA PRO C 245 47.96 5.73 -5.07
C PRO C 245 48.32 5.45 -6.52
N ASP C 246 47.43 5.80 -7.46
CA ASP C 246 47.71 5.64 -8.88
C ASP C 246 47.80 6.97 -9.61
N GLY C 247 47.69 8.11 -8.92
CA GLY C 247 47.88 9.40 -9.52
C GLY C 247 46.61 10.18 -9.81
N GLN C 248 45.45 9.55 -9.69
CA GLN C 248 44.20 10.23 -9.99
C GLN C 248 43.76 11.09 -8.81
N VAL C 249 43.10 12.21 -9.12
CA VAL C 249 42.73 13.22 -8.14
C VAL C 249 41.22 13.24 -8.00
N ILE C 250 40.73 13.00 -6.78
CA ILE C 250 39.30 13.08 -6.48
C ILE C 250 38.97 14.47 -5.97
N THR C 251 37.68 14.81 -5.95
CA THR C 251 37.21 16.08 -5.41
C THR C 251 35.93 15.84 -4.62
N ILE C 252 35.89 16.36 -3.40
CA ILE C 252 34.76 16.17 -2.50
C ILE C 252 34.27 17.53 -2.04
N GLY C 253 32.95 17.75 -2.15
CA GLY C 253 32.39 19.05 -1.83
C GLY C 253 31.56 19.15 -0.57
N ASN C 254 30.75 18.12 -0.28
CA ASN C 254 29.91 18.12 0.90
C ASN C 254 29.94 16.82 1.68
N GLU C 255 30.47 15.74 1.10
CA GLU C 255 30.66 14.50 1.85
C GLU C 255 31.60 14.68 3.03
N ARG C 256 32.43 15.73 3.03
CA ARG C 256 33.35 15.99 4.12
C ARG C 256 32.61 16.14 5.44
N PHE C 257 31.51 16.88 5.45
CA PHE C 257 30.70 17.05 6.65
C PHE C 257 29.43 16.22 6.63
N ARG C 258 29.07 15.61 5.50
CA ARG C 258 27.95 14.68 5.50
C ARG C 258 28.33 13.32 6.04
N CYS C 259 29.58 12.89 5.87
CA CYS C 259 30.00 11.58 6.39
C CYS C 259 29.98 11.51 7.90
N PRO C 260 30.61 12.43 8.66
CA PRO C 260 30.69 12.25 10.11
C PRO C 260 29.38 12.46 10.85
N GLU C 261 28.37 13.03 10.20
CA GLU C 261 27.13 13.34 10.90
C GLU C 261 26.32 12.10 11.26
N THR C 262 26.66 10.93 10.70
CA THR C 262 25.93 9.71 11.04
C THR C 262 26.13 9.29 12.49
N LEU C 263 26.94 10.02 13.25
CA LEU C 263 27.04 9.82 14.70
C LEU C 263 25.98 10.60 15.46
N PHE C 264 25.64 11.80 15.00
CA PHE C 264 24.55 12.59 15.57
C PHE C 264 23.21 12.29 14.92
N GLN C 265 23.21 11.53 13.82
CA GLN C 265 21.98 11.22 13.09
C GLN C 265 22.13 9.84 12.47
N PRO C 266 21.97 8.79 13.27
CA PRO C 266 22.18 7.42 12.76
C PRO C 266 21.18 6.97 11.71
N SER C 267 20.13 7.75 11.44
CA SER C 267 19.16 7.37 10.43
C SER C 267 19.74 7.43 9.02
N PHE C 268 20.92 8.04 8.85
CA PHE C 268 21.55 8.11 7.54
C PHE C 268 21.89 6.72 7.02
N ILE C 269 22.29 5.81 7.90
CA ILE C 269 22.70 4.46 7.51
C ILE C 269 21.64 3.42 7.84
N GLY C 270 20.41 3.85 8.12
CA GLY C 270 19.34 2.92 8.38
C GLY C 270 19.21 2.44 9.80
N MET C 271 19.75 3.16 10.78
CA MET C 271 19.67 2.79 12.18
C MET C 271 18.61 3.64 12.88
N GLU C 272 17.91 3.00 13.82
CA GLU C 272 16.84 3.65 14.56
C GLU C 272 17.32 4.33 15.85
N SER C 273 18.58 4.13 16.22
CA SER C 273 19.08 4.64 17.49
C SER C 273 19.20 6.17 17.44
N ALA C 274 19.56 6.75 18.57
CA ALA C 274 19.73 8.19 18.70
C ALA C 274 21.19 8.56 18.54
N GLY C 275 21.44 9.86 18.42
CA GLY C 275 22.78 10.37 18.24
C GLY C 275 23.60 10.24 19.52
N ILE C 276 24.89 10.54 19.39
CA ILE C 276 25.79 10.44 20.53
C ILE C 276 25.44 11.47 21.59
N HIS C 277 25.00 12.66 21.18
CA HIS C 277 24.61 13.68 22.14
C HIS C 277 23.40 13.24 22.97
N GLU C 278 22.39 12.68 22.30
CA GLU C 278 21.21 12.20 23.02
C GLU C 278 21.54 10.99 23.87
N THR C 279 22.42 10.11 23.40
CA THR C 279 22.84 8.98 24.21
C THR C 279 23.55 9.44 25.49
N THR C 280 24.46 10.42 25.35
CA THR C 280 25.13 10.95 26.53
C THR C 280 24.16 11.62 27.49
N TYR C 281 23.22 12.40 26.95
CA TYR C 281 22.24 13.05 27.81
C TYR C 281 21.39 12.03 28.55
N ASN C 282 20.94 10.99 27.86
CA ASN C 282 20.14 9.95 28.50
C ASN C 282 20.95 9.15 29.52
N SER C 283 22.24 8.96 29.28
CA SER C 283 23.09 8.28 30.26
C SER C 283 23.32 9.13 31.50
N ILE C 284 23.48 10.44 31.34
CA ILE C 284 23.61 11.32 32.51
C ILE C 284 22.30 11.46 33.27
N MET C 285 21.15 11.45 32.58
CA MET C 285 19.86 11.61 33.22
C MET C 285 19.35 10.33 33.88
N LYS C 286 20.11 9.23 33.77
CA LYS C 286 19.75 7.98 34.43
C LYS C 286 20.54 7.77 35.72
N CYS C 287 21.24 8.79 36.19
CA CYS C 287 22.00 8.73 37.42
C CYS C 287 21.26 9.48 38.52
N ASP C 288 21.91 9.58 39.69
CA ASP C 288 21.32 10.30 40.82
C ASP C 288 21.25 11.79 40.52
N ILE C 289 20.32 12.47 41.18
CA ILE C 289 20.09 13.89 40.93
C ILE C 289 21.30 14.74 41.32
N ASP C 290 22.13 14.27 42.24
CA ASP C 290 23.28 15.04 42.69
C ASP C 290 24.48 14.91 41.76
N ILE C 291 24.64 13.73 41.14
CA ILE C 291 25.82 13.46 40.32
C ILE C 291 25.75 14.19 38.98
N ARG C 292 24.56 14.61 38.56
CA ARG C 292 24.41 15.20 37.23
C ARG C 292 25.16 16.52 37.11
N LYS C 293 25.28 17.28 38.20
CA LYS C 293 25.92 18.59 38.12
C LYS C 293 27.38 18.48 37.68
N ASP C 294 28.15 17.59 38.33
CA ASP C 294 29.54 17.42 37.96
C ASP C 294 29.76 16.36 36.90
N LEU C 295 28.71 15.65 36.48
CA LEU C 295 28.76 14.88 35.25
C LEU C 295 28.59 15.75 34.01
N TYR C 296 27.88 16.88 34.13
CA TYR C 296 27.72 17.79 33.01
C TYR C 296 29.03 18.45 32.60
N ALA C 297 29.90 18.74 33.56
CA ALA C 297 31.12 19.51 33.30
C ALA C 297 32.35 18.61 33.22
N ASN C 298 32.17 17.30 33.10
CA ASN C 298 33.28 16.36 33.02
C ASN C 298 33.07 15.36 31.88
N ASN C 299 32.70 15.88 30.71
CA ASN C 299 32.51 15.05 29.53
C ASN C 299 33.87 14.81 28.88
N VAL C 300 34.36 13.58 28.97
CA VAL C 300 35.66 13.20 28.43
C VAL C 300 35.43 12.42 27.13
N MET C 301 36.03 12.90 26.05
CA MET C 301 35.91 12.27 24.74
C MET C 301 37.19 11.48 24.44
N SER C 302 37.03 10.20 24.12
CA SER C 302 38.15 9.32 23.85
C SER C 302 37.94 8.64 22.50
N GLY C 303 38.94 7.87 22.08
CA GLY C 303 38.89 7.13 20.84
C GLY C 303 39.32 7.96 19.64
N GLY C 304 39.62 7.25 18.55
CA GLY C 304 40.03 7.90 17.33
C GLY C 304 38.91 8.57 16.55
N THR C 305 37.67 8.15 16.78
CA THR C 305 36.53 8.74 16.09
C THR C 305 36.18 10.12 16.64
N THR C 306 36.71 10.51 17.79
CA THR C 306 36.48 11.84 18.34
C THR C 306 37.54 12.83 17.89
N MET C 307 38.24 12.54 16.80
CA MET C 307 39.32 13.39 16.30
C MET C 307 38.90 14.30 15.16
N TYR C 308 37.63 14.31 14.80
CA TYR C 308 37.17 15.18 13.72
C TYR C 308 37.26 16.64 14.16
N PRO C 309 37.72 17.52 13.29
CA PRO C 309 37.71 18.96 13.62
C PRO C 309 36.30 19.50 13.78
N GLY C 310 35.98 19.95 14.98
CA GLY C 310 34.65 20.49 15.26
C GLY C 310 33.72 19.55 15.99
N ILE C 311 34.19 18.38 16.43
CA ILE C 311 33.35 17.44 17.17
C ILE C 311 33.21 17.83 18.64
N ALA C 312 34.08 18.71 19.15
CA ALA C 312 34.02 19.13 20.54
C ALA C 312 33.16 20.38 20.74
N ASP C 313 32.74 21.04 19.67
CA ASP C 313 31.85 22.19 19.77
C ASP C 313 30.39 21.86 19.48
N ARG C 314 30.13 21.04 18.46
CA ARG C 314 28.76 20.59 18.21
C ARG C 314 28.24 19.76 19.37
N MET C 315 29.08 18.92 19.96
CA MET C 315 28.69 18.15 21.14
C MET C 315 28.29 19.07 22.28
N GLN C 316 29.11 20.10 22.55
CA GLN C 316 28.80 21.04 23.62
C GLN C 316 27.50 21.79 23.33
N LYS C 317 27.31 22.22 22.08
CA LYS C 317 26.09 22.93 21.73
C LYS C 317 24.86 22.06 21.92
N GLU C 318 24.93 20.80 21.48
CA GLU C 318 23.78 19.91 21.62
C GLU C 318 23.48 19.60 23.08
N ILE C 319 24.52 19.37 23.90
CA ILE C 319 24.26 19.08 25.31
C ILE C 319 23.74 20.33 26.02
N THR C 320 24.23 21.51 25.64
CA THR C 320 23.69 22.74 26.21
C THR C 320 22.22 22.94 25.86
N ALA C 321 21.85 22.62 24.61
CA ALA C 321 20.45 22.69 24.22
C ALA C 321 19.58 21.66 24.92
N LEU C 322 20.11 20.48 25.20
CA LEU C 322 19.34 19.43 25.86
C LEU C 322 19.32 19.58 27.39
N ALA C 323 20.20 20.40 27.95
CA ALA C 323 20.36 20.53 29.38
C ALA C 323 19.76 21.84 29.89
N PRO C 324 19.47 21.92 31.20
CA PRO C 324 18.97 23.18 31.76
C PRO C 324 19.97 24.31 31.58
N SER C 325 19.45 25.53 31.43
CA SER C 325 20.26 26.69 31.11
C SER C 325 21.15 27.14 32.27
N THR C 326 20.93 26.64 33.48
CA THR C 326 21.73 27.02 34.63
C THR C 326 22.89 26.06 34.88
N MET C 327 23.09 25.08 34.01
CA MET C 327 24.16 24.09 34.17
C MET C 327 25.33 24.44 33.27
N LYS C 328 26.54 24.15 33.75
CA LYS C 328 27.77 24.43 33.02
C LYS C 328 28.19 23.16 32.29
N ILE C 329 28.13 23.18 30.97
CA ILE C 329 28.51 22.06 30.13
C ILE C 329 29.93 22.28 29.64
N LYS C 330 30.81 21.32 29.90
CA LYS C 330 32.20 21.38 29.48
C LYS C 330 32.59 20.06 28.83
N ILE C 331 33.17 20.13 27.64
CA ILE C 331 33.64 18.96 26.92
C ILE C 331 35.16 18.95 26.98
N ILE C 332 35.71 17.92 27.60
CA ILE C 332 37.15 17.78 27.77
C ILE C 332 37.66 16.85 26.68
N ALA C 333 38.35 17.43 25.70
CA ALA C 333 38.92 16.67 24.59
C ALA C 333 40.43 16.85 24.61
N PRO C 334 41.18 15.95 25.24
CA PRO C 334 42.63 16.11 25.26
C PRO C 334 43.22 15.98 23.87
N PRO C 335 44.32 16.68 23.59
CA PRO C 335 44.96 16.55 22.26
C PRO C 335 45.54 15.18 21.99
N GLU C 336 45.51 14.25 22.95
CA GLU C 336 46.06 12.92 22.78
C GLU C 336 45.03 11.84 23.13
N ARG C 337 43.75 12.14 22.95
CA ARG C 337 42.69 11.21 23.29
C ARG C 337 42.67 9.96 22.41
N LYS C 338 43.43 9.95 21.31
CA LYS C 338 43.56 8.77 20.47
C LYS C 338 44.30 7.62 21.16
N TYR C 339 45.03 7.91 22.24
CA TYR C 339 45.79 6.89 22.97
C TYR C 339 45.46 6.88 24.46
N SER C 340 44.43 7.62 24.88
CA SER C 340 44.14 7.78 26.30
C SER C 340 43.86 6.44 26.98
N VAL C 341 43.26 5.50 26.26
CA VAL C 341 42.99 4.18 26.85
C VAL C 341 44.29 3.51 27.26
N TRP C 342 45.29 3.50 26.38
CA TRP C 342 46.57 2.90 26.72
C TRP C 342 47.34 3.72 27.76
N ILE C 343 47.27 5.05 27.68
CA ILE C 343 47.94 5.87 28.69
C ILE C 343 47.37 5.65 30.07
N GLY C 344 46.06 5.37 30.18
CA GLY C 344 45.48 5.07 31.47
C GLY C 344 45.69 3.64 31.90
N GLY C 345 45.79 2.74 30.94
CA GLY C 345 46.10 1.35 31.24
C GLY C 345 47.49 1.20 31.82
N SER C 346 48.44 1.97 31.29
CA SER C 346 49.79 1.96 31.85
C SER C 346 49.79 2.47 33.29
N ILE C 347 49.04 3.53 33.56
CA ILE C 347 48.94 4.05 34.92
C ILE C 347 48.33 3.01 35.85
N LEU C 348 47.27 2.34 35.40
CA LEU C 348 46.64 1.31 36.22
C LEU C 348 47.58 0.16 36.49
N ALA C 349 48.36 -0.25 35.48
CA ALA C 349 49.29 -1.36 35.65
C ALA C 349 50.54 -0.99 36.42
N SER C 350 50.84 0.30 36.57
CA SER C 350 52.01 0.75 37.32
C SER C 350 51.69 1.09 38.76
N LEU C 351 50.49 0.78 39.24
CA LEU C 351 50.09 1.08 40.60
C LEU C 351 50.48 -0.06 41.54
N SER C 352 50.86 0.32 42.76
CA SER C 352 51.22 -0.67 43.77
C SER C 352 50.01 -1.37 44.37
N THR C 353 48.86 -0.71 44.41
CA THR C 353 47.64 -1.31 44.91
C THR C 353 46.95 -2.21 43.89
N PHE C 354 47.40 -2.20 42.64
CA PHE C 354 46.82 -3.02 41.59
C PHE C 354 47.51 -4.38 41.46
N GLN C 355 48.73 -4.54 42.00
CA GLN C 355 49.46 -5.78 41.84
C GLN C 355 48.78 -6.96 42.52
N GLN C 356 47.86 -6.70 43.46
CA GLN C 356 47.07 -7.76 44.08
C GLN C 356 45.81 -8.09 43.30
N MET C 357 45.49 -7.33 42.25
CA MET C 357 44.31 -7.55 41.45
C MET C 357 44.57 -8.39 40.20
N TRP C 358 45.81 -8.83 39.99
CA TRP C 358 46.13 -9.66 38.85
C TRP C 358 45.50 -11.04 39.00
N ILE C 359 45.33 -11.72 37.86
CA ILE C 359 44.86 -13.10 37.83
C ILE C 359 46.08 -13.99 37.61
N THR C 360 46.42 -14.79 38.62
CA THR C 360 47.60 -15.63 38.53
C THR C 360 47.28 -16.92 37.79
N LYS C 361 48.33 -17.61 37.34
CA LYS C 361 48.16 -18.86 36.62
C LYS C 361 47.60 -19.96 37.52
N GLN C 362 47.98 -19.97 38.80
CA GLN C 362 47.46 -20.96 39.72
C GLN C 362 45.95 -20.82 39.90
N GLU C 363 45.47 -19.57 40.00
CA GLU C 363 44.03 -19.35 40.12
C GLU C 363 43.29 -19.84 38.89
N TYR C 364 43.83 -19.55 37.70
CA TYR C 364 43.22 -20.05 36.48
C TYR C 364 43.20 -21.57 36.44
N ASP C 365 44.30 -22.20 36.85
CA ASP C 365 44.37 -23.65 36.84
C ASP C 365 43.36 -24.27 37.81
N GLU C 366 43.18 -23.66 38.98
CA GLU C 366 42.29 -24.22 39.99
C GLU C 366 40.83 -23.83 39.81
N ALA C 367 40.53 -22.83 38.97
CA ALA C 367 39.15 -22.42 38.76
C ALA C 367 38.64 -22.71 37.35
N GLY C 368 39.33 -22.21 36.33
CA GLY C 368 38.88 -22.36 34.97
C GLY C 368 38.81 -21.02 34.26
N PRO C 369 38.28 -21.02 33.03
CA PRO C 369 38.12 -19.76 32.29
C PRO C 369 37.06 -18.83 32.86
N SER C 370 36.32 -19.25 33.88
CA SER C 370 35.22 -18.47 34.44
C SER C 370 35.67 -17.59 35.60
N ILE C 371 36.96 -17.58 35.94
CA ILE C 371 37.43 -16.76 37.05
C ILE C 371 37.51 -15.29 36.66
N VAL C 372 37.52 -14.98 35.36
CA VAL C 372 37.57 -13.59 34.93
C VAL C 372 36.31 -12.83 35.31
N HIS C 373 35.15 -13.49 35.30
CA HIS C 373 33.88 -12.84 35.62
C HIS C 373 33.83 -12.32 37.05
N ARG C 374 34.65 -12.86 37.95
CA ARG C 374 34.74 -12.37 39.31
C ARG C 374 36.01 -11.58 39.60
N LYS C 375 37.11 -11.87 38.91
CA LYS C 375 38.34 -11.12 39.15
C LYS C 375 38.32 -9.76 38.47
N CYS C 376 37.68 -9.65 37.31
CA CYS C 376 37.65 -8.41 36.54
C CYS C 376 36.26 -7.78 36.65
N PHE C 377 36.22 -6.49 36.97
CA PHE C 377 34.97 -5.73 37.10
C PHE C 377 34.04 -6.36 38.12
N VAL D 41 -60.52 26.55 8.61
CA VAL D 41 -61.37 27.22 9.60
C VAL D 41 -62.84 26.97 9.29
N LEU D 42 -63.31 27.52 8.18
CA LEU D 42 -64.70 27.35 7.79
C LEU D 42 -64.97 25.91 7.38
N PRO D 43 -66.22 25.44 7.49
CA PRO D 43 -66.52 24.03 7.24
C PRO D 43 -66.54 23.62 5.78
N GLY D 44 -65.99 24.42 4.87
CA GLY D 44 -65.93 24.05 3.47
C GLY D 44 -64.66 24.46 2.76
N ASP D 45 -63.58 24.64 3.52
CA ASP D 45 -62.34 25.16 2.98
C ASP D 45 -61.30 24.05 2.85
N TYR D 46 -60.56 24.07 1.74
CA TYR D 46 -59.48 23.12 1.54
C TYR D 46 -58.24 23.56 2.32
N VAL D 47 -57.54 22.59 2.90
CA VAL D 47 -56.39 22.87 3.75
C VAL D 47 -55.24 21.92 3.40
N TRP D 48 -54.04 22.32 3.79
CA TRP D 48 -52.82 21.54 3.59
C TRP D 48 -52.47 20.90 4.93
N MET D 49 -53.01 19.71 5.18
CA MET D 49 -52.78 19.02 6.44
C MET D 49 -51.50 18.19 6.36
N ASP D 50 -50.71 18.22 7.42
CA ASP D 50 -49.41 17.56 7.48
C ASP D 50 -49.45 16.52 8.60
N LEU D 51 -49.70 15.27 8.25
CA LEU D 51 -49.65 14.16 9.21
C LEU D 51 -48.19 13.75 9.36
N LYS D 52 -47.58 14.25 10.43
CA LYS D 52 -46.16 14.00 10.67
C LYS D 52 -45.92 12.54 11.00
N SER D 53 -45.23 11.84 10.09
CA SER D 53 -44.94 10.43 10.26
C SER D 53 -43.48 10.18 9.94
N GLY D 54 -42.96 9.05 10.43
CA GLY D 54 -41.59 8.67 10.18
C GLY D 54 -41.40 8.04 8.81
N GLN D 55 -41.58 8.85 7.77
CA GLN D 55 -41.45 8.38 6.39
C GLN D 55 -40.49 9.29 5.64
N GLU D 56 -39.63 8.69 4.82
CA GLU D 56 -38.63 9.45 4.10
C GLU D 56 -39.22 10.24 2.94
N PHE D 57 -40.31 9.76 2.35
CA PHE D 57 -40.94 10.39 1.21
C PHE D 57 -42.34 10.89 1.55
N ASP D 58 -42.47 11.51 2.72
CA ASP D 58 -43.75 12.01 3.21
C ASP D 58 -43.89 13.49 2.92
N VAL D 59 -45.02 13.89 2.35
CA VAL D 59 -45.29 15.28 2.04
C VAL D 59 -46.71 15.60 2.51
N PRO D 60 -47.02 16.88 2.72
CA PRO D 60 -48.38 17.25 3.13
C PRO D 60 -49.42 16.78 2.12
N ILE D 61 -50.56 16.34 2.63
CA ILE D 61 -51.66 15.84 1.81
C ILE D 61 -52.84 16.80 1.92
N GLY D 62 -53.47 17.07 0.78
CA GLY D 62 -54.61 17.96 0.76
C GLY D 62 -55.83 17.33 1.41
N ALA D 63 -56.65 18.19 2.01
CA ALA D 63 -57.84 17.73 2.72
C ALA D 63 -58.86 18.85 2.76
N VAL D 64 -60.14 18.47 2.83
CA VAL D 64 -61.25 19.41 2.89
C VAL D 64 -61.82 19.40 4.30
N VAL D 65 -62.05 20.59 4.86
CA VAL D 65 -62.59 20.71 6.21
C VAL D 65 -64.09 20.42 6.19
N LYS D 66 -64.54 19.52 7.06
CA LYS D 66 -65.95 19.16 7.15
C LYS D 66 -66.31 18.88 8.61
N LEU D 67 -67.60 19.04 8.91
CA LEU D 67 -68.13 18.91 10.27
C LEU D 67 -67.32 19.76 11.26
N CYS D 68 -67.23 21.05 10.96
CA CYS D 68 -66.57 22.00 11.85
C CYS D 68 -67.48 22.27 13.03
N ASP D 69 -67.21 21.60 14.15
CA ASP D 69 -68.01 21.78 15.36
C ASP D 69 -67.13 21.48 16.57
N SER D 70 -67.58 21.93 17.73
CA SER D 70 -66.85 21.76 18.98
C SER D 70 -65.45 22.35 18.89
N GLY D 71 -64.53 21.85 19.69
CA GLY D 71 -63.16 22.32 19.64
C GLY D 71 -62.32 21.58 18.62
N GLN D 72 -62.81 20.44 18.16
CA GLN D 72 -62.06 19.57 17.24
C GLN D 72 -62.80 19.45 15.92
N ILE D 73 -62.16 19.88 14.84
CA ILE D 73 -62.69 19.77 13.49
C ILE D 73 -62.36 18.38 12.95
N GLN D 74 -62.98 18.00 11.84
CA GLN D 74 -62.67 16.76 11.15
C GLN D 74 -62.29 17.08 9.71
N VAL D 75 -61.34 16.32 9.17
CA VAL D 75 -60.90 16.47 7.79
C VAL D 75 -60.84 15.10 7.13
N VAL D 76 -61.09 15.08 5.82
CA VAL D 76 -60.90 13.90 4.98
C VAL D 76 -59.87 14.24 3.93
N ASP D 77 -58.81 13.44 3.85
CA ASP D 77 -57.72 13.73 2.94
C ASP D 77 -58.08 13.34 1.51
N ASP D 78 -57.11 13.48 0.60
CA ASP D 78 -57.29 13.09 -0.78
C ASP D 78 -57.40 11.58 -0.96
N GLU D 79 -57.05 10.80 0.07
CA GLU D 79 -57.14 9.35 0.03
C GLU D 79 -58.39 8.82 0.73
N ASP D 80 -59.32 9.72 1.08
CA ASP D 80 -60.60 9.35 1.70
C ASP D 80 -60.39 8.67 3.06
N ASN D 81 -59.55 9.28 3.88
CA ASN D 81 -59.35 8.86 5.26
C ASN D 81 -59.70 10.02 6.19
N GLU D 82 -60.28 9.69 7.35
CA GLU D 82 -60.80 10.68 8.28
C GLU D 82 -59.83 10.88 9.43
N HIS D 83 -59.65 12.15 9.82
CA HIS D 83 -58.73 12.51 10.89
C HIS D 83 -59.36 13.58 11.77
N TRP D 84 -58.87 13.66 13.00
CA TRP D 84 -59.27 14.69 13.96
C TRP D 84 -58.08 15.62 14.21
N ILE D 85 -58.33 16.92 14.19
CA ILE D 85 -57.26 17.90 14.24
C ILE D 85 -56.83 18.20 15.69
N SER D 86 -57.82 18.48 16.56
CA SER D 86 -57.62 18.89 17.95
C SER D 86 -57.10 20.33 17.99
N PRO D 87 -57.50 21.12 18.99
CA PRO D 87 -57.05 22.52 19.04
C PRO D 87 -55.55 22.70 19.17
N GLN D 88 -54.83 21.67 19.63
CA GLN D 88 -53.39 21.78 19.82
C GLN D 88 -52.60 21.61 18.53
N ASN D 89 -53.26 21.34 17.41
CA ASN D 89 -52.59 21.22 16.11
C ASN D 89 -53.16 22.32 15.20
N ALA D 90 -52.57 23.51 15.28
CA ALA D 90 -52.95 24.62 14.43
C ALA D 90 -51.94 24.92 13.34
N THR D 91 -50.67 24.62 13.56
CA THR D 91 -49.65 24.80 12.53
C THR D 91 -49.73 23.73 11.45
N HIS D 92 -50.26 22.55 11.77
CA HIS D 92 -50.43 21.51 10.76
C HIS D 92 -51.35 21.98 9.63
N ILE D 93 -52.46 22.62 9.99
CA ILE D 93 -53.43 23.05 9.00
C ILE D 93 -52.98 24.37 8.38
N LYS D 94 -52.91 24.40 7.04
CA LYS D 94 -52.53 25.58 6.29
C LYS D 94 -53.46 25.72 5.10
N PRO D 95 -53.97 26.92 4.82
CA PRO D 95 -54.92 27.09 3.73
C PRO D 95 -54.32 26.71 2.39
N MET D 96 -55.15 26.13 1.51
CA MET D 96 -54.75 25.71 0.19
C MET D 96 -55.15 26.74 -0.84
N HIS D 97 -54.24 27.04 -1.76
CA HIS D 97 -54.49 28.04 -2.79
C HIS D 97 -55.63 27.58 -3.69
N PRO D 98 -56.45 28.52 -4.17
CA PRO D 98 -57.54 28.14 -5.10
C PRO D 98 -57.04 27.56 -6.41
N THR D 99 -55.78 27.79 -6.77
CA THR D 99 -55.24 27.14 -7.96
C THR D 99 -55.02 25.65 -7.73
N SER D 100 -54.68 25.27 -6.50
CA SER D 100 -54.35 23.88 -6.19
C SER D 100 -55.58 23.03 -5.89
N VAL D 101 -56.77 23.62 -5.80
CA VAL D 101 -57.97 22.83 -5.51
C VAL D 101 -58.64 22.36 -6.79
N HIS D 102 -58.60 23.17 -7.85
CA HIS D 102 -59.26 22.85 -9.10
C HIS D 102 -58.31 22.21 -10.12
N GLY D 103 -57.03 22.11 -9.81
CA GLY D 103 -56.07 21.53 -10.72
C GLY D 103 -55.71 22.44 -11.88
N VAL D 104 -54.48 22.33 -12.36
CA VAL D 104 -54.00 23.15 -13.47
C VAL D 104 -53.17 22.27 -14.39
N GLU D 105 -53.32 22.46 -15.70
CA GLU D 105 -52.62 21.63 -16.66
C GLU D 105 -51.11 21.88 -16.61
N ASP D 106 -50.70 23.14 -16.52
CA ASP D 106 -49.30 23.51 -16.41
C ASP D 106 -48.98 23.82 -14.96
N MET D 107 -48.08 23.04 -14.36
CA MET D 107 -47.83 23.15 -12.93
C MET D 107 -47.01 24.37 -12.55
N ILE D 108 -46.29 24.95 -13.51
CA ILE D 108 -45.48 26.12 -13.20
C ILE D 108 -46.34 27.34 -12.88
N ARG D 109 -47.64 27.26 -13.13
CA ARG D 109 -48.59 28.30 -12.79
C ARG D 109 -49.21 28.11 -11.41
N LEU D 110 -48.81 27.08 -10.67
CA LEU D 110 -49.41 26.80 -9.38
C LEU D 110 -49.10 27.91 -8.38
N GLY D 111 -50.09 28.24 -7.55
CA GLY D 111 -49.86 29.16 -6.46
C GLY D 111 -48.94 28.57 -5.40
N ASP D 112 -49.12 27.29 -5.09
CA ASP D 112 -48.26 26.58 -4.15
C ASP D 112 -47.28 25.74 -4.94
N LEU D 113 -46.14 26.35 -5.28
CA LEU D 113 -45.09 25.68 -6.06
C LEU D 113 -44.20 24.89 -5.12
N ASN D 114 -44.55 23.62 -4.91
CA ASN D 114 -43.77 22.75 -4.04
C ASN D 114 -44.05 21.30 -4.43
N GLU D 115 -43.39 20.38 -3.71
CA GLU D 115 -43.58 18.96 -3.97
C GLU D 115 -45.02 18.53 -3.70
N ALA D 116 -45.62 19.07 -2.62
CA ALA D 116 -47.00 18.74 -2.32
C ALA D 116 -47.94 19.25 -3.40
N GLY D 117 -47.67 20.44 -3.94
CA GLY D 117 -48.51 20.97 -4.99
C GLY D 117 -48.47 20.14 -6.25
N ILE D 118 -47.29 19.64 -6.60
CA ILE D 118 -47.15 18.79 -7.79
C ILE D 118 -47.85 17.45 -7.57
N LEU D 119 -47.63 16.84 -6.40
CA LEU D 119 -48.16 15.50 -6.15
C LEU D 119 -49.68 15.49 -6.19
N ARG D 120 -50.32 16.48 -5.59
CA ARG D 120 -51.78 16.50 -5.56
C ARG D 120 -52.36 16.77 -6.95
N ASN D 121 -51.71 17.64 -7.72
CA ASN D 121 -52.21 17.97 -9.05
C ASN D 121 -52.19 16.74 -9.95
N LEU D 122 -51.12 15.94 -9.88
CA LEU D 122 -51.08 14.68 -10.61
C LEU D 122 -52.14 13.72 -10.10
N LEU D 123 -52.30 13.65 -8.78
CA LEU D 123 -53.22 12.69 -8.18
C LEU D 123 -54.67 12.98 -8.58
N ILE D 124 -55.08 14.26 -8.56
CA ILE D 124 -56.46 14.59 -8.88
C ILE D 124 -56.76 14.53 -10.36
N ARG D 125 -55.74 14.46 -11.21
CA ARG D 125 -55.94 14.32 -12.65
C ARG D 125 -55.83 12.87 -13.10
N TYR D 126 -55.06 12.05 -12.39
CA TYR D 126 -55.00 10.62 -12.70
C TYR D 126 -56.35 9.96 -12.48
N ARG D 127 -57.07 10.37 -11.43
CA ARG D 127 -58.40 9.83 -11.18
C ARG D 127 -59.40 10.23 -12.24
N ASP D 128 -59.09 11.26 -13.03
CA ASP D 128 -59.94 11.68 -14.15
C ASP D 128 -59.44 11.14 -15.48
N HIS D 129 -58.56 10.14 -15.46
CA HIS D 129 -57.95 9.55 -16.64
C HIS D 129 -57.11 10.53 -17.43
N LEU D 130 -56.64 11.60 -16.80
CA LEU D 130 -55.74 12.57 -17.43
C LEU D 130 -54.32 12.20 -17.04
N ILE D 131 -53.67 11.40 -17.89
CA ILE D 131 -52.35 10.87 -17.59
C ILE D 131 -51.23 11.78 -18.06
N TYR D 132 -51.54 12.92 -18.68
CA TYR D 132 -50.53 13.82 -19.22
C TYR D 132 -50.64 15.18 -18.55
N THR D 133 -49.50 15.72 -18.11
CA THR D 133 -49.46 16.98 -17.40
C THR D 133 -48.13 17.68 -17.72
N TYR D 134 -48.19 19.00 -17.83
CA TYR D 134 -47.01 19.80 -18.14
C TYR D 134 -46.41 20.42 -16.90
N THR D 135 -45.08 20.59 -16.93
CA THR D 135 -44.34 21.37 -15.94
C THR D 135 -43.42 22.28 -16.75
N GLY D 136 -43.94 23.43 -17.16
CA GLY D 136 -43.27 24.24 -18.15
C GLY D 136 -43.51 23.70 -19.54
N SER D 137 -42.48 23.09 -20.13
CA SER D 137 -42.62 22.41 -21.42
C SER D 137 -42.25 20.93 -21.32
N ILE D 138 -42.28 20.37 -20.12
CA ILE D 138 -41.93 18.98 -19.87
C ILE D 138 -43.21 18.20 -19.62
N LEU D 139 -43.42 17.13 -20.39
CA LEU D 139 -44.63 16.34 -20.29
C LEU D 139 -44.43 15.27 -19.23
N VAL D 140 -45.23 15.33 -18.16
CA VAL D 140 -45.26 14.24 -17.19
C VAL D 140 -46.31 13.23 -17.61
N ALA D 141 -45.88 11.98 -17.78
CA ALA D 141 -46.77 10.90 -18.17
C ALA D 141 -46.83 9.85 -17.07
N VAL D 142 -48.04 9.42 -16.74
CA VAL D 142 -48.28 8.44 -15.70
C VAL D 142 -48.84 7.19 -16.35
N ASN D 143 -48.26 6.03 -16.02
CA ASN D 143 -48.68 4.77 -16.60
C ASN D 143 -50.13 4.48 -16.23
N PRO D 144 -51.02 4.33 -17.22
CA PRO D 144 -52.43 4.08 -16.88
C PRO D 144 -52.73 2.63 -16.54
N TYR D 145 -51.93 1.68 -17.03
CA TYR D 145 -52.22 0.26 -16.89
C TYR D 145 -53.62 -0.07 -17.41
N GLN D 146 -53.98 0.58 -18.51
CA GLN D 146 -55.35 0.57 -19.01
C GLN D 146 -55.36 1.16 -20.41
N LEU D 147 -56.24 0.62 -21.26
CA LEU D 147 -56.40 1.11 -22.63
C LEU D 147 -57.28 2.35 -22.60
N LEU D 148 -56.66 3.53 -22.69
CA LEU D 148 -57.38 4.79 -22.75
C LEU D 148 -57.56 5.21 -24.19
N SER D 149 -58.81 5.52 -24.57
CA SER D 149 -59.14 5.84 -25.95
C SER D 149 -58.84 7.31 -26.26
N ILE D 150 -57.56 7.66 -26.12
CA ILE D 150 -57.07 9.00 -26.45
C ILE D 150 -56.04 8.95 -27.57
N TYR D 151 -55.89 7.80 -28.23
CA TYR D 151 -54.95 7.63 -29.33
C TYR D 151 -55.77 7.16 -30.53
N SER D 152 -56.26 8.11 -31.31
CA SER D 152 -57.16 7.83 -32.41
C SER D 152 -56.79 8.70 -33.62
N PRO D 153 -57.23 8.35 -34.82
CA PRO D 153 -57.02 9.26 -35.96
C PRO D 153 -57.67 10.62 -35.77
N GLU D 154 -58.72 10.71 -34.95
CA GLU D 154 -59.32 11.99 -34.62
C GLU D 154 -58.49 12.78 -33.62
N HIS D 155 -57.72 12.11 -32.77
CA HIS D 155 -56.87 12.82 -31.83
C HIS D 155 -55.59 13.31 -32.50
N ILE D 156 -55.03 12.52 -33.42
CA ILE D 156 -53.83 12.96 -34.12
C ILE D 156 -54.14 14.15 -35.01
N ARG D 157 -55.33 14.18 -35.62
CA ARG D 157 -55.70 15.30 -36.47
C ARG D 157 -56.10 16.52 -35.63
N GLN D 158 -56.65 16.27 -34.43
CA GLN D 158 -57.00 17.36 -33.53
C GLN D 158 -55.76 18.09 -33.04
N TYR D 159 -54.63 17.40 -32.97
CA TYR D 159 -53.40 17.94 -32.41
C TYR D 159 -52.41 18.44 -33.46
N THR D 160 -52.79 18.49 -34.74
CA THR D 160 -51.86 18.93 -35.78
C THR D 160 -51.69 20.43 -35.76
N ASN D 161 -50.45 20.87 -35.97
CA ASN D 161 -50.13 22.28 -36.21
C ASN D 161 -50.62 23.18 -35.08
N LYS D 162 -50.47 22.72 -33.85
CA LYS D 162 -50.85 23.49 -32.67
C LYS D 162 -49.74 23.41 -31.65
N LYS D 163 -49.49 24.53 -30.96
CA LYS D 163 -48.34 24.66 -30.08
C LYS D 163 -48.68 24.18 -28.67
N ILE D 164 -47.67 24.22 -27.81
CA ILE D 164 -47.86 23.82 -26.41
C ILE D 164 -48.70 24.86 -25.70
N GLY D 165 -49.75 24.40 -25.02
CA GLY D 165 -50.66 25.25 -24.29
C GLY D 165 -51.98 25.49 -25.00
N GLU D 166 -51.96 25.49 -26.34
CA GLU D 166 -53.20 25.66 -27.09
C GLU D 166 -54.14 24.48 -26.88
N MET D 167 -53.58 23.29 -26.71
CA MET D 167 -54.34 22.06 -26.50
C MET D 167 -53.98 21.43 -25.17
N PRO D 168 -54.86 20.61 -24.61
CA PRO D 168 -54.54 19.91 -23.35
C PRO D 168 -53.32 19.03 -23.51
N PRO D 169 -52.57 18.79 -22.44
CA PRO D 169 -51.34 18.00 -22.57
C PRO D 169 -51.59 16.62 -23.15
N HIS D 170 -50.67 16.19 -24.01
CA HIS D 170 -50.77 14.89 -24.66
C HIS D 170 -49.39 14.48 -25.13
N ILE D 171 -49.23 13.19 -25.41
CA ILE D 171 -47.97 12.70 -25.95
C ILE D 171 -47.77 13.19 -27.38
N PHE D 172 -48.86 13.36 -28.14
CA PHE D 172 -48.75 13.90 -29.49
C PHE D 172 -48.23 15.32 -29.47
N ALA D 173 -48.70 16.12 -28.51
CA ALA D 173 -48.31 17.53 -28.45
C ALA D 173 -46.80 17.69 -28.34
N ILE D 174 -46.12 16.74 -27.70
CA ILE D 174 -44.65 16.74 -27.72
C ILE D 174 -44.15 16.51 -29.13
N ALA D 175 -44.74 15.53 -29.84
CA ALA D 175 -44.34 15.26 -31.21
C ALA D 175 -44.84 16.37 -32.15
N ASP D 176 -45.98 16.97 -31.85
CA ASP D 176 -46.54 18.01 -32.70
C ASP D 176 -45.57 19.17 -32.85
N ASN D 177 -45.10 19.71 -31.73
CA ASN D 177 -44.19 20.85 -31.76
C ASN D 177 -42.76 20.42 -32.08
N CYS D 178 -42.45 19.13 -31.96
CA CYS D 178 -41.14 18.64 -32.34
C CYS D 178 -41.00 18.57 -33.86
N TYR D 179 -42.06 18.11 -34.55
CA TYR D 179 -42.02 18.06 -36.01
C TYR D 179 -42.00 19.45 -36.60
N PHE D 180 -42.90 20.33 -36.14
CA PHE D 180 -43.01 21.67 -36.73
C PHE D 180 -41.76 22.49 -36.48
N ASN D 181 -41.05 22.25 -35.37
CA ASN D 181 -39.89 23.06 -35.04
C ASN D 181 -38.72 22.83 -35.98
N MET D 182 -38.51 21.60 -36.46
CA MET D 182 -37.37 21.36 -37.33
C MET D 182 -37.60 21.92 -38.73
N LYS D 183 -38.86 22.04 -39.15
CA LYS D 183 -39.13 22.60 -40.48
C LYS D 183 -38.92 24.11 -40.48
N ARG D 184 -39.27 24.79 -39.38
CA ARG D 184 -39.10 26.24 -39.33
C ARG D 184 -37.68 26.63 -38.93
N ASN D 185 -36.96 25.78 -38.22
CA ASN D 185 -35.63 26.10 -37.73
C ASN D 185 -34.50 25.44 -38.52
N ASN D 186 -34.80 24.42 -39.32
CA ASN D 186 -33.79 23.64 -40.04
C ASN D 186 -32.75 23.12 -39.05
N ARG D 187 -33.22 22.57 -37.95
CA ARG D 187 -32.38 22.02 -36.89
C ARG D 187 -32.87 20.64 -36.52
N ASP D 188 -31.94 19.80 -36.08
CA ASP D 188 -32.28 18.47 -35.61
C ASP D 188 -32.96 18.56 -34.24
N GLN D 189 -33.89 17.66 -33.99
CA GLN D 189 -34.62 17.58 -32.73
C GLN D 189 -34.33 16.26 -32.04
N CYS D 190 -34.72 16.17 -30.77
CA CYS D 190 -34.56 14.93 -30.03
C CYS D 190 -35.55 14.89 -28.87
N CYS D 191 -36.01 13.69 -28.54
CA CYS D 191 -36.88 13.45 -27.40
C CYS D 191 -36.17 12.53 -26.41
N ILE D 192 -36.26 12.88 -25.12
CA ILE D 192 -35.61 12.12 -24.06
C ILE D 192 -36.70 11.60 -23.14
N ILE D 193 -37.02 10.33 -23.23
CA ILE D 193 -37.99 9.69 -22.37
C ILE D 193 -37.23 8.91 -21.30
N SER D 194 -37.50 9.21 -20.03
CA SER D 194 -36.76 8.56 -18.94
C SER D 194 -37.70 8.35 -17.75
N GLY D 195 -37.37 7.34 -16.96
CA GLY D 195 -38.16 7.02 -15.79
C GLY D 195 -37.71 5.71 -15.21
N GLU D 196 -38.54 5.16 -14.32
CA GLU D 196 -38.26 3.83 -13.79
C GLU D 196 -38.67 2.77 -14.79
N SER D 197 -38.32 1.52 -14.50
CA SER D 197 -38.62 0.40 -15.39
C SER D 197 -40.09 0.02 -15.22
N GLY D 198 -40.91 0.43 -16.18
CA GLY D 198 -42.30 0.05 -16.18
C GLY D 198 -43.25 1.21 -16.31
N ALA D 199 -42.73 2.43 -16.37
CA ALA D 199 -43.58 3.61 -16.50
C ALA D 199 -43.77 4.03 -17.95
N GLY D 200 -44.07 3.07 -18.82
CA GLY D 200 -44.42 3.39 -20.20
C GLY D 200 -43.38 4.18 -20.98
N LYS D 201 -42.09 3.88 -20.79
CA LYS D 201 -41.07 4.54 -21.58
C LYS D 201 -41.08 4.05 -23.02
N THR D 202 -41.19 2.73 -23.20
CA THR D 202 -41.25 2.17 -24.55
C THR D 202 -42.60 2.43 -25.21
N GLU D 203 -43.69 2.42 -24.44
CA GLU D 203 -45.00 2.74 -24.99
C GLU D 203 -45.04 4.18 -25.49
N SER D 204 -44.47 5.11 -24.72
CA SER D 204 -44.45 6.52 -25.14
C SER D 204 -43.62 6.74 -26.39
N THR D 205 -42.65 5.86 -26.68
CA THR D 205 -41.91 5.93 -27.93
C THR D 205 -42.66 5.30 -29.09
N LYS D 206 -43.44 4.24 -28.83
CA LYS D 206 -44.31 3.68 -29.86
C LYS D 206 -45.41 4.66 -30.24
N LEU D 207 -45.99 5.34 -29.26
CA LEU D 207 -47.08 6.29 -29.50
C LEU D 207 -46.60 7.61 -30.08
N ILE D 208 -45.32 7.94 -29.94
CA ILE D 208 -44.77 9.11 -30.61
C ILE D 208 -44.48 8.80 -32.08
N LEU D 209 -44.44 7.52 -32.45
CA LEU D 209 -44.37 7.14 -33.85
C LEU D 209 -45.74 7.09 -34.50
N GLN D 210 -46.79 6.82 -33.72
CA GLN D 210 -48.13 6.72 -34.28
C GLN D 210 -48.57 8.03 -34.93
N PHE D 211 -48.37 9.15 -34.23
CA PHE D 211 -48.65 10.45 -34.82
C PHE D 211 -47.69 10.74 -35.96
N LEU D 212 -46.41 10.47 -35.75
CA LEU D 212 -45.37 11.00 -36.64
C LEU D 212 -45.42 10.35 -38.02
N ALA D 213 -45.88 9.10 -38.10
CA ALA D 213 -46.03 8.46 -39.39
C ALA D 213 -47.26 8.98 -40.13
N ALA D 214 -48.30 9.35 -39.39
CA ALA D 214 -49.53 9.83 -40.00
C ALA D 214 -49.41 11.28 -40.47
N ILE D 215 -48.66 12.10 -39.73
CA ILE D 215 -48.57 13.53 -40.07
C ILE D 215 -47.89 13.73 -41.41
N SER D 216 -47.03 12.79 -41.81
CA SER D 216 -46.33 12.90 -43.09
C SER D 216 -47.13 12.28 -44.24
N GLY D 217 -47.68 11.09 -44.04
CA GLY D 217 -48.41 10.40 -45.09
C GLY D 217 -48.79 9.00 -44.69
N GLN D 218 -48.51 8.03 -45.56
CA GLN D 218 -48.74 6.64 -45.22
C GLN D 218 -47.86 6.21 -44.05
N HIS D 219 -48.38 5.28 -43.24
CA HIS D 219 -47.59 4.77 -42.12
C HIS D 219 -46.36 4.04 -42.61
N SER D 220 -46.42 3.46 -43.82
CA SER D 220 -45.29 2.81 -44.47
C SER D 220 -44.80 1.60 -43.70
N TRP D 221 -43.85 0.86 -44.28
CA TRP D 221 -43.30 -0.30 -43.59
C TRP D 221 -42.45 0.11 -42.39
N ILE D 222 -41.85 1.31 -42.43
CA ILE D 222 -40.93 1.72 -41.38
C ILE D 222 -41.62 1.79 -40.03
N GLU D 223 -42.87 2.26 -40.02
CA GLU D 223 -43.65 2.23 -38.78
C GLU D 223 -43.83 0.79 -38.30
N GLN D 224 -44.16 -0.12 -39.21
CA GLN D 224 -44.32 -1.52 -38.85
C GLN D 224 -42.98 -2.23 -38.66
N GLN D 225 -41.93 -1.76 -39.34
CA GLN D 225 -40.62 -2.39 -39.20
C GLN D 225 -39.96 -2.01 -37.86
N VAL D 226 -40.10 -0.76 -37.45
CA VAL D 226 -39.53 -0.34 -36.17
C VAL D 226 -40.20 -1.09 -35.02
N LEU D 227 -41.51 -1.33 -35.13
CA LEU D 227 -42.21 -2.07 -34.10
C LEU D 227 -41.86 -3.54 -34.06
N GLU D 228 -41.27 -4.09 -35.13
CA GLU D 228 -40.82 -5.47 -35.12
C GLU D 228 -39.43 -5.64 -34.52
N ALA D 229 -38.64 -4.57 -34.47
CA ALA D 229 -37.33 -4.64 -33.84
C ALA D 229 -37.40 -4.53 -32.33
N THR D 230 -38.53 -4.08 -31.78
CA THR D 230 -38.67 -4.00 -30.33
C THR D 230 -38.61 -5.36 -29.65
N PRO D 231 -39.36 -6.39 -30.08
CA PRO D 231 -39.23 -7.71 -29.44
C PRO D 231 -37.85 -8.34 -29.61
N ILE D 232 -37.09 -7.96 -30.64
CA ILE D 232 -35.74 -8.48 -30.82
C ILE D 232 -34.76 -7.83 -29.85
N LEU D 233 -34.81 -6.50 -29.74
CA LEU D 233 -33.90 -5.79 -28.85
C LEU D 233 -34.27 -6.01 -27.38
N GLU D 234 -35.55 -6.24 -27.08
CA GLU D 234 -35.97 -6.49 -25.72
C GLU D 234 -35.65 -7.90 -25.25
N ALA D 235 -35.05 -8.73 -26.11
CA ALA D 235 -34.57 -10.04 -25.70
C ALA D 235 -33.08 -10.05 -25.41
N PHE D 236 -32.29 -9.32 -26.19
CA PHE D 236 -30.85 -9.26 -26.01
C PHE D 236 -30.41 -8.10 -25.11
N GLY D 237 -31.33 -7.23 -24.71
CA GLY D 237 -30.95 -6.07 -23.93
C GLY D 237 -31.84 -5.76 -22.75
N ASN D 238 -32.80 -6.64 -22.46
CA ASN D 238 -33.68 -6.50 -21.32
C ASN D 238 -33.49 -7.68 -20.38
N ALA D 239 -33.81 -7.46 -19.10
CA ALA D 239 -33.66 -8.50 -18.09
C ALA D 239 -34.58 -8.19 -16.93
N LYS D 240 -34.78 -9.18 -16.08
CA LYS D 240 -35.62 -9.04 -14.89
C LYS D 240 -34.78 -8.51 -13.74
N THR D 241 -35.19 -7.37 -13.20
CA THR D 241 -34.55 -6.80 -12.02
C THR D 241 -35.46 -7.03 -10.80
N ILE D 242 -35.07 -6.48 -9.66
CA ILE D 242 -35.87 -6.60 -8.45
C ILE D 242 -37.06 -5.65 -8.42
N ARG D 243 -37.14 -4.71 -9.38
CA ARG D 243 -38.25 -3.78 -9.46
C ARG D 243 -39.19 -4.07 -10.63
N ASN D 244 -38.72 -4.72 -11.68
CA ASN D 244 -39.56 -5.00 -12.84
C ASN D 244 -39.08 -6.28 -13.50
N ASP D 245 -39.98 -6.91 -14.25
CA ASP D 245 -39.69 -8.14 -14.96
C ASP D 245 -39.24 -7.91 -16.40
N ASN D 246 -39.29 -6.67 -16.88
CA ASN D 246 -38.81 -6.29 -18.21
C ASN D 246 -38.13 -4.94 -18.06
N SER D 247 -36.83 -4.95 -17.79
CA SER D 247 -36.06 -3.73 -17.54
C SER D 247 -35.05 -3.53 -18.65
N SER D 248 -35.05 -2.34 -19.24
CA SER D 248 -34.12 -2.01 -20.30
C SER D 248 -32.74 -1.74 -19.71
N ARG D 249 -31.73 -2.45 -20.21
CA ARG D 249 -30.38 -2.40 -19.68
C ARG D 249 -29.43 -1.63 -20.58
N PHE D 250 -29.97 -0.80 -21.47
CA PHE D 250 -29.17 -0.01 -22.40
C PHE D 250 -29.97 1.22 -22.81
N GLY D 251 -29.41 2.03 -23.68
CA GLY D 251 -30.11 3.19 -24.20
C GLY D 251 -30.39 3.08 -25.68
N LYS D 252 -31.67 3.05 -26.05
CA LYS D 252 -32.08 2.90 -27.44
C LYS D 252 -32.33 4.27 -28.06
N TYR D 253 -31.74 4.50 -29.23
CA TYR D 253 -31.87 5.76 -29.95
C TYR D 253 -32.46 5.46 -31.32
N ILE D 254 -33.75 5.76 -31.49
CA ILE D 254 -34.43 5.59 -32.78
C ILE D 254 -34.32 6.93 -33.52
N ASP D 255 -33.37 7.03 -34.44
CA ASP D 255 -33.12 8.24 -35.19
C ASP D 255 -33.97 8.21 -36.45
N ILE D 256 -34.99 9.06 -36.50
CA ILE D 256 -35.98 9.06 -37.59
C ILE D 256 -35.54 10.10 -38.61
N HIS D 257 -35.38 9.67 -39.86
CA HIS D 257 -34.89 10.54 -40.91
C HIS D 257 -36.03 11.09 -41.75
N PHE D 258 -35.95 12.38 -42.07
CA PHE D 258 -36.95 13.05 -42.88
C PHE D 258 -36.30 13.60 -44.15
N ASN D 259 -37.15 14.08 -45.07
CA ASN D 259 -36.73 14.64 -46.34
C ASN D 259 -37.46 15.96 -46.57
N LYS D 260 -37.15 16.60 -47.68
CA LYS D 260 -37.93 17.76 -48.10
C LYS D 260 -39.35 17.31 -48.42
N ARG D 261 -40.31 18.20 -48.17
CA ARG D 261 -41.75 17.98 -48.13
C ARG D 261 -42.15 17.26 -46.84
N GLY D 262 -41.21 16.81 -46.02
CA GLY D 262 -41.53 16.22 -44.74
C GLY D 262 -42.12 14.83 -44.80
N ALA D 263 -41.32 13.85 -45.26
CA ALA D 263 -41.75 12.46 -45.30
C ALA D 263 -40.64 11.59 -44.74
N ILE D 264 -41.01 10.40 -44.28
CA ILE D 264 -40.07 9.46 -43.70
C ILE D 264 -39.20 8.88 -44.80
N GLU D 265 -37.88 8.97 -44.63
CA GLU D 265 -36.95 8.29 -45.53
C GLU D 265 -36.49 6.96 -44.95
N GLY D 266 -35.99 6.97 -43.72
CA GLY D 266 -35.54 5.75 -43.08
C GLY D 266 -35.47 5.94 -41.58
N ALA D 267 -34.69 5.07 -40.94
CA ALA D 267 -34.48 5.16 -39.50
C ALA D 267 -33.23 4.37 -39.13
N LYS D 268 -32.59 4.80 -38.05
CA LYS D 268 -31.43 4.11 -37.51
C LYS D 268 -31.65 3.84 -36.03
N ILE D 269 -31.28 2.64 -35.58
CA ILE D 269 -31.31 2.27 -34.18
C ILE D 269 -29.88 2.24 -33.68
N GLU D 270 -29.58 3.08 -32.70
CA GLU D 270 -28.25 3.18 -32.12
C GLU D 270 -28.34 2.75 -30.66
N GLN D 271 -27.57 1.73 -30.29
CA GLN D 271 -27.55 1.27 -28.91
C GLN D 271 -26.38 1.89 -28.15
N TYR D 272 -26.63 2.26 -26.90
CA TYR D 272 -25.64 2.91 -26.07
C TYR D 272 -25.65 2.30 -24.68
N LEU D 273 -24.53 2.38 -23.98
CA LEU D 273 -24.48 1.92 -22.60
C LEU D 273 -25.12 0.58 -22.30
N LEU D 274 -24.54 -0.52 -22.76
CA LEU D 274 -25.07 -1.84 -22.42
C LEU D 274 -24.36 -2.42 -21.22
N GLU D 275 -25.13 -2.94 -20.26
CA GLU D 275 -24.56 -3.55 -19.08
C GLU D 275 -24.04 -4.92 -19.42
N LYS D 276 -22.77 -5.01 -19.77
CA LYS D 276 -22.22 -6.27 -20.19
C LYS D 276 -21.79 -7.13 -19.00
N SER D 277 -21.86 -6.57 -17.81
CA SER D 277 -21.52 -7.34 -16.62
C SER D 277 -22.63 -8.29 -16.23
N ARG D 278 -23.83 -8.07 -16.75
CA ARG D 278 -24.96 -8.93 -16.43
C ARG D 278 -24.84 -10.29 -17.10
N VAL D 279 -24.06 -10.36 -18.17
CA VAL D 279 -23.98 -11.64 -18.88
C VAL D 279 -23.35 -12.71 -18.01
N CYS D 280 -22.47 -12.32 -17.08
CA CYS D 280 -21.72 -13.28 -16.28
C CYS D 280 -21.98 -13.19 -14.78
N ARG D 281 -22.69 -12.17 -14.32
CA ARG D 281 -23.02 -12.05 -12.90
C ARG D 281 -24.33 -11.34 -12.64
N GLN D 282 -25.26 -12.02 -11.98
CA GLN D 282 -26.54 -11.40 -11.66
C GLN D 282 -26.71 -11.37 -10.15
N ALA D 283 -27.46 -10.39 -9.66
CA ALA D 283 -27.68 -10.26 -8.23
C ALA D 283 -28.78 -11.20 -7.78
N PRO D 284 -28.99 -11.29 -6.46
CA PRO D 284 -30.12 -12.11 -5.99
C PRO D 284 -31.46 -11.55 -6.46
N ASP D 285 -32.37 -12.41 -6.87
CA ASP D 285 -33.70 -11.98 -7.33
C ASP D 285 -33.62 -11.28 -8.68
N GLU D 286 -32.60 -11.60 -9.46
CA GLU D 286 -32.45 -11.01 -10.78
C GLU D 286 -31.91 -12.06 -11.71
N ARG D 287 -32.25 -11.95 -12.99
CA ARG D 287 -31.82 -12.95 -13.96
C ARG D 287 -31.10 -12.35 -15.16
N ASN D 288 -30.47 -13.19 -15.97
CA ASN D 288 -29.73 -12.71 -17.13
C ASN D 288 -30.68 -12.30 -18.23
N TYR D 289 -30.15 -11.85 -19.36
CA TYR D 289 -31.00 -11.39 -20.46
C TYR D 289 -32.01 -12.43 -20.89
N HIS D 290 -33.18 -11.98 -21.32
CA HIS D 290 -34.26 -12.89 -21.67
C HIS D 290 -33.94 -13.93 -22.71
N VAL D 291 -33.03 -13.65 -23.63
CA VAL D 291 -32.78 -14.57 -24.75
C VAL D 291 -32.39 -15.98 -24.32
N PHE D 292 -31.56 -16.11 -23.30
CA PHE D 292 -31.09 -17.43 -22.89
C PHE D 292 -32.23 -18.30 -22.41
N TYR D 293 -33.05 -17.78 -21.52
CA TYR D 293 -34.16 -18.54 -20.98
C TYR D 293 -35.18 -18.86 -22.04
N CYS D 294 -35.47 -17.88 -22.90
CA CYS D 294 -36.43 -18.10 -23.98
C CYS D 294 -35.99 -19.18 -24.94
N MET D 295 -34.72 -19.15 -25.34
CA MET D 295 -34.19 -20.15 -26.26
C MET D 295 -34.28 -21.54 -25.69
N LEU D 296 -33.94 -21.67 -24.42
CA LEU D 296 -33.94 -22.98 -23.77
C LEU D 296 -35.33 -23.56 -23.61
N GLU D 297 -36.31 -22.71 -23.32
CA GLU D 297 -37.69 -23.19 -23.13
C GLU D 297 -38.47 -23.19 -24.44
N GLY D 298 -37.85 -22.79 -25.53
CA GLY D 298 -38.53 -22.76 -26.81
C GLY D 298 -37.80 -23.43 -27.95
N MET D 299 -36.84 -24.28 -27.63
CA MET D 299 -36.10 -24.99 -28.67
C MET D 299 -36.41 -26.49 -28.65
N ASN D 300 -36.49 -27.10 -29.82
CA ASN D 300 -36.82 -28.52 -29.91
C ASN D 300 -35.75 -29.37 -29.28
N GLU D 301 -36.11 -30.58 -28.89
CA GLU D 301 -35.15 -31.47 -28.25
C GLU D 301 -34.03 -31.85 -29.19
N GLU D 302 -34.36 -32.09 -30.46
CA GLU D 302 -33.35 -32.43 -31.44
C GLU D 302 -32.34 -31.32 -31.57
N GLU D 303 -32.81 -30.08 -31.72
CA GLU D 303 -31.90 -28.95 -31.81
C GLU D 303 -31.14 -28.78 -30.52
N LYS D 304 -31.82 -28.95 -29.40
CA LYS D 304 -31.18 -28.76 -28.11
C LYS D 304 -30.17 -29.87 -27.89
N LYS D 305 -30.15 -30.85 -28.78
CA LYS D 305 -29.16 -31.92 -28.67
C LYS D 305 -27.94 -31.49 -29.45
N LYS D 306 -28.15 -30.95 -30.65
CA LYS D 306 -27.05 -30.50 -31.47
C LYS D 306 -26.26 -29.40 -30.78
N LEU D 307 -26.92 -28.62 -29.95
CA LEU D 307 -26.23 -27.57 -29.20
C LEU D 307 -25.78 -28.02 -27.82
N GLY D 308 -26.01 -29.28 -27.49
CA GLY D 308 -25.64 -29.79 -26.18
C GLY D 308 -26.28 -29.03 -25.06
N LEU D 309 -27.53 -28.63 -25.23
CA LEU D 309 -28.18 -27.80 -24.23
C LEU D 309 -29.27 -28.53 -23.45
N GLY D 310 -29.40 -28.25 -22.16
CA GLY D 310 -30.43 -28.87 -21.36
C GLY D 310 -30.87 -27.97 -20.23
N GLN D 311 -32.16 -27.95 -19.92
CA GLN D 311 -32.70 -27.12 -18.83
C GLN D 311 -32.11 -25.73 -18.79
N ALA D 312 -32.09 -25.11 -17.62
CA ALA D 312 -31.58 -23.75 -17.50
C ALA D 312 -31.12 -23.48 -16.09
N ALA D 313 -31.26 -24.45 -15.21
CA ALA D 313 -30.76 -24.31 -13.86
C ALA D 313 -29.44 -25.01 -13.81
N ASP D 314 -29.07 -25.66 -14.90
CA ASP D 314 -27.79 -26.35 -14.97
C ASP D 314 -26.72 -25.41 -15.52
N TYR D 315 -27.00 -24.12 -15.53
CA TYR D 315 -26.04 -23.15 -16.03
C TYR D 315 -25.75 -22.10 -14.98
N ASN D 316 -24.48 -21.92 -14.64
CA ASN D 316 -24.10 -20.98 -13.61
C ASN D 316 -24.48 -19.57 -13.99
N TYR D 317 -24.31 -19.24 -15.26
CA TYR D 317 -24.64 -17.90 -15.74
C TYR D 317 -26.10 -17.61 -15.58
N LEU D 318 -26.95 -18.53 -15.98
CA LEU D 318 -28.40 -18.36 -15.85
C LEU D 318 -28.87 -18.44 -14.39
N ALA D 319 -28.43 -19.45 -13.66
CA ALA D 319 -28.82 -19.60 -12.26
C ALA D 319 -27.76 -19.06 -11.33
N MET D 320 -28.02 -17.90 -10.74
CA MET D 320 -27.08 -17.29 -9.81
C MET D 320 -27.97 -16.44 -8.94
N GLY D 321 -29.01 -15.87 -9.53
CA GLY D 321 -29.99 -15.15 -8.73
C GLY D 321 -31.15 -15.96 -8.23
N ASN D 322 -31.19 -17.26 -8.58
CA ASN D 322 -32.28 -18.15 -8.17
C ASN D 322 -33.64 -17.62 -8.64
N CYS D 323 -33.69 -17.14 -9.86
CA CYS D 323 -34.92 -16.61 -10.46
C CYS D 323 -35.09 -17.13 -11.88
N ILE D 324 -34.98 -18.46 -12.04
CA ILE D 324 -35.09 -19.06 -13.36
C ILE D 324 -36.45 -18.77 -13.97
N THR D 325 -37.52 -18.94 -13.19
CA THR D 325 -38.87 -18.67 -13.65
C THR D 325 -39.37 -17.38 -13.02
N CYS D 326 -39.86 -16.46 -13.85
CA CYS D 326 -40.39 -15.18 -13.39
C CYS D 326 -41.89 -15.13 -13.65
N GLU D 327 -42.64 -14.68 -12.65
CA GLU D 327 -44.09 -14.60 -12.75
C GLU D 327 -44.49 -13.45 -13.66
N GLY D 328 -45.53 -13.68 -14.47
CA GLY D 328 -46.00 -12.70 -15.41
C GLY D 328 -45.39 -12.81 -16.80
N ARG D 329 -44.37 -13.64 -16.97
CA ARG D 329 -43.75 -13.87 -18.27
C ARG D 329 -43.61 -15.37 -18.50
N VAL D 330 -43.99 -15.80 -19.70
CA VAL D 330 -43.79 -17.18 -20.13
C VAL D 330 -42.78 -17.17 -21.28
N ASP D 331 -41.73 -17.96 -21.16
CA ASP D 331 -40.57 -17.91 -22.04
C ASP D 331 -40.72 -18.81 -23.26
N SER D 332 -41.88 -19.41 -23.46
CA SER D 332 -42.12 -20.25 -24.62
C SER D 332 -42.78 -19.51 -25.77
N GLN D 333 -43.80 -18.70 -25.50
CA GLN D 333 -44.37 -17.86 -26.55
C GLN D 333 -43.54 -16.61 -26.78
N GLU D 334 -42.68 -16.24 -25.84
CA GLU D 334 -41.74 -15.15 -26.09
C GLU D 334 -40.72 -15.52 -27.15
N TYR D 335 -40.30 -16.79 -27.16
CA TYR D 335 -39.39 -17.25 -28.20
C TYR D 335 -40.03 -17.15 -29.58
N ALA D 336 -41.30 -17.56 -29.69
CA ALA D 336 -42.00 -17.49 -30.96
C ALA D 336 -42.18 -16.04 -31.42
N ASN D 337 -42.37 -15.11 -30.48
CA ASN D 337 -42.49 -13.71 -30.83
C ASN D 337 -41.19 -13.16 -31.42
N ILE D 338 -40.05 -13.59 -30.88
CA ILE D 338 -38.76 -13.16 -31.42
C ILE D 338 -38.53 -13.77 -32.79
N ARG D 339 -38.84 -15.06 -32.95
CA ARG D 339 -38.61 -15.73 -34.22
C ARG D 339 -39.47 -15.13 -35.33
N SER D 340 -40.73 -14.82 -35.03
CA SER D 340 -41.59 -14.19 -36.01
C SER D 340 -41.09 -12.81 -36.40
N ALA D 341 -40.64 -12.02 -35.42
CA ALA D 341 -40.11 -10.70 -35.71
C ALA D 341 -38.81 -10.80 -36.51
N MET D 342 -38.00 -11.82 -36.23
CA MET D 342 -36.74 -11.98 -36.97
C MET D 342 -37.01 -12.27 -38.44
N LYS D 343 -38.02 -13.08 -38.74
CA LYS D 343 -38.32 -13.41 -40.13
C LYS D 343 -38.75 -12.17 -40.90
N VAL D 344 -39.53 -11.28 -40.27
CA VAL D 344 -40.00 -10.08 -40.94
C VAL D 344 -38.82 -9.16 -41.27
N LEU D 345 -37.84 -9.07 -40.38
CA LEU D 345 -36.66 -8.24 -40.61
C LEU D 345 -35.57 -8.98 -41.38
N MET D 346 -35.94 -10.05 -42.09
CA MET D 346 -35.04 -10.74 -43.04
C MET D 346 -33.88 -11.44 -42.33
N PHE D 347 -34.18 -12.11 -41.21
CA PHE D 347 -33.24 -13.04 -40.60
C PHE D 347 -33.48 -14.42 -41.19
N THR D 348 -32.53 -14.91 -41.99
CA THR D 348 -32.63 -16.25 -42.52
C THR D 348 -32.44 -17.28 -41.41
N ASP D 349 -33.00 -18.47 -41.61
CA ASP D 349 -32.88 -19.52 -40.60
C ASP D 349 -31.43 -19.91 -40.36
N THR D 350 -30.56 -19.76 -41.36
CA THR D 350 -29.14 -19.99 -41.15
C THR D 350 -28.56 -19.00 -40.16
N GLU D 351 -29.00 -17.74 -40.21
CA GLU D 351 -28.50 -16.74 -39.29
C GLU D 351 -29.03 -16.96 -37.88
N ASN D 352 -30.24 -17.50 -37.76
CA ASN D 352 -30.78 -17.80 -36.43
C ASN D 352 -30.01 -18.95 -35.77
N TRP D 353 -29.64 -19.97 -36.56
CA TRP D 353 -28.91 -21.10 -36.01
C TRP D 353 -27.52 -20.69 -35.53
N GLU D 354 -26.86 -19.79 -36.26
CA GLU D 354 -25.52 -19.38 -35.87
C GLU D 354 -25.55 -18.49 -34.63
N ILE D 355 -26.62 -17.70 -34.47
CA ILE D 355 -26.78 -16.91 -33.25
C ILE D 355 -26.96 -17.83 -32.05
N SER D 356 -27.77 -18.87 -32.19
CA SER D 356 -28.00 -19.79 -31.09
C SER D 356 -26.75 -20.58 -30.72
N LYS D 357 -25.91 -20.91 -31.71
CA LYS D 357 -24.65 -21.57 -31.41
C LYS D 357 -23.74 -20.68 -30.57
N LEU D 358 -23.68 -19.39 -30.89
CA LEU D 358 -22.89 -18.46 -30.08
C LEU D 358 -23.47 -18.34 -28.68
N LEU D 359 -24.80 -18.28 -28.55
CA LEU D 359 -25.42 -18.22 -27.23
C LEU D 359 -25.19 -19.52 -26.45
N ALA D 360 -25.22 -20.66 -27.14
CA ALA D 360 -24.96 -21.92 -26.47
C ALA D 360 -23.51 -22.02 -26.01
N ALA D 361 -22.58 -21.53 -26.83
CA ALA D 361 -21.17 -21.53 -26.44
C ALA D 361 -20.92 -20.61 -25.25
N ILE D 362 -21.75 -19.57 -25.10
CA ILE D 362 -21.63 -18.69 -23.94
C ILE D 362 -22.02 -19.43 -22.66
N LEU D 363 -23.06 -20.26 -22.74
CA LEU D 363 -23.52 -20.99 -21.55
C LEU D 363 -22.59 -22.13 -21.20
N HIS D 364 -21.98 -22.78 -22.19
CA HIS D 364 -21.09 -23.89 -21.91
C HIS D 364 -19.79 -23.43 -21.29
N MET D 365 -19.25 -22.30 -21.76
CA MET D 365 -18.01 -21.77 -21.19
C MET D 365 -18.20 -21.32 -19.75
N GLY D 366 -19.41 -20.90 -19.38
CA GLY D 366 -19.67 -20.51 -18.01
C GLY D 366 -19.69 -21.66 -17.02
N ASN D 367 -19.76 -22.90 -17.50
CA ASN D 367 -19.72 -24.07 -16.65
C ASN D 367 -18.31 -24.59 -16.40
N LEU D 368 -17.31 -24.04 -17.07
CA LEU D 368 -15.94 -24.48 -16.86
C LEU D 368 -15.49 -24.08 -15.46
N GLN D 369 -14.80 -25.00 -14.79
CA GLN D 369 -14.34 -24.80 -13.41
C GLN D 369 -12.82 -24.87 -13.36
N TYR D 370 -12.20 -23.86 -12.79
CA TYR D 370 -10.75 -23.75 -12.73
C TYR D 370 -10.24 -24.16 -11.36
N GLU D 371 -9.03 -24.72 -11.34
CA GLU D 371 -8.37 -25.14 -10.12
C GLU D 371 -6.98 -24.53 -10.07
N ALA D 372 -6.64 -23.92 -8.93
CA ALA D 372 -5.36 -23.24 -8.81
C ALA D 372 -4.22 -24.25 -8.69
N ARG D 373 -3.15 -24.00 -9.43
CA ARG D 373 -1.94 -24.79 -9.36
C ARG D 373 -0.75 -23.87 -9.21
N THR D 374 0.44 -24.47 -9.12
CA THR D 374 1.70 -23.73 -9.03
C THR D 374 2.68 -24.36 -10.01
N PHE D 375 2.95 -23.65 -11.11
CA PHE D 375 3.89 -24.17 -12.11
C PHE D 375 5.29 -24.32 -11.51
N GLU D 376 5.95 -23.20 -11.22
CA GLU D 376 7.18 -23.21 -10.46
C GLU D 376 7.30 -21.89 -9.70
N ASN D 377 6.86 -21.88 -8.45
CA ASN D 377 6.70 -20.67 -7.65
C ASN D 377 5.85 -19.61 -8.35
N LEU D 378 5.12 -19.99 -9.38
CA LEU D 378 4.26 -19.09 -10.14
C LEU D 378 2.84 -19.64 -10.13
N ASP D 379 1.86 -18.74 -10.04
CA ASP D 379 0.47 -19.16 -10.08
C ASP D 379 0.12 -19.72 -11.45
N ALA D 380 -0.71 -20.75 -11.47
CA ALA D 380 -1.12 -21.39 -12.71
C ALA D 380 -2.52 -21.95 -12.53
N CYS D 381 -3.02 -22.61 -13.56
CA CYS D 381 -4.39 -23.11 -13.58
C CYS D 381 -4.46 -24.45 -14.30
N GLU D 382 -5.63 -25.08 -14.21
CA GLU D 382 -5.93 -26.30 -14.93
C GLU D 382 -7.45 -26.45 -15.02
N VAL D 383 -7.99 -26.33 -16.23
CA VAL D 383 -9.44 -26.44 -16.41
C VAL D 383 -9.86 -27.88 -16.13
N LEU D 384 -10.75 -28.06 -15.16
CA LEU D 384 -11.20 -29.39 -14.79
C LEU D 384 -12.00 -30.02 -15.92
N PHE D 385 -11.91 -31.34 -16.01
CA PHE D 385 -12.60 -32.08 -17.06
C PHE D 385 -14.11 -31.93 -16.92
N SER D 386 -14.77 -31.64 -18.04
CA SER D 386 -16.22 -31.47 -18.07
C SER D 386 -16.68 -31.57 -19.51
N PRO D 387 -17.88 -32.10 -19.77
CA PRO D 387 -18.37 -32.18 -21.15
C PRO D 387 -18.69 -30.82 -21.77
N SER D 388 -18.71 -29.74 -20.99
CA SER D 388 -18.95 -28.43 -21.55
C SER D 388 -17.77 -27.95 -22.38
N LEU D 389 -16.54 -28.29 -21.97
CA LEU D 389 -15.36 -27.87 -22.72
C LEU D 389 -15.33 -28.49 -24.11
N ALA D 390 -15.72 -29.77 -24.22
CA ALA D 390 -15.78 -30.42 -25.52
C ALA D 390 -16.84 -29.79 -26.41
N THR D 391 -17.99 -29.46 -25.84
CA THR D 391 -19.06 -28.86 -26.63
C THR D 391 -18.74 -27.43 -27.02
N ALA D 392 -18.17 -26.65 -26.10
CA ALA D 392 -17.88 -25.25 -26.40
C ALA D 392 -16.88 -25.13 -27.54
N ALA D 393 -15.86 -25.99 -27.56
CA ALA D 393 -14.90 -25.98 -28.66
C ALA D 393 -15.58 -26.40 -29.96
N SER D 394 -16.48 -27.38 -29.90
CA SER D 394 -17.20 -27.80 -31.10
C SER D 394 -18.11 -26.69 -31.63
N LEU D 395 -18.80 -25.99 -30.73
CA LEU D 395 -19.67 -24.90 -31.15
C LEU D 395 -18.88 -23.68 -31.63
N LEU D 396 -17.72 -23.42 -31.05
CA LEU D 396 -16.85 -22.36 -31.52
C LEU D 396 -16.01 -22.76 -32.72
N GLU D 397 -15.98 -24.06 -33.05
CA GLU D 397 -15.23 -24.58 -34.19
C GLU D 397 -13.76 -24.22 -34.10
N VAL D 398 -13.14 -24.59 -32.98
CA VAL D 398 -11.70 -24.44 -32.78
C VAL D 398 -11.16 -25.75 -32.22
N ASN D 399 -9.85 -25.92 -32.36
CA ASN D 399 -9.21 -27.13 -31.85
C ASN D 399 -9.27 -27.15 -30.33
N PRO D 400 -9.67 -28.27 -29.72
CA PRO D 400 -9.77 -28.34 -28.26
C PRO D 400 -8.45 -28.00 -27.56
N PRO D 401 -7.29 -28.44 -28.07
CA PRO D 401 -6.04 -28.01 -27.43
C PRO D 401 -5.74 -26.53 -27.60
N ASP D 402 -6.30 -25.87 -28.62
CA ASP D 402 -6.08 -24.44 -28.83
C ASP D 402 -6.99 -23.56 -27.98
N LEU D 403 -8.12 -24.10 -27.51
CA LEU D 403 -8.95 -23.39 -26.54
C LEU D 403 -8.47 -23.62 -25.13
N MET D 404 -7.95 -24.81 -24.82
CA MET D 404 -7.39 -25.08 -23.51
C MET D 404 -6.18 -24.18 -23.25
N SER D 405 -5.29 -24.04 -24.22
CA SER D 405 -4.17 -23.11 -24.10
C SER D 405 -4.53 -21.74 -24.67
N CYS D 406 -5.68 -21.21 -24.28
CA CYS D 406 -6.04 -19.83 -24.55
C CYS D 406 -6.76 -19.20 -23.36
N LEU D 407 -7.18 -20.01 -22.38
CA LEU D 407 -7.80 -19.52 -21.16
C LEU D 407 -6.90 -19.68 -19.95
N THR D 408 -5.81 -20.44 -20.07
CA THR D 408 -4.91 -20.70 -18.95
C THR D 408 -3.51 -20.14 -19.20
N SER D 409 -3.27 -19.46 -20.31
CA SER D 409 -1.96 -18.93 -20.62
C SER D 409 -2.10 -17.63 -21.38
N ARG D 410 -1.01 -16.87 -21.42
CA ARG D 410 -0.95 -15.60 -22.14
C ARG D 410 0.37 -15.54 -22.89
N THR D 411 0.31 -15.04 -24.13
CA THR D 411 1.48 -14.95 -24.99
C THR D 411 1.89 -13.49 -25.14
N LEU D 412 3.15 -13.22 -24.86
CA LEU D 412 3.72 -11.88 -25.02
C LEU D 412 4.55 -11.85 -26.29
N ILE D 413 4.14 -11.03 -27.26
CA ILE D 413 4.81 -10.94 -28.55
C ILE D 413 5.62 -9.64 -28.59
N THR D 414 6.90 -9.77 -28.88
CA THR D 414 7.81 -8.64 -29.00
C THR D 414 8.72 -8.86 -30.20
N ARG D 415 9.52 -7.85 -30.50
CA ARG D 415 10.42 -7.92 -31.66
C ARG D 415 11.39 -9.09 -31.53
N GLY D 416 11.22 -10.11 -32.36
CA GLY D 416 12.16 -11.21 -32.44
C GLY D 416 11.76 -12.49 -31.75
N GLU D 417 10.77 -12.47 -30.85
CA GLU D 417 10.41 -13.67 -30.11
C GLU D 417 9.01 -13.52 -29.53
N THR D 418 8.48 -14.64 -29.05
CA THR D 418 7.21 -14.68 -28.33
C THR D 418 7.39 -15.56 -27.10
N VAL D 419 6.75 -15.15 -26.00
CA VAL D 419 6.87 -15.83 -24.71
C VAL D 419 5.49 -16.14 -24.18
N SER D 420 5.30 -17.34 -23.64
CA SER D 420 4.03 -17.78 -23.06
C SER D 420 4.12 -17.70 -21.54
N THR D 421 3.07 -17.14 -20.92
CA THR D 421 3.03 -16.94 -19.48
C THR D 421 1.76 -17.54 -18.90
N PRO D 422 1.84 -18.27 -17.78
CA PRO D 422 0.63 -18.80 -17.15
C PRO D 422 -0.21 -17.70 -16.54
N LEU D 423 -1.49 -18.01 -16.32
CA LEU D 423 -2.44 -17.11 -15.69
C LEU D 423 -2.88 -17.69 -14.36
N SER D 424 -3.05 -16.81 -13.37
CA SER D 424 -3.57 -17.24 -12.07
C SER D 424 -5.07 -17.52 -12.17
N ARG D 425 -5.62 -18.14 -11.12
CA ARG D 425 -7.04 -18.47 -11.13
C ARG D 425 -7.90 -17.21 -11.20
N GLU D 426 -7.55 -16.18 -10.43
CA GLU D 426 -8.26 -14.92 -10.54
C GLU D 426 -8.08 -14.28 -11.91
N GLN D 427 -6.96 -14.54 -12.58
CA GLN D 427 -6.77 -14.10 -13.95
C GLN D 427 -7.40 -15.05 -14.95
N ALA D 428 -7.48 -16.34 -14.63
CA ALA D 428 -8.19 -17.28 -15.50
C ALA D 428 -9.69 -17.01 -15.48
N LEU D 429 -10.25 -16.71 -14.31
CA LEU D 429 -11.64 -16.25 -14.25
C LEU D 429 -11.75 -14.75 -14.53
N ASP D 430 -11.03 -14.27 -15.53
CA ASP D 430 -11.21 -12.93 -16.08
C ASP D 430 -11.13 -12.91 -17.60
N VAL D 431 -10.45 -13.86 -18.22
CA VAL D 431 -10.43 -13.99 -19.68
C VAL D 431 -11.63 -14.79 -20.16
N ARG D 432 -12.03 -15.81 -19.40
CA ARG D 432 -13.24 -16.55 -19.71
C ARG D 432 -14.47 -15.64 -19.64
N ASP D 433 -14.54 -14.80 -18.62
CA ASP D 433 -15.66 -13.88 -18.46
C ASP D 433 -15.56 -12.67 -19.38
N ALA D 434 -14.38 -12.36 -19.90
CA ALA D 434 -14.22 -11.30 -20.89
C ALA D 434 -14.45 -11.80 -22.31
N PHE D 435 -14.17 -13.08 -22.58
CA PHE D 435 -14.50 -13.64 -23.88
C PHE D 435 -15.99 -13.88 -24.03
N VAL D 436 -16.68 -14.17 -22.92
CA VAL D 436 -18.14 -14.32 -22.96
C VAL D 436 -18.80 -12.97 -23.24
N LYS D 437 -18.36 -11.93 -22.54
CA LYS D 437 -18.90 -10.59 -22.77
C LYS D 437 -18.44 -9.98 -24.08
N GLY D 438 -17.35 -10.47 -24.65
CA GLY D 438 -16.90 -9.98 -25.95
C GLY D 438 -17.72 -10.55 -27.08
N ILE D 439 -18.14 -11.80 -26.95
CA ILE D 439 -19.03 -12.40 -27.95
C ILE D 439 -20.41 -11.76 -27.88
N TYR D 440 -20.96 -11.62 -26.67
CA TYR D 440 -22.30 -11.06 -26.52
C TYR D 440 -22.34 -9.59 -26.93
N GLY D 441 -21.30 -8.83 -26.56
CA GLY D 441 -21.28 -7.42 -26.92
C GLY D 441 -21.14 -7.20 -28.41
N ARG D 442 -20.33 -8.01 -29.08
CA ARG D 442 -20.17 -7.90 -30.53
C ARG D 442 -21.31 -8.56 -31.28
N LEU D 443 -21.95 -9.57 -30.70
CA LEU D 443 -23.19 -10.09 -31.28
C LEU D 443 -24.28 -9.03 -31.27
N PHE D 444 -24.45 -8.33 -30.14
CA PHE D 444 -25.52 -7.35 -30.01
C PHE D 444 -25.38 -6.25 -31.07
N VAL D 445 -24.16 -5.95 -31.49
CA VAL D 445 -23.95 -5.03 -32.60
C VAL D 445 -24.45 -5.65 -33.90
N TRP D 446 -24.28 -6.97 -34.04
CA TRP D 446 -24.65 -7.63 -35.30
C TRP D 446 -26.16 -7.60 -35.52
N ILE D 447 -26.95 -7.85 -34.47
CA ILE D 447 -28.41 -7.73 -34.61
C ILE D 447 -28.80 -6.31 -34.99
N VAL D 448 -28.18 -5.32 -34.33
CA VAL D 448 -28.51 -3.92 -34.61
C VAL D 448 -28.21 -3.57 -36.05
N GLU D 449 -27.05 -4.00 -36.57
CA GLU D 449 -26.71 -3.73 -37.95
C GLU D 449 -27.65 -4.45 -38.92
N LYS D 450 -28.02 -5.70 -38.60
CA LYS D 450 -28.90 -6.44 -39.49
C LYS D 450 -30.29 -5.82 -39.54
N ILE D 451 -30.77 -5.28 -38.42
CA ILE D 451 -32.03 -4.53 -38.42
C ILE D 451 -31.88 -3.26 -39.25
N ASN D 452 -30.77 -2.55 -39.08
CA ASN D 452 -30.53 -1.33 -39.84
C ASN D 452 -30.36 -1.58 -41.32
N ALA D 453 -30.13 -2.82 -41.73
CA ALA D 453 -30.02 -3.17 -43.14
C ALA D 453 -31.37 -3.33 -43.82
N ALA D 454 -32.46 -3.03 -43.11
CA ALA D 454 -33.80 -3.14 -43.66
C ALA D 454 -34.66 -1.90 -43.47
N ILE D 455 -34.24 -0.94 -42.64
CA ILE D 455 -35.07 0.22 -42.34
C ILE D 455 -34.34 1.52 -42.68
N TYR D 456 -33.01 1.48 -42.72
CA TYR D 456 -32.25 2.69 -42.98
C TYR D 456 -31.90 2.85 -44.45
N LYS D 457 -32.43 3.88 -45.07
CA LYS D 457 -32.15 4.13 -46.48
C LYS D 457 -31.09 5.21 -46.57
N PRO D 458 -29.93 4.88 -47.18
CA PRO D 458 -28.86 5.87 -47.21
C PRO D 458 -29.34 7.21 -47.74
N PRO D 459 -28.68 8.32 -47.36
CA PRO D 459 -29.22 9.59 -47.82
C PRO D 459 -29.37 9.63 -49.33
N PRO D 460 -30.61 9.68 -49.83
CA PRO D 460 -30.81 9.80 -51.28
C PRO D 460 -30.30 11.17 -51.69
N LEU D 461 -30.08 12.04 -50.72
CA LEU D 461 -29.57 13.36 -51.01
C LEU D 461 -28.05 13.29 -51.12
N GLU D 462 -27.56 12.42 -52.00
CA GLU D 462 -26.13 12.31 -52.18
C GLU D 462 -25.55 13.63 -52.63
N VAL D 463 -26.30 14.36 -53.44
CA VAL D 463 -25.84 15.64 -53.94
C VAL D 463 -25.57 16.62 -52.80
N LYS D 464 -26.50 16.73 -51.87
CA LYS D 464 -26.34 17.70 -50.79
C LYS D 464 -27.01 17.21 -49.50
N ASN D 465 -26.42 17.56 -48.36
CA ASN D 465 -26.97 17.14 -47.08
C ASN D 465 -28.13 18.03 -46.65
N SER D 466 -29.34 17.66 -47.03
CA SER D 466 -30.50 18.46 -46.69
C SER D 466 -31.50 17.68 -45.86
N ARG D 467 -31.01 16.76 -45.04
CA ARG D 467 -31.91 15.93 -44.25
C ARG D 467 -31.91 16.30 -42.77
N ARG D 468 -33.10 16.48 -42.20
CA ARG D 468 -33.20 16.75 -40.77
C ARG D 468 -33.74 15.50 -40.13
N SER D 469 -33.55 15.36 -38.82
CA SER D 469 -33.97 14.14 -38.14
C SER D 469 -34.66 14.45 -36.83
N ILE D 470 -35.33 13.43 -36.31
CA ILE D 470 -35.99 13.47 -35.00
C ILE D 470 -35.52 12.25 -34.22
N GLY D 471 -34.71 12.47 -33.19
CA GLY D 471 -34.23 11.37 -32.38
C GLY D 471 -35.12 11.10 -31.19
N LEU D 472 -35.19 9.84 -30.79
CA LEU D 472 -35.93 9.40 -29.63
C LEU D 472 -35.01 8.56 -28.76
N LEU D 473 -35.05 8.78 -27.44
CA LEU D 473 -34.16 8.11 -26.51
C LEU D 473 -34.98 7.39 -25.46
N ASP D 474 -34.79 6.08 -25.34
CA ASP D 474 -35.36 5.28 -24.25
C ASP D 474 -34.24 5.00 -23.26
N ILE D 475 -33.99 5.96 -22.40
CA ILE D 475 -32.90 5.88 -21.43
C ILE D 475 -33.48 5.55 -20.07
N PHE D 476 -32.65 4.94 -19.23
CA PHE D 476 -33.04 4.58 -17.88
C PHE D 476 -33.05 5.82 -16.99
N GLY D 477 -33.29 5.62 -15.68
CA GLY D 477 -33.37 6.71 -14.75
C GLY D 477 -32.57 6.43 -13.49
N PHE D 478 -32.53 7.43 -12.62
CA PHE D 478 -31.82 7.31 -11.36
C PHE D 478 -32.41 6.19 -10.51
N GLU D 479 -31.54 5.35 -9.95
CA GLU D 479 -31.97 4.23 -9.13
C GLU D 479 -31.17 4.18 -7.83
N ASN D 480 -31.89 4.00 -6.73
CA ASN D 480 -31.31 3.94 -5.38
C ASN D 480 -31.89 2.71 -4.69
N PHE D 481 -31.24 1.57 -4.88
CA PHE D 481 -31.74 0.32 -4.32
C PHE D 481 -31.22 0.13 -2.90
N THR D 482 -31.61 -0.99 -2.28
CA THR D 482 -31.12 -1.32 -0.96
C THR D 482 -29.62 -1.55 -0.98
N VAL D 483 -29.13 -2.29 -1.97
CA VAL D 483 -27.70 -2.52 -2.15
C VAL D 483 -27.37 -2.09 -3.59
N ASN D 484 -26.47 -1.13 -3.71
CA ASN D 484 -26.01 -0.64 -5.00
C ASN D 484 -24.62 -1.18 -5.29
N SER D 485 -24.28 -1.22 -6.57
CA SER D 485 -23.06 -1.89 -7.01
C SER D 485 -22.49 -1.14 -8.22
N PHE D 486 -21.60 -1.82 -8.95
CA PHE D 486 -20.89 -1.18 -10.05
C PHE D 486 -21.85 -0.71 -11.14
N GLU D 487 -22.87 -1.51 -11.44
CA GLU D 487 -23.80 -1.15 -12.50
C GLU D 487 -24.63 0.07 -12.13
N GLN D 488 -25.05 0.17 -10.86
CA GLN D 488 -25.80 1.34 -10.43
C GLN D 488 -24.95 2.60 -10.45
N LEU D 489 -23.65 2.48 -10.16
CA LEU D 489 -22.76 3.62 -10.22
C LEU D 489 -22.67 4.16 -11.65
N CYS D 490 -22.56 3.27 -12.63
CA CYS D 490 -22.53 3.69 -14.03
C CYS D 490 -23.85 4.29 -14.45
N ILE D 491 -24.96 3.68 -14.03
CA ILE D 491 -26.29 4.19 -14.40
C ILE D 491 -26.51 5.58 -13.82
N ASN D 492 -26.15 5.78 -12.55
CA ASN D 492 -26.30 7.09 -11.93
C ASN D 492 -25.31 8.09 -12.50
N PHE D 493 -24.12 7.64 -12.89
CA PHE D 493 -23.17 8.54 -13.54
C PHE D 493 -23.70 9.03 -14.88
N ALA D 494 -24.37 8.16 -15.65
CA ALA D 494 -24.95 8.58 -16.92
C ALA D 494 -26.04 9.62 -16.71
N ASN D 495 -26.86 9.46 -15.67
CA ASN D 495 -27.93 10.41 -15.40
C ASN D 495 -27.40 11.76 -14.96
N GLU D 496 -26.18 11.82 -14.42
CA GLU D 496 -25.61 13.12 -14.05
C GLU D 496 -25.34 13.97 -15.29
N HIS D 497 -24.87 13.36 -16.37
CA HIS D 497 -24.73 14.07 -17.63
C HIS D 497 -26.09 14.44 -18.21
N LEU D 498 -27.07 13.54 -18.13
CA LEU D 498 -28.38 13.83 -18.66
C LEU D 498 -29.09 14.91 -17.87
N GLN D 499 -28.92 14.91 -16.54
CA GLN D 499 -29.57 15.91 -15.72
C GLN D 499 -28.91 17.27 -15.86
N GLN D 500 -27.62 17.30 -16.20
CA GLN D 500 -26.95 18.55 -16.56
C GLN D 500 -27.46 19.06 -17.90
N PHE D 501 -27.73 18.16 -18.84
CA PHE D 501 -28.34 18.55 -20.11
C PHE D 501 -29.71 19.16 -19.88
N PHE D 502 -30.49 18.59 -18.96
CA PHE D 502 -31.81 19.13 -18.64
C PHE D 502 -31.69 20.52 -18.01
N VAL D 503 -30.80 20.67 -17.03
CA VAL D 503 -30.69 21.92 -16.29
C VAL D 503 -30.26 23.06 -17.21
N ARG D 504 -29.26 22.82 -18.05
CA ARG D 504 -28.80 23.85 -18.98
C ARG D 504 -29.90 24.27 -19.95
N HIS D 505 -30.80 23.35 -20.28
CA HIS D 505 -31.92 23.69 -21.15
C HIS D 505 -32.97 24.51 -20.39
N VAL D 506 -33.28 24.12 -19.16
CA VAL D 506 -34.24 24.88 -18.36
C VAL D 506 -33.69 26.26 -18.04
N PHE D 507 -32.39 26.36 -17.75
CA PHE D 507 -31.76 27.66 -17.55
C PHE D 507 -31.98 28.57 -18.75
N LYS D 508 -31.70 28.05 -19.96
CA LYS D 508 -31.77 28.88 -21.15
C LYS D 508 -33.18 29.41 -21.39
N LEU D 509 -34.16 28.53 -21.38
CA LEU D 509 -35.53 28.92 -21.73
C LEU D 509 -36.07 29.99 -20.80
N GLU D 510 -35.80 29.87 -19.51
CA GLU D 510 -36.24 30.89 -18.57
C GLU D 510 -35.52 32.21 -18.77
N GLN D 511 -34.32 32.20 -19.38
CA GLN D 511 -33.65 33.45 -19.68
C GLN D 511 -34.35 34.18 -20.82
N GLU D 512 -34.84 33.44 -21.84
CA GLU D 512 -35.57 34.13 -22.91
C GLU D 512 -36.98 34.52 -22.49
N GLU D 513 -37.55 33.89 -21.47
CA GLU D 513 -38.83 34.40 -20.98
C GLU D 513 -38.63 35.75 -20.30
N TYR D 514 -37.44 36.00 -19.77
CA TYR D 514 -37.17 37.27 -19.12
C TYR D 514 -36.94 38.40 -20.11
N ASP D 515 -36.33 38.13 -21.26
CA ASP D 515 -35.94 39.21 -22.16
C ASP D 515 -37.01 39.62 -23.16
N LEU D 516 -38.02 38.80 -23.42
CA LEU D 516 -39.17 39.34 -24.16
C LEU D 516 -39.96 40.30 -23.29
N GLU D 517 -39.93 40.11 -21.97
CA GLU D 517 -40.48 41.06 -21.02
C GLU D 517 -39.48 42.13 -20.59
N SER D 518 -38.26 42.15 -21.15
CA SER D 518 -37.23 43.14 -20.83
C SER D 518 -36.88 43.12 -19.34
N ILE D 519 -37.03 41.97 -18.70
CA ILE D 519 -36.66 41.81 -17.29
C ILE D 519 -35.20 41.38 -17.24
N ASP D 520 -34.38 42.22 -16.60
CA ASP D 520 -32.94 41.99 -16.55
C ASP D 520 -32.64 40.90 -15.53
N TRP D 521 -32.11 39.77 -16.00
CA TRP D 521 -31.75 38.66 -15.12
C TRP D 521 -30.23 38.71 -14.91
N LEU D 522 -29.81 39.46 -13.90
CA LEU D 522 -28.42 39.50 -13.50
C LEU D 522 -28.24 39.38 -11.99
N HIS D 523 -29.34 39.33 -11.23
CA HIS D 523 -29.31 39.10 -9.80
C HIS D 523 -29.65 37.65 -9.44
N ILE D 524 -29.90 36.81 -10.43
CA ILE D 524 -30.30 35.42 -10.22
C ILE D 524 -29.10 34.52 -10.45
N GLU D 525 -28.92 33.54 -9.58
CA GLU D 525 -27.78 32.62 -9.64
C GLU D 525 -28.17 31.37 -10.42
N PHE D 526 -27.33 30.99 -11.38
CA PHE D 526 -27.55 29.83 -12.23
C PHE D 526 -26.37 28.88 -12.05
N THR D 527 -26.48 27.97 -11.09
CA THR D 527 -25.42 27.02 -10.77
C THR D 527 -25.65 25.69 -11.48
N ASP D 528 -24.56 25.09 -11.94
CA ASP D 528 -24.59 23.80 -12.60
C ASP D 528 -24.03 22.72 -11.69
N ASN D 529 -24.48 21.49 -11.90
CA ASN D 529 -24.03 20.36 -11.08
C ASN D 529 -22.70 19.81 -11.58
N GLN D 530 -21.71 20.69 -11.74
CA GLN D 530 -20.39 20.25 -12.16
C GLN D 530 -19.58 19.63 -11.03
N GLU D 531 -19.92 19.93 -9.78
CA GLU D 531 -19.16 19.40 -8.66
C GLU D 531 -19.25 17.87 -8.60
N ALA D 532 -20.45 17.33 -8.82
CA ALA D 532 -20.61 15.88 -8.83
C ALA D 532 -19.87 15.26 -10.01
N LEU D 533 -19.95 15.90 -11.19
CA LEU D 533 -19.23 15.39 -12.36
C LEU D 533 -17.72 15.54 -12.19
N ASP D 534 -17.28 16.65 -11.60
CA ASP D 534 -15.86 16.86 -11.36
C ASP D 534 -15.32 16.02 -10.24
N MET D 535 -16.12 15.17 -9.60
CA MET D 535 -15.60 14.21 -8.64
C MET D 535 -15.63 12.78 -9.19
N ILE D 536 -16.55 12.48 -10.10
CA ILE D 536 -16.65 11.14 -10.67
C ILE D 536 -15.79 11.02 -11.93
N ALA D 537 -15.95 11.93 -12.88
CA ALA D 537 -15.30 11.70 -14.17
C ALA D 537 -14.42 12.84 -14.64
N ASN D 538 -14.83 14.10 -14.44
CA ASN D 538 -14.21 15.22 -15.14
C ASN D 538 -13.22 15.96 -14.23
N ARG D 539 -12.19 15.24 -13.76
CA ARG D 539 -11.12 15.84 -12.97
C ARG D 539 -10.02 14.82 -12.72
N PRO D 540 -8.77 15.25 -12.58
CA PRO D 540 -7.71 14.32 -12.20
C PRO D 540 -8.00 13.65 -10.86
N MET D 541 -7.60 12.38 -10.76
CA MET D 541 -7.80 11.57 -9.56
C MET D 541 -9.26 11.54 -9.14
N ASN D 542 -10.13 11.27 -10.12
CA ASN D 542 -11.56 11.20 -9.91
C ASN D 542 -11.95 9.81 -9.37
N VAL D 543 -13.25 9.58 -9.24
CA VAL D 543 -13.73 8.32 -8.68
C VAL D 543 -13.50 7.16 -9.65
N ILE D 544 -13.75 7.38 -10.93
CA ILE D 544 -13.70 6.28 -11.89
C ILE D 544 -12.27 5.80 -12.11
N SER D 545 -11.33 6.73 -12.26
CA SER D 545 -9.95 6.33 -12.54
C SER D 545 -9.33 5.60 -11.34
N LEU D 546 -9.72 5.98 -10.12
CA LEU D 546 -9.24 5.24 -8.95
C LEU D 546 -9.79 3.83 -8.90
N ILE D 547 -10.99 3.61 -9.45
CA ILE D 547 -11.48 2.26 -9.63
C ILE D 547 -10.69 1.55 -10.73
N ASP D 548 -10.36 2.26 -11.80
CA ASP D 548 -9.56 1.69 -12.86
C ASP D 548 -8.13 1.41 -12.39
N GLU D 549 -7.56 2.32 -11.61
CA GLU D 549 -6.18 2.15 -11.16
C GLU D 549 -6.05 0.94 -10.25
N GLU D 550 -7.00 0.74 -9.34
CA GLU D 550 -6.92 -0.39 -8.42
C GLU D 550 -7.19 -1.72 -9.12
N SER D 551 -7.82 -1.70 -10.29
CA SER D 551 -8.03 -2.94 -11.04
C SER D 551 -6.74 -3.50 -11.60
N LYS D 552 -5.71 -2.67 -11.76
CA LYS D 552 -4.43 -3.10 -12.30
C LYS D 552 -3.28 -3.05 -11.31
N PHE D 553 -3.47 -2.39 -10.17
CA PHE D 553 -2.39 -2.26 -9.20
C PHE D 553 -2.08 -3.61 -8.56
N PRO D 554 -0.81 -3.90 -8.29
CA PRO D 554 -0.46 -5.18 -7.66
C PRO D 554 -1.14 -5.35 -6.30
N LYS D 555 -1.61 -6.56 -6.04
CA LYS D 555 -2.26 -6.92 -4.78
C LYS D 555 -3.40 -5.96 -4.45
N GLY D 556 -4.17 -5.61 -5.48
CA GLY D 556 -5.28 -4.68 -5.34
C GLY D 556 -6.58 -5.40 -5.03
N THR D 557 -7.29 -4.91 -4.02
CA THR D 557 -8.57 -5.49 -3.63
C THR D 557 -9.63 -4.40 -3.49
N ASP D 558 -10.82 -4.78 -3.05
CA ASP D 558 -11.88 -3.80 -2.84
C ASP D 558 -11.63 -2.96 -1.59
N ALA D 559 -11.01 -3.53 -0.57
CA ALA D 559 -10.68 -2.76 0.63
C ALA D 559 -9.61 -1.71 0.32
N THR D 560 -8.65 -2.06 -0.52
CA THR D 560 -7.61 -1.10 -0.89
C THR D 560 -8.16 0.04 -1.74
N MET D 561 -9.12 -0.27 -2.62
CA MET D 561 -9.76 0.78 -3.41
C MET D 561 -10.53 1.75 -2.54
N LEU D 562 -11.22 1.23 -1.52
CA LEU D 562 -11.98 2.10 -0.63
C LEU D 562 -11.08 3.08 0.10
N HIS D 563 -9.91 2.63 0.54
CA HIS D 563 -8.95 3.54 1.17
C HIS D 563 -8.45 4.57 0.17
N LYS D 564 -8.23 4.16 -1.08
CA LYS D 564 -7.81 5.10 -2.11
C LYS D 564 -8.85 6.17 -2.34
N LEU D 565 -10.13 5.78 -2.40
CA LEU D 565 -11.20 6.75 -2.61
C LEU D 565 -11.30 7.72 -1.44
N ASN D 566 -11.20 7.21 -0.21
CA ASN D 566 -11.29 8.08 0.96
C ASN D 566 -10.10 9.03 1.03
N SER D 567 -8.90 8.53 0.75
CA SER D 567 -7.70 9.34 0.92
C SER D 567 -7.68 10.54 -0.02
N GLN D 568 -8.43 10.49 -1.11
CA GLN D 568 -8.45 11.56 -2.09
C GLN D 568 -9.66 12.47 -1.98
N HIS D 569 -10.81 11.95 -1.54
CA HIS D 569 -12.06 12.69 -1.58
C HIS D 569 -12.69 12.90 -0.20
N LYS D 570 -11.94 12.67 0.89
CA LYS D 570 -12.51 12.83 2.22
C LYS D 570 -12.83 14.29 2.52
N LEU D 571 -12.04 15.22 2.00
CA LEU D 571 -12.27 16.64 2.22
C LEU D 571 -13.22 17.22 1.16
N ASN D 572 -14.00 16.36 0.52
CA ASN D 572 -14.98 16.79 -0.47
C ASN D 572 -16.38 16.75 0.14
N ALA D 573 -17.19 17.76 -0.16
CA ALA D 573 -18.54 17.85 0.37
C ALA D 573 -19.49 16.84 -0.25
N ASN D 574 -19.14 16.25 -1.39
CA ASN D 574 -20.00 15.30 -2.08
C ASN D 574 -19.61 13.85 -1.83
N TYR D 575 -18.64 13.59 -0.95
CA TYR D 575 -18.19 12.24 -0.65
C TYR D 575 -18.43 11.95 0.82
N VAL D 576 -19.02 10.80 1.10
CA VAL D 576 -19.31 10.39 2.48
C VAL D 576 -18.47 9.16 2.82
N PRO D 577 -17.37 9.34 3.56
CA PRO D 577 -16.55 8.18 3.91
C PRO D 577 -17.26 7.27 4.89
N PRO D 578 -16.93 5.98 4.89
CA PRO D 578 -17.49 5.09 5.92
C PRO D 578 -17.00 5.48 7.31
N LYS D 579 -17.85 5.23 8.30
CA LYS D 579 -17.55 5.66 9.66
C LYS D 579 -16.41 4.86 10.28
N ASN D 580 -16.37 3.55 10.03
CA ASN D 580 -15.33 2.70 10.58
C ASN D 580 -14.43 2.17 9.47
N SER D 581 -13.41 1.41 9.87
CA SER D 581 -12.55 0.72 8.92
C SER D 581 -13.09 -0.65 8.56
N HIS D 582 -14.19 -1.08 9.17
CA HIS D 582 -14.84 -2.34 8.85
C HIS D 582 -16.00 -2.20 7.88
N GLU D 583 -16.55 -1.00 7.74
CA GLU D 583 -17.59 -0.77 6.75
C GLU D 583 -17.01 -0.79 5.35
N THR D 584 -17.82 -1.26 4.40
CA THR D 584 -17.39 -1.43 3.01
C THR D 584 -18.31 -0.67 2.08
N GLN D 585 -18.70 0.55 2.46
CA GLN D 585 -19.60 1.36 1.66
C GLN D 585 -19.10 2.79 1.61
N PHE D 586 -19.34 3.45 0.48
CA PHE D 586 -19.05 4.87 0.31
C PHE D 586 -20.24 5.54 -0.33
N GLY D 587 -20.38 6.83 -0.07
CA GLY D 587 -21.54 7.59 -0.53
C GLY D 587 -21.14 8.76 -1.41
N ILE D 588 -21.93 8.98 -2.45
CA ILE D 588 -21.74 10.08 -3.38
C ILE D 588 -23.00 10.92 -3.40
N ASN D 589 -22.86 12.23 -3.23
CA ASN D 589 -23.99 13.16 -3.19
C ASN D 589 -24.38 13.53 -4.61
N HIS D 590 -25.31 12.78 -5.18
CA HIS D 590 -25.81 13.06 -6.51
C HIS D 590 -26.87 14.17 -6.45
N PHE D 591 -27.43 14.52 -7.61
CA PHE D 591 -28.48 15.53 -7.65
C PHE D 591 -29.73 15.05 -6.92
N ALA D 592 -30.06 13.77 -7.05
CA ALA D 592 -31.23 13.24 -6.37
C ALA D 592 -31.00 13.13 -4.87
N GLY D 593 -29.79 12.85 -4.44
CA GLY D 593 -29.48 12.71 -3.04
C GLY D 593 -28.26 11.83 -2.85
N VAL D 594 -28.00 11.50 -1.59
CA VAL D 594 -26.86 10.66 -1.25
C VAL D 594 -27.23 9.19 -1.45
N VAL D 595 -26.43 8.48 -2.23
CA VAL D 595 -26.61 7.06 -2.48
C VAL D 595 -25.32 6.34 -2.09
N TYR D 596 -25.48 5.20 -1.44
CA TYR D 596 -24.35 4.43 -0.90
C TYR D 596 -24.11 3.21 -1.77
N TYR D 597 -22.88 3.07 -2.25
CA TYR D 597 -22.47 1.93 -3.05
C TYR D 597 -21.66 0.96 -2.20
N GLU D 598 -21.77 -0.33 -2.53
CA GLU D 598 -21.06 -1.37 -1.80
C GLU D 598 -19.74 -1.66 -2.49
N SER D 599 -18.64 -1.53 -1.74
CA SER D 599 -17.32 -1.74 -2.31
C SER D 599 -17.12 -3.19 -2.71
N GLN D 600 -17.62 -4.13 -1.90
CA GLN D 600 -17.44 -5.56 -2.17
C GLN D 600 -18.21 -5.91 -3.43
N GLY D 601 -17.48 -6.12 -4.53
CA GLY D 601 -18.11 -6.39 -5.80
C GLY D 601 -17.42 -5.69 -6.95
N PHE D 602 -16.76 -4.57 -6.67
CA PHE D 602 -16.01 -3.87 -7.70
C PHE D 602 -14.73 -4.64 -8.01
N LEU D 603 -14.03 -4.20 -9.06
CA LEU D 603 -12.75 -4.76 -9.47
C LEU D 603 -12.91 -6.17 -10.03
N GLU D 604 -14.12 -6.72 -9.94
CA GLU D 604 -14.41 -7.98 -10.61
C GLU D 604 -15.32 -7.73 -11.80
N LYS D 605 -16.28 -6.81 -11.65
CA LYS D 605 -17.10 -6.39 -12.77
C LYS D 605 -16.33 -5.44 -13.69
N ASN D 606 -15.43 -4.64 -13.12
CA ASN D 606 -14.63 -3.69 -13.89
C ASN D 606 -13.36 -4.33 -14.43
N ARG D 607 -13.49 -5.44 -15.13
CA ARG D 607 -12.35 -6.08 -15.78
C ARG D 607 -12.82 -6.76 -17.06
N ASP D 608 -12.31 -6.30 -18.19
CA ASP D 608 -12.61 -6.86 -19.51
C ASP D 608 -11.27 -7.10 -20.18
N THR D 609 -10.65 -8.24 -19.90
CA THR D 609 -9.28 -8.52 -20.34
C THR D 609 -9.32 -9.48 -21.54
N LEU D 610 -9.44 -8.89 -22.73
CA LEU D 610 -9.32 -9.65 -23.97
C LEU D 610 -7.86 -9.65 -24.40
N HIS D 611 -7.19 -10.78 -24.20
CA HIS D 611 -5.78 -10.89 -24.56
C HIS D 611 -5.64 -11.04 -26.07
N GLY D 612 -4.40 -10.98 -26.55
CA GLY D 612 -4.13 -11.16 -27.96
C GLY D 612 -4.30 -12.58 -28.46
N ASP D 613 -4.28 -13.55 -27.54
CA ASP D 613 -4.53 -14.94 -27.91
C ASP D 613 -5.99 -15.20 -28.24
N ILE D 614 -6.91 -14.45 -27.62
CA ILE D 614 -8.33 -14.64 -27.89
C ILE D 614 -8.67 -14.19 -29.31
N ILE D 615 -8.13 -13.05 -29.74
CA ILE D 615 -8.37 -12.56 -31.09
C ILE D 615 -7.69 -13.42 -32.15
N GLN D 616 -6.72 -14.24 -31.76
CA GLN D 616 -6.09 -15.19 -32.67
C GLN D 616 -6.77 -16.54 -32.71
N LEU D 617 -7.49 -16.91 -31.64
CA LEU D 617 -8.31 -18.12 -31.68
C LEU D 617 -9.51 -17.95 -32.61
N VAL D 618 -10.15 -16.78 -32.55
CA VAL D 618 -11.29 -16.52 -33.43
C VAL D 618 -10.86 -16.52 -34.89
N HIS D 619 -9.72 -15.88 -35.18
CA HIS D 619 -9.24 -15.81 -36.56
C HIS D 619 -8.92 -17.18 -37.14
N SER D 620 -8.67 -18.18 -36.30
CA SER D 620 -8.36 -19.53 -36.74
C SER D 620 -9.55 -20.47 -36.70
N SER D 621 -10.74 -19.94 -36.46
CA SER D 621 -11.93 -20.76 -36.31
C SER D 621 -12.56 -21.07 -37.66
N ARG D 622 -13.11 -22.28 -37.78
CA ARG D 622 -13.84 -22.63 -39.00
C ARG D 622 -15.19 -21.92 -39.06
N ASN D 623 -15.69 -21.44 -37.93
CA ASN D 623 -16.96 -20.73 -37.91
C ASN D 623 -16.81 -19.37 -38.57
N LYS D 624 -17.53 -19.16 -39.67
CA LYS D 624 -17.49 -17.90 -40.39
C LYS D 624 -18.35 -16.83 -39.76
N PHE D 625 -19.25 -17.18 -38.83
CA PHE D 625 -20.08 -16.18 -38.18
C PHE D 625 -19.34 -15.47 -37.07
N ILE D 626 -18.64 -16.22 -36.22
CA ILE D 626 -17.90 -15.58 -35.13
C ILE D 626 -16.75 -14.74 -35.66
N LYS D 627 -16.23 -15.09 -36.84
CA LYS D 627 -15.24 -14.23 -37.49
C LYS D 627 -15.88 -12.99 -38.09
N GLN D 628 -17.17 -13.05 -38.42
CA GLN D 628 -17.85 -11.88 -38.98
C GLN D 628 -18.11 -10.82 -37.92
N ILE D 629 -18.49 -11.25 -36.71
CA ILE D 629 -18.72 -10.29 -35.63
C ILE D 629 -17.40 -9.77 -35.06
N PHE D 630 -16.30 -10.48 -35.25
CA PHE D 630 -14.97 -10.03 -34.84
C PHE D 630 -14.18 -9.45 -36.01
N GLN D 631 -14.87 -8.92 -37.02
CA GLN D 631 -14.21 -8.50 -38.26
C GLN D 631 -13.23 -7.36 -38.00
N ALA D 632 -13.64 -6.38 -37.20
CA ALA D 632 -12.77 -5.24 -36.91
C ALA D 632 -11.55 -5.67 -36.12
N ASP D 633 -11.70 -6.63 -35.21
CA ASP D 633 -10.60 -7.03 -34.35
C ASP D 633 -9.56 -7.84 -35.12
N VAL D 634 -10.01 -8.77 -35.97
CA VAL D 634 -9.08 -9.61 -36.71
C VAL D 634 -8.29 -8.80 -37.72
N ALA D 635 -8.83 -7.67 -38.17
CA ALA D 635 -8.09 -6.80 -39.08
C ALA D 635 -6.85 -6.24 -38.40
N MET D 636 -6.99 -5.77 -37.17
CA MET D 636 -5.85 -5.29 -36.38
C MET D 636 -5.36 -6.39 -35.44
N GLY D 637 -4.87 -7.47 -36.05
CA GLY D 637 -4.46 -8.63 -35.26
C GLY D 637 -3.28 -8.35 -34.36
N ALA D 638 -2.30 -7.59 -34.85
CA ALA D 638 -1.09 -7.31 -34.10
C ALA D 638 -1.18 -6.02 -33.30
N GLU D 639 -2.32 -5.33 -33.35
CA GLU D 639 -2.51 -4.08 -32.62
C GLU D 639 -3.26 -4.27 -31.32
N THR D 640 -3.47 -5.52 -30.89
CA THR D 640 -4.13 -5.82 -29.64
C THR D 640 -3.19 -5.87 -28.45
N ARG D 641 -1.90 -5.56 -28.66
CA ARG D 641 -0.96 -5.48 -27.54
C ARG D 641 -1.42 -4.45 -26.53
N LYS D 642 -2.03 -3.36 -26.99
CA LYS D 642 -2.64 -2.39 -26.10
C LYS D 642 -3.72 -3.08 -25.26
N ARG D 643 -3.67 -2.85 -23.95
CA ARG D 643 -4.60 -3.50 -23.03
C ARG D 643 -6.04 -3.17 -23.38
N SER D 644 -6.92 -4.16 -23.26
CA SER D 644 -8.32 -3.98 -23.60
C SER D 644 -8.99 -3.00 -22.62
N PRO D 645 -9.87 -2.15 -23.13
CA PRO D 645 -10.58 -1.23 -22.23
C PRO D 645 -11.43 -1.97 -21.21
N THR D 646 -11.45 -1.46 -19.99
CA THR D 646 -12.33 -1.97 -18.96
C THR D 646 -13.74 -1.46 -19.18
N LEU D 647 -14.71 -2.05 -18.47
CA LEU D 647 -16.11 -1.72 -18.71
C LEU D 647 -16.42 -0.29 -18.30
N SER D 648 -15.74 0.24 -17.29
CA SER D 648 -15.92 1.65 -16.94
C SER D 648 -15.37 2.55 -18.03
N SER D 649 -14.31 2.12 -18.71
CA SER D 649 -13.78 2.90 -19.82
C SER D 649 -14.69 2.82 -21.04
N GLN D 650 -15.21 1.63 -21.35
CA GLN D 650 -16.13 1.48 -22.48
C GLN D 650 -17.43 2.22 -22.23
N PHE D 651 -17.91 2.21 -20.98
CA PHE D 651 -19.13 2.94 -20.65
C PHE D 651 -18.96 4.43 -20.86
N LYS D 652 -17.80 4.97 -20.48
CA LYS D 652 -17.57 6.40 -20.62
C LYS D 652 -17.44 6.80 -22.09
N ARG D 653 -16.90 5.92 -22.93
CA ARG D 653 -16.80 6.23 -24.36
C ARG D 653 -18.18 6.36 -24.99
N SER D 654 -19.10 5.45 -24.64
CA SER D 654 -20.45 5.52 -25.19
C SER D 654 -21.19 6.75 -24.67
N LEU D 655 -20.95 7.12 -23.41
CA LEU D 655 -21.59 8.30 -22.84
C LEU D 655 -21.12 9.57 -23.55
N GLU D 656 -19.84 9.63 -23.91
CA GLU D 656 -19.35 10.77 -24.68
C GLU D 656 -19.99 10.82 -26.06
N LEU D 657 -20.16 9.65 -26.69
CA LEU D 657 -20.86 9.60 -27.97
C LEU D 657 -22.31 10.06 -27.85
N LEU D 658 -22.98 9.64 -26.78
CA LEU D 658 -24.38 10.01 -26.61
C LEU D 658 -24.54 11.50 -26.34
N MET D 659 -23.69 12.06 -25.49
CA MET D 659 -23.79 13.48 -25.18
C MET D 659 -23.48 14.36 -26.39
N ARG D 660 -22.64 13.86 -27.30
CA ARG D 660 -22.37 14.60 -28.53
C ARG D 660 -23.54 14.53 -29.49
N THR D 661 -24.23 13.38 -29.55
CA THR D 661 -25.41 13.26 -30.40
C THR D 661 -26.55 14.16 -29.91
N LEU D 662 -26.75 14.21 -28.59
CA LEU D 662 -27.84 15.01 -28.04
C LEU D 662 -27.52 16.50 -28.08
N GLY D 663 -26.25 16.87 -27.96
CA GLY D 663 -25.88 18.27 -27.88
C GLY D 663 -26.10 19.05 -29.17
N ALA D 664 -26.30 18.36 -30.29
CA ALA D 664 -26.49 19.00 -31.58
C ALA D 664 -27.96 19.21 -31.92
N CYS D 665 -28.88 18.89 -31.01
CA CYS D 665 -30.31 18.94 -31.28
C CYS D 665 -31.02 19.68 -30.15
N GLN D 666 -32.14 20.33 -30.51
CA GLN D 666 -32.99 20.94 -29.49
C GLN D 666 -33.73 19.85 -28.72
N PRO D 667 -33.64 19.83 -27.39
CA PRO D 667 -34.21 18.72 -26.62
C PRO D 667 -35.63 18.94 -26.16
N PHE D 668 -36.40 17.85 -26.19
CA PHE D 668 -37.70 17.77 -25.56
C PHE D 668 -37.64 16.67 -24.51
N PHE D 669 -38.26 16.91 -23.36
CA PHE D 669 -38.15 16.03 -22.21
C PHE D 669 -39.51 15.46 -21.84
N VAL D 670 -39.56 14.15 -21.62
CA VAL D 670 -40.77 13.46 -21.17
C VAL D 670 -40.44 12.75 -19.88
N ARG D 671 -41.25 12.97 -18.85
CA ARG D 671 -41.07 12.35 -17.54
C ARG D 671 -42.15 11.30 -17.34
N CYS D 672 -41.72 10.06 -17.14
CA CYS D 672 -42.62 8.92 -17.03
C CYS D 672 -42.68 8.46 -15.58
N ILE D 673 -43.90 8.28 -15.07
CA ILE D 673 -44.12 7.93 -13.68
C ILE D 673 -45.00 6.69 -13.61
N LYS D 674 -44.55 5.69 -12.86
CA LYS D 674 -45.40 4.55 -12.55
C LYS D 674 -46.06 4.77 -11.20
N PRO D 675 -47.38 4.62 -11.10
CA PRO D 675 -48.09 4.94 -9.85
C PRO D 675 -48.33 3.77 -8.92
N ASN D 676 -47.89 2.57 -9.27
CA ASN D 676 -48.23 1.39 -8.48
C ASN D 676 -47.16 0.33 -8.67
N GLU D 677 -47.01 -0.52 -7.64
CA GLU D 677 -46.09 -1.64 -7.69
C GLU D 677 -46.81 -2.97 -7.97
N PHE D 678 -48.12 -2.94 -8.23
CA PHE D 678 -48.88 -4.14 -8.51
C PHE D 678 -49.54 -4.12 -9.88
N LYS D 679 -49.31 -3.07 -10.67
CA LYS D 679 -49.86 -2.93 -12.01
C LYS D 679 -51.40 -2.97 -11.99
N LYS D 680 -51.97 -2.04 -11.22
CA LYS D 680 -53.41 -1.85 -11.11
C LYS D 680 -53.85 -0.62 -11.89
N PRO D 681 -55.00 -0.68 -12.55
CA PRO D 681 -55.41 0.42 -13.45
C PRO D 681 -55.58 1.76 -12.76
N MET D 682 -56.14 1.79 -11.56
CA MET D 682 -56.55 3.05 -10.93
C MET D 682 -56.10 3.09 -9.47
N LEU D 683 -54.84 2.75 -9.22
CA LEU D 683 -54.25 2.86 -7.88
C LEU D 683 -53.05 3.78 -7.96
N PHE D 684 -53.09 4.87 -7.19
CA PHE D 684 -52.04 5.88 -7.18
C PHE D 684 -51.37 5.86 -5.82
N ASP D 685 -50.11 5.43 -5.78
CA ASP D 685 -49.34 5.36 -4.55
C ASP D 685 -48.58 6.66 -4.36
N ARG D 686 -48.89 7.36 -3.26
CA ARG D 686 -48.26 8.66 -3.02
C ARG D 686 -46.77 8.54 -2.77
N HIS D 687 -46.38 7.65 -1.86
CA HIS D 687 -44.96 7.55 -1.49
C HIS D 687 -44.11 7.05 -2.65
N LEU D 688 -44.70 6.25 -3.54
CA LEU D 688 -43.98 5.82 -4.74
C LEU D 688 -43.75 6.99 -5.69
N CYS D 689 -44.76 7.85 -5.86
CA CYS D 689 -44.67 8.92 -6.85
C CYS D 689 -43.71 10.02 -6.40
N VAL D 690 -43.64 10.29 -5.09
CA VAL D 690 -42.77 11.35 -4.61
C VAL D 690 -41.30 10.99 -4.84
N ARG D 691 -40.94 9.71 -4.69
CA ARG D 691 -39.58 9.30 -4.94
C ARG D 691 -39.20 9.52 -6.40
N GLN D 692 -40.10 9.21 -7.32
CA GLN D 692 -39.80 9.36 -8.74
C GLN D 692 -39.73 10.82 -9.15
N LEU D 693 -40.51 11.69 -8.48
CA LEU D 693 -40.42 13.11 -8.76
C LEU D 693 -39.08 13.70 -8.33
N ARG D 694 -38.57 13.28 -7.16
CA ARG D 694 -37.27 13.74 -6.72
C ARG D 694 -36.15 13.19 -7.59
N TYR D 695 -36.25 11.93 -8.00
CA TYR D 695 -35.19 11.29 -8.77
C TYR D 695 -35.19 11.70 -10.24
N SER D 696 -36.26 12.32 -10.72
CA SER D 696 -36.33 12.74 -12.12
C SER D 696 -35.57 14.03 -12.39
N GLY D 697 -35.24 14.79 -11.35
CA GLY D 697 -34.60 16.07 -11.53
C GLY D 697 -35.52 17.18 -11.99
N MET D 698 -36.84 16.93 -12.03
CA MET D 698 -37.77 17.94 -12.50
C MET D 698 -37.98 19.04 -11.46
N MET D 699 -37.75 18.73 -10.18
CA MET D 699 -37.94 19.73 -9.13
C MET D 699 -36.95 20.88 -9.24
N GLU D 700 -35.91 20.73 -10.05
CA GLU D 700 -35.00 21.85 -10.29
C GLU D 700 -35.73 23.02 -10.95
N THR D 701 -36.67 22.72 -11.85
CA THR D 701 -37.41 23.77 -12.55
C THR D 701 -38.09 24.73 -11.56
N ILE D 702 -38.63 24.20 -10.47
CA ILE D 702 -39.27 25.04 -9.47
C ILE D 702 -38.25 25.93 -8.78
N ARG D 703 -37.05 25.40 -8.52
CA ARG D 703 -36.08 26.11 -7.71
C ARG D 703 -35.67 27.44 -8.35
N ILE D 704 -35.45 27.44 -9.66
CA ILE D 704 -35.10 28.69 -10.35
C ILE D 704 -36.29 29.64 -10.36
N ARG D 705 -37.50 29.10 -10.51
CA ARG D 705 -38.69 29.95 -10.50
C ARG D 705 -38.82 30.68 -9.18
N HIS D 706 -38.55 29.99 -8.07
CA HIS D 706 -38.50 30.66 -6.77
C HIS D 706 -37.34 31.65 -6.71
N ALA D 707 -36.19 31.27 -7.28
CA ALA D 707 -35.03 32.16 -7.30
C ALA D 707 -35.29 33.43 -8.10
N GLY D 708 -36.08 33.35 -9.15
CA GLY D 708 -36.41 34.52 -9.94
C GLY D 708 -37.59 35.28 -9.35
N TYR D 709 -38.55 35.67 -10.19
CA TYR D 709 -39.78 36.31 -9.75
C TYR D 709 -40.90 35.29 -9.85
N PRO D 710 -41.17 34.53 -8.78
CA PRO D 710 -42.11 33.41 -8.90
C PRO D 710 -43.51 33.81 -9.30
N ILE D 711 -43.99 34.97 -8.85
CA ILE D 711 -45.36 35.40 -9.11
C ILE D 711 -45.32 36.42 -10.25
N ARG D 712 -46.02 36.11 -11.34
CA ARG D 712 -46.14 36.98 -12.49
C ARG D 712 -47.61 37.35 -12.68
N TYR D 713 -47.87 38.64 -12.89
CA TYR D 713 -49.22 39.15 -13.05
C TYR D 713 -49.32 39.99 -14.31
N SER D 714 -50.52 40.10 -14.83
CA SER D 714 -50.84 41.00 -15.93
C SER D 714 -51.44 42.29 -15.37
N PHE D 715 -51.51 43.30 -16.23
CA PHE D 715 -52.05 44.58 -15.80
C PHE D 715 -53.52 44.48 -15.39
N VAL D 716 -54.25 43.51 -15.97
CA VAL D 716 -55.64 43.31 -15.59
C VAL D 716 -55.75 42.84 -14.14
N GLU D 717 -54.70 42.19 -13.62
CA GLU D 717 -54.73 41.74 -12.24
C GLU D 717 -54.73 42.91 -11.26
N PHE D 718 -54.19 44.05 -11.67
CA PHE D 718 -54.10 45.20 -10.78
C PHE D 718 -55.46 45.75 -10.37
N VAL D 719 -56.55 45.21 -10.93
CA VAL D 719 -57.89 45.62 -10.50
C VAL D 719 -58.06 45.40 -9.01
N GLU D 720 -57.57 44.28 -8.50
CA GLU D 720 -57.65 43.98 -7.08
C GLU D 720 -56.65 44.87 -6.33
N ARG D 721 -56.46 44.58 -5.04
CA ARG D 721 -55.57 45.35 -4.16
C ARG D 721 -56.04 46.79 -4.07
PB ADP E . -1.41 -3.21 31.46
O1B ADP E . -1.21 -2.38 30.22
O2B ADP E . -2.74 -3.02 32.13
O3B ADP E . -0.24 -3.16 32.40
PA ADP E . -1.34 -6.01 31.88
O1A ADP E . -2.36 -7.01 31.40
O2A ADP E . -1.44 -5.53 33.31
O3A ADP E . -1.45 -4.73 30.92
O5' ADP E . 0.12 -6.65 31.63
C5' ADP E . 1.10 -6.05 30.79
C4' ADP E . 2.41 -6.79 30.99
O4' ADP E . 2.19 -8.13 31.43
C3' ADP E . 3.23 -6.90 29.71
O3' ADP E . 4.34 -6.00 29.75
C2' ADP E . 3.74 -8.32 29.66
O2' ADP E . 5.16 -8.33 29.61
C1' ADP E . 3.25 -8.96 30.96
N9 ADP E . 2.79 -10.36 30.73
C8 ADP E . 1.71 -10.72 30.01
N7 ADP E . 1.58 -12.08 30.00
C5 ADP E . 2.58 -12.59 30.73
C6 ADP E . 3.02 -13.95 31.13
N6 ADP E . 2.34 -15.05 30.73
N1 ADP E . 4.12 -14.04 31.90
C2 ADP E . 4.80 -12.96 32.30
N3 ADP E . 4.46 -11.70 31.98
C4 ADP E . 3.37 -11.45 31.21
MG MG F . -3.30 -2.40 34.60
PB ADP G . 19.99 -4.38 -20.41
O1B ADP G . 18.86 -3.70 -21.14
O2B ADP G . 19.70 -4.65 -18.96
O3B ADP G . 21.35 -3.77 -20.66
PA ADP G . 18.96 -6.97 -20.96
O1A ADP G . 17.88 -6.75 -21.99
O2A ADP G . 18.59 -7.07 -19.50
O3A ADP G . 20.08 -5.82 -21.13
O5' ADP G . 19.79 -8.28 -21.38
C5' ADP G . 21.06 -8.10 -22.01
C4' ADP G . 21.96 -9.30 -21.73
O4' ADP G . 21.20 -10.48 -21.53
C3' ADP G . 22.90 -9.57 -22.90
O3' ADP G . 24.23 -9.20 -22.55
C2' ADP G . 22.84 -11.06 -23.13
O2' ADP G . 24.14 -11.62 -23.00
C1' ADP G . 21.93 -11.60 -22.04
N9 ADP G . 21.01 -12.62 -22.59
C8 ADP G . 19.99 -12.40 -23.43
N7 ADP G . 19.36 -13.57 -23.74
C5 ADP G . 19.97 -14.55 -23.07
C6 ADP G . 19.80 -16.02 -22.94
N6 ADP G . 18.81 -16.67 -23.60
N1 ADP G . 20.65 -16.67 -22.12
C2 ADP G . 21.64 -16.04 -21.46
N3 ADP G . 21.84 -14.71 -21.54
C4 ADP G . 21.06 -13.93 -22.31
MG MG H . 17.98 -3.55 -17.85
PB ADP I . 40.31 1.07 18.23
O1B ADP I . 41.41 1.27 19.26
O2B ADP I . 38.93 1.38 18.75
O3B ADP I . 40.41 -0.20 17.43
PA ADP I . 41.04 3.71 17.56
O1A ADP I . 42.54 3.75 17.64
O2A ADP I . 40.20 4.09 18.75
O3A ADP I . 40.60 2.22 17.14
O5' ADP I . 40.57 4.54 16.28
C5' ADP I . 40.25 3.83 15.08
C4' ADP I . 39.39 4.67 14.15
O4' ADP I . 39.59 6.06 14.38
C3' ADP I . 39.73 4.41 12.69
O3' ADP I . 38.74 3.57 12.09
C2' ADP I . 39.73 5.77 12.03
O2' ADP I . 38.72 5.81 11.03
C1' ADP I . 39.42 6.76 13.14
N9 ADP I . 40.33 7.94 13.06
C8 ADP I . 41.62 7.95 13.45
N7 ADP I . 42.17 9.18 13.24
C5 ADP I . 41.22 9.97 12.71
C6 ADP I . 41.12 11.37 12.26
N6 ADP I . 42.19 12.20 12.33
N1 ADP I . 39.94 11.80 11.77
C2 ADP I . 38.87 10.98 11.69
N3 ADP I . 38.88 9.70 12.09
C4 ADP I . 40.01 9.14 12.59
MG MG J . 39.61 2.06 21.56
MG MG K . -38.75 -0.92 -22.35
PB ADP L . -40.73 0.51 -19.66
O1B ADP L . -41.01 1.97 -19.48
O2B ADP L . -40.19 0.12 -21.01
O3B ADP L . -40.00 -0.13 -18.50
PA ADP L . -43.10 -0.32 -20.92
O1A ADP L . -43.02 0.94 -21.74
O2A ADP L . -42.76 -1.64 -21.55
O3A ADP L . -42.19 -0.16 -19.61
O5' ADP L . -44.57 -0.40 -20.28
C5' ADP L . -44.93 -1.48 -19.43
C4' ADP L . -46.44 -1.70 -19.49
O4' ADP L . -47.12 -0.47 -19.26
C3' ADP L . -46.85 -2.18 -20.86
O3' ADP L . -47.22 -3.57 -20.81
C2' ADP L . -48.05 -1.35 -21.26
O2' ADP L . -49.19 -2.18 -21.44
C1' ADP L . -48.28 -0.39 -20.10
N9 ADP L . -48.44 0.99 -20.62
C8 ADP L . -47.49 1.94 -20.64
N7 ADP L . -47.95 3.09 -21.18
C5 ADP L . -49.24 2.88 -21.53
C6 ADP L . -50.31 3.68 -22.15
N6 ADP L . -50.11 4.96 -22.53
N1 ADP L . -51.51 3.08 -22.34
C2 ADP L . -51.72 1.80 -21.98
N3 ADP L . -50.79 1.02 -21.40
C4 ADP L . -49.55 1.50 -21.15
#